data_1X3K
# 
_entry.id   1X3K 
# 
_audit_conform.dict_name       mmcif_pdbx.dic 
_audit_conform.dict_version    5.397 
_audit_conform.dict_location   http://mmcif.pdb.org/dictionaries/ascii/mmcif_pdbx.dic 
# 
loop_
_database_2.database_id 
_database_2.database_code 
_database_2.pdbx_database_accession 
_database_2.pdbx_DOI 
PDB   1X3K         pdb_00001x3k 10.2210/pdb1x3k/pdb 
RCSB  RCSB024334   ?            ?                   
WWPDB D_1000024334 ?            ?                   
# 
loop_
_pdbx_audit_revision_history.ordinal 
_pdbx_audit_revision_history.data_content_type 
_pdbx_audit_revision_history.major_revision 
_pdbx_audit_revision_history.minor_revision 
_pdbx_audit_revision_history.revision_date 
1 'Structure model' 1 0 2005-05-24 
2 'Structure model' 1 1 2008-04-30 
3 'Structure model' 1 2 2011-07-13 
4 'Structure model' 1 3 2024-10-23 
# 
_pdbx_audit_revision_details.ordinal             1 
_pdbx_audit_revision_details.revision_ordinal    1 
_pdbx_audit_revision_details.data_content_type   'Structure model' 
_pdbx_audit_revision_details.provider            repository 
_pdbx_audit_revision_details.type                'Initial release' 
_pdbx_audit_revision_details.description         ? 
_pdbx_audit_revision_details.details             ? 
# 
loop_
_pdbx_audit_revision_group.ordinal 
_pdbx_audit_revision_group.revision_ordinal 
_pdbx_audit_revision_group.data_content_type 
_pdbx_audit_revision_group.group 
1 2 'Structure model' 'Version format compliance' 
2 3 'Structure model' 'Version format compliance' 
3 4 'Structure model' 'Data collection'           
4 4 'Structure model' 'Database references'       
5 4 'Structure model' 'Derived calculations'      
6 4 'Structure model' 'Structure summary'         
# 
loop_
_pdbx_audit_revision_category.ordinal 
_pdbx_audit_revision_category.revision_ordinal 
_pdbx_audit_revision_category.data_content_type 
_pdbx_audit_revision_category.category 
1 4 'Structure model' chem_comp_atom            
2 4 'Structure model' chem_comp_bond            
3 4 'Structure model' database_2                
4 4 'Structure model' pdbx_entry_details        
5 4 'Structure model' pdbx_modification_feature 
6 4 'Structure model' struct_conn               
7 4 'Structure model' struct_site               
# 
loop_
_pdbx_audit_revision_item.ordinal 
_pdbx_audit_revision_item.revision_ordinal 
_pdbx_audit_revision_item.data_content_type 
_pdbx_audit_revision_item.item 
1  4 'Structure model' '_database_2.pdbx_DOI'                
2  4 'Structure model' '_database_2.pdbx_database_accession' 
3  4 'Structure model' '_struct_conn.ptnr1_auth_comp_id'     
4  4 'Structure model' '_struct_conn.ptnr1_auth_seq_id'      
5  4 'Structure model' '_struct_conn.ptnr1_label_asym_id'    
6  4 'Structure model' '_struct_conn.ptnr1_label_atom_id'    
7  4 'Structure model' '_struct_conn.ptnr1_label_comp_id'    
8  4 'Structure model' '_struct_conn.ptnr1_label_seq_id'     
9  4 'Structure model' '_struct_conn.ptnr2_auth_comp_id'     
10 4 'Structure model' '_struct_conn.ptnr2_auth_seq_id'      
11 4 'Structure model' '_struct_conn.ptnr2_label_asym_id'    
12 4 'Structure model' '_struct_conn.ptnr2_label_atom_id'    
13 4 'Structure model' '_struct_conn.ptnr2_label_comp_id'    
14 4 'Structure model' '_struct_conn.ptnr2_label_seq_id'     
15 4 'Structure model' '_struct_site.pdbx_auth_asym_id'      
16 4 'Structure model' '_struct_site.pdbx_auth_comp_id'      
17 4 'Structure model' '_struct_site.pdbx_auth_seq_id'       
# 
_pdbx_database_status.status_code                     REL 
_pdbx_database_status.entry_id                        1X3K 
_pdbx_database_status.recvd_initial_deposition_date   2005-05-09 
_pdbx_database_status.deposit_site                    PDBJ 
_pdbx_database_status.process_site                    PDBJ 
_pdbx_database_status.status_code_sf                  REL 
_pdbx_database_status.status_code_mr                  ? 
_pdbx_database_status.SG_entry                        ? 
_pdbx_database_status.pdb_format_compatible           Y 
_pdbx_database_status.status_code_cs                  ? 
_pdbx_database_status.status_code_nmr_data            ? 
_pdbx_database_status.methods_development_category    ? 
# 
loop_
_audit_author.name 
_audit_author.pdbx_ordinal 
'Kuwada, T.'     1 
'Hasegawa, T.'   2 
'Sato, S.'       3 
'Sato, I.'       4 
'Ishikawa, K.'   5 
'Takagi, T.'     6 
'Shishikura, F.' 7 
# 
_citation.id                        primary 
_citation.title                     
'Crystal structures of two hemoglobin components from the midge larva Propsilocerus akamusi (Orthocladiinae, Diptera).' 
_citation.journal_abbrev            Gene 
_citation.journal_volume            398 
_citation.page_first                29 
_citation.page_last                 34 
_citation.year                      2007 
_citation.journal_id_ASTM           GENED6 
_citation.country                   NE 
_citation.journal_id_ISSN           0378-1119 
_citation.journal_id_CSD            0861 
_citation.book_publisher            ? 
_citation.pdbx_database_id_PubMed   17590288 
_citation.pdbx_database_id_DOI      10.1016/j.gene.2007.02.049 
# 
loop_
_citation_author.citation_id 
_citation_author.name 
_citation_author.ordinal 
_citation_author.identifier_ORCID 
primary 'Kuwada, T.'     1 ? 
primary 'Hasegawa, T.'   2 ? 
primary 'Sato, S.'       3 ? 
primary 'Sato, I.'       4 ? 
primary 'Ishikawa, K.'   5 ? 
primary 'Takagi, T.'     6 ? 
primary 'Shishikura, F.' 7 ? 
# 
loop_
_entity.id 
_entity.type 
_entity.src_method 
_entity.pdbx_description 
_entity.formula_weight 
_entity.pdbx_number_of_molecules 
_entity.pdbx_ec 
_entity.pdbx_mutation 
_entity.pdbx_fragment 
_entity.details 
1 polymer     nat 'hemoglobin component V'          17219.344 1   ? ? ? ? 
2 non-polymer syn 'PROTOPORPHYRIN IX CONTAINING FE' 616.487   1   ? ? ? ? 
3 water       nat water                             18.015    226 ? ? ? ? 
# 
_entity_poly.entity_id                      1 
_entity_poly.type                           'polypeptide(L)' 
_entity_poly.nstd_linkage                   no 
_entity_poly.nstd_monomer                   no 
_entity_poly.pdbx_seq_one_letter_code       
;AFVGLSDSEEKLVRDAWAPIHGDLQGTANTVFYNYLKKYPSNQDKFETLKGHPLDEVKDTANFKLIAGRIFTIFDNCVKN
VGNDKGFQKVIADMSGPHVARPITHGSYNDLRGVIYDSMHLDSTHGAAWNKMMDNFFYVFYECLDGRCSQFS
;
_entity_poly.pdbx_seq_one_letter_code_can   
;AFVGLSDSEEKLVRDAWAPIHGDLQGTANTVFYNYLKKYPSNQDKFETLKGHPLDEVKDTANFKLIAGRIFTIFDNCVKN
VGNDKGFQKVIADMSGPHVARPITHGSYNDLRGVIYDSMHLDSTHGAAWNKMMDNFFYVFYECLDGRCSQFS
;
_entity_poly.pdbx_strand_id                 A 
_entity_poly.pdbx_target_identifier         ? 
# 
loop_
_pdbx_entity_nonpoly.entity_id 
_pdbx_entity_nonpoly.name 
_pdbx_entity_nonpoly.comp_id 
2 'PROTOPORPHYRIN IX CONTAINING FE' HEM 
3 water                             HOH 
# 
loop_
_entity_poly_seq.entity_id 
_entity_poly_seq.num 
_entity_poly_seq.mon_id 
_entity_poly_seq.hetero 
1 1   ALA n 
1 2   PHE n 
1 3   VAL n 
1 4   GLY n 
1 5   LEU n 
1 6   SER n 
1 7   ASP n 
1 8   SER n 
1 9   GLU n 
1 10  GLU n 
1 11  LYS n 
1 12  LEU n 
1 13  VAL n 
1 14  ARG n 
1 15  ASP n 
1 16  ALA n 
1 17  TRP n 
1 18  ALA n 
1 19  PRO n 
1 20  ILE n 
1 21  HIS n 
1 22  GLY n 
1 23  ASP n 
1 24  LEU n 
1 25  GLN n 
1 26  GLY n 
1 27  THR n 
1 28  ALA n 
1 29  ASN n 
1 30  THR n 
1 31  VAL n 
1 32  PHE n 
1 33  TYR n 
1 34  ASN n 
1 35  TYR n 
1 36  LEU n 
1 37  LYS n 
1 38  LYS n 
1 39  TYR n 
1 40  PRO n 
1 41  SER n 
1 42  ASN n 
1 43  GLN n 
1 44  ASP n 
1 45  LYS n 
1 46  PHE n 
1 47  GLU n 
1 48  THR n 
1 49  LEU n 
1 50  LYS n 
1 51  GLY n 
1 52  HIS n 
1 53  PRO n 
1 54  LEU n 
1 55  ASP n 
1 56  GLU n 
1 57  VAL n 
1 58  LYS n 
1 59  ASP n 
1 60  THR n 
1 61  ALA n 
1 62  ASN n 
1 63  PHE n 
1 64  LYS n 
1 65  LEU n 
1 66  ILE n 
1 67  ALA n 
1 68  GLY n 
1 69  ARG n 
1 70  ILE n 
1 71  PHE n 
1 72  THR n 
1 73  ILE n 
1 74  PHE n 
1 75  ASP n 
1 76  ASN n 
1 77  CYS n 
1 78  VAL n 
1 79  LYS n 
1 80  ASN n 
1 81  VAL n 
1 82  GLY n 
1 83  ASN n 
1 84  ASP n 
1 85  LYS n 
1 86  GLY n 
1 87  PHE n 
1 88  GLN n 
1 89  LYS n 
1 90  VAL n 
1 91  ILE n 
1 92  ALA n 
1 93  ASP n 
1 94  MET n 
1 95  SER n 
1 96  GLY n 
1 97  PRO n 
1 98  HIS n 
1 99  VAL n 
1 100 ALA n 
1 101 ARG n 
1 102 PRO n 
1 103 ILE n 
1 104 THR n 
1 105 HIS n 
1 106 GLY n 
1 107 SER n 
1 108 TYR n 
1 109 ASN n 
1 110 ASP n 
1 111 LEU n 
1 112 ARG n 
1 113 GLY n 
1 114 VAL n 
1 115 ILE n 
1 116 TYR n 
1 117 ASP n 
1 118 SER n 
1 119 MET n 
1 120 HIS n 
1 121 LEU n 
1 122 ASP n 
1 123 SER n 
1 124 THR n 
1 125 HIS n 
1 126 GLY n 
1 127 ALA n 
1 128 ALA n 
1 129 TRP n 
1 130 ASN n 
1 131 LYS n 
1 132 MET n 
1 133 MET n 
1 134 ASP n 
1 135 ASN n 
1 136 PHE n 
1 137 PHE n 
1 138 TYR n 
1 139 VAL n 
1 140 PHE n 
1 141 TYR n 
1 142 GLU n 
1 143 CYS n 
1 144 LEU n 
1 145 ASP n 
1 146 GLY n 
1 147 ARG n 
1 148 CYS n 
1 149 SER n 
1 150 GLN n 
1 151 PHE n 
1 152 SER n 
# 
_entity_src_nat.entity_id                  1 
_entity_src_nat.pdbx_src_id                1 
_entity_src_nat.pdbx_alt_source_flag       sample 
_entity_src_nat.pdbx_beg_seq_num           ? 
_entity_src_nat.pdbx_end_seq_num           ? 
_entity_src_nat.common_name                ? 
_entity_src_nat.pdbx_organism_scientific   'Tokunagayusurika akamusi' 
_entity_src_nat.pdbx_ncbi_taxonomy_id      28383 
_entity_src_nat.genus                      Tokunagayusurika 
_entity_src_nat.species                    ? 
_entity_src_nat.strain                     ? 
_entity_src_nat.tissue                     'larval hemolymph' 
_entity_src_nat.tissue_fraction            ? 
_entity_src_nat.pdbx_secretion             ? 
_entity_src_nat.pdbx_fragment              ? 
_entity_src_nat.pdbx_variant               ? 
_entity_src_nat.pdbx_cell_line             ? 
_entity_src_nat.pdbx_atcc                  ? 
_entity_src_nat.pdbx_cellular_location     ? 
_entity_src_nat.pdbx_organ                 ? 
_entity_src_nat.pdbx_organelle             ? 
_entity_src_nat.pdbx_cell                  ? 
_entity_src_nat.pdbx_plasmid_name          ? 
_entity_src_nat.pdbx_plasmid_details       ? 
_entity_src_nat.details                    ? 
# 
loop_
_chem_comp.id 
_chem_comp.type 
_chem_comp.mon_nstd_flag 
_chem_comp.name 
_chem_comp.pdbx_synonyms 
_chem_comp.formula 
_chem_comp.formula_weight 
ALA 'L-peptide linking' y ALANINE                           ?    'C3 H7 N O2'       89.093  
ARG 'L-peptide linking' y ARGININE                          ?    'C6 H15 N4 O2 1'   175.209 
ASN 'L-peptide linking' y ASPARAGINE                        ?    'C4 H8 N2 O3'      132.118 
ASP 'L-peptide linking' y 'ASPARTIC ACID'                   ?    'C4 H7 N O4'       133.103 
CYS 'L-peptide linking' y CYSTEINE                          ?    'C3 H7 N O2 S'     121.158 
GLN 'L-peptide linking' y GLUTAMINE                         ?    'C5 H10 N2 O3'     146.144 
GLU 'L-peptide linking' y 'GLUTAMIC ACID'                   ?    'C5 H9 N O4'       147.129 
GLY 'peptide linking'   y GLYCINE                           ?    'C2 H5 N O2'       75.067  
HEM non-polymer         . 'PROTOPORPHYRIN IX CONTAINING FE' HEME 'C34 H32 Fe N4 O4' 616.487 
HIS 'L-peptide linking' y HISTIDINE                         ?    'C6 H10 N3 O2 1'   156.162 
HOH non-polymer         . WATER                             ?    'H2 O'             18.015  
ILE 'L-peptide linking' y ISOLEUCINE                        ?    'C6 H13 N O2'      131.173 
LEU 'L-peptide linking' y LEUCINE                           ?    'C6 H13 N O2'      131.173 
LYS 'L-peptide linking' y LYSINE                            ?    'C6 H15 N2 O2 1'   147.195 
MET 'L-peptide linking' y METHIONINE                        ?    'C5 H11 N O2 S'    149.211 
PHE 'L-peptide linking' y PHENYLALANINE                     ?    'C9 H11 N O2'      165.189 
PRO 'L-peptide linking' y PROLINE                           ?    'C5 H9 N O2'       115.130 
SER 'L-peptide linking' y SERINE                            ?    'C3 H7 N O3'       105.093 
THR 'L-peptide linking' y THREONINE                         ?    'C4 H9 N O3'       119.119 
TRP 'L-peptide linking' y TRYPTOPHAN                        ?    'C11 H12 N2 O2'    204.225 
TYR 'L-peptide linking' y TYROSINE                          ?    'C9 H11 N O3'      181.189 
VAL 'L-peptide linking' y VALINE                            ?    'C5 H11 N O2'      117.146 
# 
loop_
_pdbx_poly_seq_scheme.asym_id 
_pdbx_poly_seq_scheme.entity_id 
_pdbx_poly_seq_scheme.seq_id 
_pdbx_poly_seq_scheme.mon_id 
_pdbx_poly_seq_scheme.ndb_seq_num 
_pdbx_poly_seq_scheme.pdb_seq_num 
_pdbx_poly_seq_scheme.auth_seq_num 
_pdbx_poly_seq_scheme.pdb_mon_id 
_pdbx_poly_seq_scheme.auth_mon_id 
_pdbx_poly_seq_scheme.pdb_strand_id 
_pdbx_poly_seq_scheme.pdb_ins_code 
_pdbx_poly_seq_scheme.hetero 
A 1 1   ALA 1   1   1   ALA ALA A . n 
A 1 2   PHE 2   2   2   PHE PHE A . n 
A 1 3   VAL 3   3   3   VAL VAL A . n 
A 1 4   GLY 4   4   4   GLY GLY A . n 
A 1 5   LEU 5   5   5   LEU LEU A . n 
A 1 6   SER 6   6   6   SER SER A . n 
A 1 7   ASP 7   7   7   ASP ASP A . n 
A 1 8   SER 8   8   8   SER SER A . n 
A 1 9   GLU 9   9   9   GLU GLU A . n 
A 1 10  GLU 10  10  10  GLU GLU A . n 
A 1 11  LYS 11  11  11  LYS LYS A . n 
A 1 12  LEU 12  12  12  LEU LEU A . n 
A 1 13  VAL 13  13  13  VAL VAL A . n 
A 1 14  ARG 14  14  14  ARG ARG A . n 
A 1 15  ASP 15  15  15  ASP ASP A . n 
A 1 16  ALA 16  16  16  ALA ALA A . n 
A 1 17  TRP 17  17  17  TRP TRP A . n 
A 1 18  ALA 18  18  18  ALA ALA A . n 
A 1 19  PRO 19  19  19  PRO PRO A . n 
A 1 20  ILE 20  20  20  ILE ILE A . n 
A 1 21  HIS 21  21  21  HIS HIS A . n 
A 1 22  GLY 22  22  22  GLY GLY A . n 
A 1 23  ASP 23  23  23  ASP ASP A . n 
A 1 24  LEU 24  24  24  LEU LEU A . n 
A 1 25  GLN 25  25  25  GLN GLN A . n 
A 1 26  GLY 26  26  26  GLY GLY A . n 
A 1 27  THR 27  27  27  THR THR A . n 
A 1 28  ALA 28  28  28  ALA ALA A . n 
A 1 29  ASN 29  29  29  ASN ASN A . n 
A 1 30  THR 30  30  30  THR THR A . n 
A 1 31  VAL 31  31  31  VAL VAL A . n 
A 1 32  PHE 32  32  32  PHE PHE A . n 
A 1 33  TYR 33  33  33  TYR TYR A . n 
A 1 34  ASN 34  34  34  ASN ASN A . n 
A 1 35  TYR 35  35  35  TYR TYR A . n 
A 1 36  LEU 36  36  36  LEU LEU A . n 
A 1 37  LYS 37  37  37  LYS LYS A . n 
A 1 38  LYS 38  38  38  LYS LYS A . n 
A 1 39  TYR 39  39  39  TYR TYR A . n 
A 1 40  PRO 40  40  40  PRO PRO A . n 
A 1 41  SER 41  41  41  SER SER A . n 
A 1 42  ASN 42  42  42  ASN ASN A . n 
A 1 43  GLN 43  43  43  GLN GLN A . n 
A 1 44  ASP 44  44  44  ASP ASP A . n 
A 1 45  LYS 45  45  45  LYS LYS A . n 
A 1 46  PHE 46  46  46  PHE PHE A . n 
A 1 47  GLU 47  47  47  GLU GLU A . n 
A 1 48  THR 48  48  48  THR THR A . n 
A 1 49  LEU 49  49  49  LEU LEU A . n 
A 1 50  LYS 50  50  50  LYS LYS A . n 
A 1 51  GLY 51  51  51  GLY GLY A . n 
A 1 52  HIS 52  52  52  HIS HIS A . n 
A 1 53  PRO 53  53  53  PRO PRO A . n 
A 1 54  LEU 54  54  54  LEU LEU A . n 
A 1 55  ASP 55  55  55  ASP ASP A . n 
A 1 56  GLU 56  56  56  GLU GLU A . n 
A 1 57  VAL 57  57  57  VAL VAL A . n 
A 1 58  LYS 58  58  58  LYS LYS A . n 
A 1 59  ASP 59  59  59  ASP ASP A . n 
A 1 60  THR 60  60  60  THR THR A . n 
A 1 61  ALA 61  61  61  ALA ALA A . n 
A 1 62  ASN 62  62  62  ASN ASN A . n 
A 1 63  PHE 63  63  63  PHE PHE A . n 
A 1 64  LYS 64  64  64  LYS LYS A . n 
A 1 65  LEU 65  65  65  LEU LEU A . n 
A 1 66  ILE 66  66  66  ILE ILE A . n 
A 1 67  ALA 67  67  67  ALA ALA A . n 
A 1 68  GLY 68  68  68  GLY GLY A . n 
A 1 69  ARG 69  69  69  ARG ARG A . n 
A 1 70  ILE 70  70  70  ILE ILE A . n 
A 1 71  PHE 71  71  71  PHE PHE A . n 
A 1 72  THR 72  72  72  THR THR A . n 
A 1 73  ILE 73  73  73  ILE ILE A . n 
A 1 74  PHE 74  74  74  PHE PHE A . n 
A 1 75  ASP 75  75  75  ASP ASP A . n 
A 1 76  ASN 76  76  76  ASN ASN A . n 
A 1 77  CYS 77  77  77  CYS CYS A . n 
A 1 78  VAL 78  78  78  VAL VAL A . n 
A 1 79  LYS 79  79  79  LYS LYS A . n 
A 1 80  ASN 80  80  80  ASN ASN A . n 
A 1 81  VAL 81  81  81  VAL VAL A . n 
A 1 82  GLY 82  82  82  GLY GLY A . n 
A 1 83  ASN 83  83  83  ASN ASN A . n 
A 1 84  ASP 84  84  84  ASP ASP A . n 
A 1 85  LYS 85  85  85  LYS LYS A . n 
A 1 86  GLY 86  86  86  GLY GLY A . n 
A 1 87  PHE 87  87  87  PHE PHE A . n 
A 1 88  GLN 88  88  88  GLN GLN A . n 
A 1 89  LYS 89  89  89  LYS LYS A . n 
A 1 90  VAL 90  90  90  VAL VAL A . n 
A 1 91  ILE 91  91  91  ILE ILE A . n 
A 1 92  ALA 92  92  92  ALA ALA A . n 
A 1 93  ASP 93  93  93  ASP ASP A . n 
A 1 94  MET 94  94  94  MET MET A . n 
A 1 95  SER 95  95  95  SER SER A . n 
A 1 96  GLY 96  96  96  GLY GLY A . n 
A 1 97  PRO 97  97  97  PRO PRO A . n 
A 1 98  HIS 98  98  98  HIS HIS A . n 
A 1 99  VAL 99  99  99  VAL VAL A . n 
A 1 100 ALA 100 100 100 ALA ALA A . n 
A 1 101 ARG 101 101 101 ARG ARG A . n 
A 1 102 PRO 102 102 102 PRO PRO A . n 
A 1 103 ILE 103 103 103 ILE ILE A . n 
A 1 104 THR 104 104 104 THR THR A . n 
A 1 105 HIS 105 105 105 HIS HIS A . n 
A 1 106 GLY 106 106 106 GLY GLY A . n 
A 1 107 SER 107 107 107 SER SER A . n 
A 1 108 TYR 108 108 108 TYR TYR A . n 
A 1 109 ASN 109 109 109 ASN ASN A . n 
A 1 110 ASP 110 110 110 ASP ASP A . n 
A 1 111 LEU 111 111 111 LEU LEU A . n 
A 1 112 ARG 112 112 112 ARG ARG A . n 
A 1 113 GLY 113 113 113 GLY GLY A . n 
A 1 114 VAL 114 114 114 VAL VAL A . n 
A 1 115 ILE 115 115 115 ILE ILE A . n 
A 1 116 TYR 116 116 116 TYR TYR A . n 
A 1 117 ASP 117 117 117 ASP ASP A . n 
A 1 118 SER 118 118 118 SER SER A . n 
A 1 119 MET 119 119 119 MET MET A . n 
A 1 120 HIS 120 120 120 HIS HIS A . n 
A 1 121 LEU 121 121 121 LEU LEU A . n 
A 1 122 ASP 122 122 122 ASP ASP A . n 
A 1 123 SER 123 123 123 SER SER A . n 
A 1 124 THR 124 124 124 THR THR A . n 
A 1 125 HIS 125 125 125 HIS HIS A . n 
A 1 126 GLY 126 126 126 GLY GLY A . n 
A 1 127 ALA 127 127 127 ALA ALA A . n 
A 1 128 ALA 128 128 128 ALA ALA A . n 
A 1 129 TRP 129 129 129 TRP TRP A . n 
A 1 130 ASN 130 130 130 ASN ASN A . n 
A 1 131 LYS 131 131 131 LYS LYS A . n 
A 1 132 MET 132 132 132 MET MET A . n 
A 1 133 MET 133 133 133 MET MET A . n 
A 1 134 ASP 134 134 134 ASP ASP A . n 
A 1 135 ASN 135 135 135 ASN ASN A . n 
A 1 136 PHE 136 136 136 PHE PHE A . n 
A 1 137 PHE 137 137 137 PHE PHE A . n 
A 1 138 TYR 138 138 138 TYR TYR A . n 
A 1 139 VAL 139 139 139 VAL VAL A . n 
A 1 140 PHE 140 140 140 PHE PHE A . n 
A 1 141 TYR 141 141 141 TYR TYR A . n 
A 1 142 GLU 142 142 142 GLU GLU A . n 
A 1 143 CYS 143 143 143 CYS CYS A . n 
A 1 144 LEU 144 144 144 LEU LEU A . n 
A 1 145 ASP 145 145 145 ASP ASP A . n 
A 1 146 GLY 146 146 146 GLY GLY A . n 
A 1 147 ARG 147 147 147 ARG ARG A . n 
A 1 148 CYS 148 148 148 CYS CYS A . n 
A 1 149 SER 149 149 149 SER SER A . n 
A 1 150 GLN 150 150 150 GLN GLN A . n 
A 1 151 PHE 151 151 151 PHE PHE A . n 
A 1 152 SER 152 152 152 SER SER A . n 
# 
loop_
_pdbx_nonpoly_scheme.asym_id 
_pdbx_nonpoly_scheme.entity_id 
_pdbx_nonpoly_scheme.mon_id 
_pdbx_nonpoly_scheme.ndb_seq_num 
_pdbx_nonpoly_scheme.pdb_seq_num 
_pdbx_nonpoly_scheme.auth_seq_num 
_pdbx_nonpoly_scheme.pdb_mon_id 
_pdbx_nonpoly_scheme.auth_mon_id 
_pdbx_nonpoly_scheme.pdb_strand_id 
_pdbx_nonpoly_scheme.pdb_ins_code 
B 2 HEM 1   1001 1   HEM HEM A . 
C 3 HOH 1   1002 1   HOH HOH A . 
C 3 HOH 2   1003 2   HOH HOH A . 
C 3 HOH 3   1004 3   HOH HOH A . 
C 3 HOH 4   1005 4   HOH HOH A . 
C 3 HOH 5   1006 5   HOH HOH A . 
C 3 HOH 6   1007 6   HOH HOH A . 
C 3 HOH 7   1008 7   HOH HOH A . 
C 3 HOH 8   1009 8   HOH HOH A . 
C 3 HOH 9   1010 9   HOH HOH A . 
C 3 HOH 10  1011 10  HOH HOH A . 
C 3 HOH 11  1012 11  HOH HOH A . 
C 3 HOH 12  1013 12  HOH HOH A . 
C 3 HOH 13  1014 13  HOH HOH A . 
C 3 HOH 14  1015 14  HOH HOH A . 
C 3 HOH 15  1016 15  HOH HOH A . 
C 3 HOH 16  1017 16  HOH HOH A . 
C 3 HOH 17  1018 17  HOH HOH A . 
C 3 HOH 18  1019 18  HOH HOH A . 
C 3 HOH 19  1020 19  HOH HOH A . 
C 3 HOH 20  1021 20  HOH HOH A . 
C 3 HOH 21  1022 21  HOH HOH A . 
C 3 HOH 22  1023 22  HOH HOH A . 
C 3 HOH 23  1024 23  HOH HOH A . 
C 3 HOH 24  1025 24  HOH HOH A . 
C 3 HOH 25  1026 25  HOH HOH A . 
C 3 HOH 26  1027 26  HOH HOH A . 
C 3 HOH 27  1028 27  HOH HOH A . 
C 3 HOH 28  1029 28  HOH HOH A . 
C 3 HOH 29  1030 29  HOH HOH A . 
C 3 HOH 30  1031 30  HOH HOH A . 
C 3 HOH 31  1032 31  HOH HOH A . 
C 3 HOH 32  1033 32  HOH HOH A . 
C 3 HOH 33  1034 33  HOH HOH A . 
C 3 HOH 34  1035 34  HOH HOH A . 
C 3 HOH 35  1036 35  HOH HOH A . 
C 3 HOH 36  1037 36  HOH HOH A . 
C 3 HOH 37  1038 37  HOH HOH A . 
C 3 HOH 38  1039 38  HOH HOH A . 
C 3 HOH 39  1040 39  HOH HOH A . 
C 3 HOH 40  1041 40  HOH HOH A . 
C 3 HOH 41  1042 41  HOH HOH A . 
C 3 HOH 42  1043 42  HOH HOH A . 
C 3 HOH 43  1044 43  HOH HOH A . 
C 3 HOH 44  1045 44  HOH HOH A . 
C 3 HOH 45  1046 45  HOH HOH A . 
C 3 HOH 46  1047 46  HOH HOH A . 
C 3 HOH 47  1048 47  HOH HOH A . 
C 3 HOH 48  1049 48  HOH HOH A . 
C 3 HOH 49  1050 49  HOH HOH A . 
C 3 HOH 50  1051 50  HOH HOH A . 
C 3 HOH 51  1052 51  HOH HOH A . 
C 3 HOH 52  1053 52  HOH HOH A . 
C 3 HOH 53  1054 53  HOH HOH A . 
C 3 HOH 54  1055 54  HOH HOH A . 
C 3 HOH 55  1056 55  HOH HOH A . 
C 3 HOH 56  1057 56  HOH HOH A . 
C 3 HOH 57  1058 57  HOH HOH A . 
C 3 HOH 58  1059 58  HOH HOH A . 
C 3 HOH 59  1060 59  HOH HOH A . 
C 3 HOH 60  1061 60  HOH HOH A . 
C 3 HOH 61  1062 61  HOH HOH A . 
C 3 HOH 62  1063 62  HOH HOH A . 
C 3 HOH 63  1064 63  HOH HOH A . 
C 3 HOH 64  1065 64  HOH HOH A . 
C 3 HOH 65  1066 65  HOH HOH A . 
C 3 HOH 66  1067 66  HOH HOH A . 
C 3 HOH 67  1068 67  HOH HOH A . 
C 3 HOH 68  1069 68  HOH HOH A . 
C 3 HOH 69  1070 69  HOH HOH A . 
C 3 HOH 70  1071 70  HOH HOH A . 
C 3 HOH 71  1072 71  HOH HOH A . 
C 3 HOH 72  1073 72  HOH HOH A . 
C 3 HOH 73  1074 73  HOH HOH A . 
C 3 HOH 74  1075 74  HOH HOH A . 
C 3 HOH 75  1076 75  HOH HOH A . 
C 3 HOH 76  1077 76  HOH HOH A . 
C 3 HOH 77  1078 77  HOH HOH A . 
C 3 HOH 78  1079 78  HOH HOH A . 
C 3 HOH 79  1080 79  HOH HOH A . 
C 3 HOH 80  1081 80  HOH HOH A . 
C 3 HOH 81  1082 81  HOH HOH A . 
C 3 HOH 82  1083 82  HOH HOH A . 
C 3 HOH 83  1084 83  HOH HOH A . 
C 3 HOH 84  1085 84  HOH HOH A . 
C 3 HOH 85  1086 85  HOH HOH A . 
C 3 HOH 86  1087 86  HOH HOH A . 
C 3 HOH 87  1088 87  HOH HOH A . 
C 3 HOH 88  1089 88  HOH HOH A . 
C 3 HOH 89  1090 89  HOH HOH A . 
C 3 HOH 90  1091 90  HOH HOH A . 
C 3 HOH 91  1092 91  HOH HOH A . 
C 3 HOH 92  1093 92  HOH HOH A . 
C 3 HOH 93  1094 93  HOH HOH A . 
C 3 HOH 94  1095 94  HOH HOH A . 
C 3 HOH 95  1096 95  HOH HOH A . 
C 3 HOH 96  1097 96  HOH HOH A . 
C 3 HOH 97  1098 97  HOH HOH A . 
C 3 HOH 98  1099 98  HOH HOH A . 
C 3 HOH 99  1100 99  HOH HOH A . 
C 3 HOH 100 1101 100 HOH HOH A . 
C 3 HOH 101 1102 101 HOH HOH A . 
C 3 HOH 102 1103 102 HOH HOH A . 
C 3 HOH 103 1104 103 HOH HOH A . 
C 3 HOH 104 1105 104 HOH HOH A . 
C 3 HOH 105 1106 105 HOH HOH A . 
C 3 HOH 106 1107 106 HOH HOH A . 
C 3 HOH 107 1108 107 HOH HOH A . 
C 3 HOH 108 1109 108 HOH HOH A . 
C 3 HOH 109 1110 109 HOH HOH A . 
C 3 HOH 110 1111 110 HOH HOH A . 
C 3 HOH 111 1112 111 HOH HOH A . 
C 3 HOH 112 1113 112 HOH HOH A . 
C 3 HOH 113 1114 113 HOH HOH A . 
C 3 HOH 114 1115 114 HOH HOH A . 
C 3 HOH 115 1116 115 HOH HOH A . 
C 3 HOH 116 1117 116 HOH HOH A . 
C 3 HOH 117 1118 117 HOH HOH A . 
C 3 HOH 118 1119 118 HOH HOH A . 
C 3 HOH 119 1120 119 HOH HOH A . 
C 3 HOH 120 1121 120 HOH HOH A . 
C 3 HOH 121 1122 121 HOH HOH A . 
C 3 HOH 122 1123 122 HOH HOH A . 
C 3 HOH 123 1124 123 HOH HOH A . 
C 3 HOH 124 1125 124 HOH HOH A . 
C 3 HOH 125 1126 125 HOH HOH A . 
C 3 HOH 126 1127 126 HOH HOH A . 
C 3 HOH 127 1128 127 HOH HOH A . 
C 3 HOH 128 1129 128 HOH HOH A . 
C 3 HOH 129 1130 129 HOH HOH A . 
C 3 HOH 130 1131 130 HOH HOH A . 
C 3 HOH 131 1132 131 HOH HOH A . 
C 3 HOH 132 1133 132 HOH HOH A . 
C 3 HOH 133 1134 133 HOH HOH A . 
C 3 HOH 134 1135 134 HOH HOH A . 
C 3 HOH 135 1136 135 HOH HOH A . 
C 3 HOH 136 1137 136 HOH HOH A . 
C 3 HOH 137 1138 137 HOH HOH A . 
C 3 HOH 138 1139 138 HOH HOH A . 
C 3 HOH 139 1140 139 HOH HOH A . 
C 3 HOH 140 1141 140 HOH HOH A . 
C 3 HOH 141 1142 141 HOH HOH A . 
C 3 HOH 142 1143 142 HOH HOH A . 
C 3 HOH 143 1144 143 HOH HOH A . 
C 3 HOH 144 1145 144 HOH HOH A . 
C 3 HOH 145 1146 145 HOH HOH A . 
C 3 HOH 146 1147 146 HOH HOH A . 
C 3 HOH 147 1148 147 HOH HOH A . 
C 3 HOH 148 1149 148 HOH HOH A . 
C 3 HOH 149 1150 149 HOH HOH A . 
C 3 HOH 150 1151 150 HOH HOH A . 
C 3 HOH 151 1152 151 HOH HOH A . 
C 3 HOH 152 1153 152 HOH HOH A . 
C 3 HOH 153 1154 153 HOH HOH A . 
C 3 HOH 154 1155 154 HOH HOH A . 
C 3 HOH 155 1156 155 HOH HOH A . 
C 3 HOH 156 1157 156 HOH HOH A . 
C 3 HOH 157 1158 157 HOH HOH A . 
C 3 HOH 158 1159 158 HOH HOH A . 
C 3 HOH 159 1160 159 HOH HOH A . 
C 3 HOH 160 1161 160 HOH HOH A . 
C 3 HOH 161 1162 161 HOH HOH A . 
C 3 HOH 162 1163 162 HOH HOH A . 
C 3 HOH 163 1164 163 HOH HOH A . 
C 3 HOH 164 1165 164 HOH HOH A . 
C 3 HOH 165 1166 165 HOH HOH A . 
C 3 HOH 166 1167 166 HOH HOH A . 
C 3 HOH 167 1168 167 HOH HOH A . 
C 3 HOH 168 1169 168 HOH HOH A . 
C 3 HOH 169 1170 169 HOH HOH A . 
C 3 HOH 170 1171 170 HOH HOH A . 
C 3 HOH 171 1172 171 HOH HOH A . 
C 3 HOH 172 1173 172 HOH HOH A . 
C 3 HOH 173 1174 173 HOH HOH A . 
C 3 HOH 174 1175 174 HOH HOH A . 
C 3 HOH 175 1176 175 HOH HOH A . 
C 3 HOH 176 1177 176 HOH HOH A . 
C 3 HOH 177 1178 177 HOH HOH A . 
C 3 HOH 178 1179 178 HOH HOH A . 
C 3 HOH 179 1180 179 HOH HOH A . 
C 3 HOH 180 1181 180 HOH HOH A . 
C 3 HOH 181 1182 181 HOH HOH A . 
C 3 HOH 182 1183 182 HOH HOH A . 
C 3 HOH 183 1184 183 HOH HOH A . 
C 3 HOH 184 1185 184 HOH HOH A . 
C 3 HOH 185 1186 185 HOH HOH A . 
C 3 HOH 186 1187 186 HOH HOH A . 
C 3 HOH 187 1188 187 HOH HOH A . 
C 3 HOH 188 1189 188 HOH HOH A . 
C 3 HOH 189 1190 189 HOH HOH A . 
C 3 HOH 190 1191 190 HOH HOH A . 
C 3 HOH 191 1192 191 HOH HOH A . 
C 3 HOH 192 1193 192 HOH HOH A . 
C 3 HOH 193 1194 193 HOH HOH A . 
C 3 HOH 194 1195 194 HOH HOH A . 
C 3 HOH 195 1196 195 HOH HOH A . 
C 3 HOH 196 1197 196 HOH HOH A . 
C 3 HOH 197 1198 197 HOH HOH A . 
C 3 HOH 198 1199 198 HOH HOH A . 
C 3 HOH 199 1200 199 HOH HOH A . 
C 3 HOH 200 1201 200 HOH HOH A . 
C 3 HOH 201 1202 201 HOH HOH A . 
C 3 HOH 202 1203 202 HOH HOH A . 
C 3 HOH 203 1204 203 HOH HOH A . 
C 3 HOH 204 1205 204 HOH HOH A . 
C 3 HOH 205 1206 205 HOH HOH A . 
C 3 HOH 206 1207 206 HOH HOH A . 
C 3 HOH 207 1208 207 HOH HOH A . 
C 3 HOH 208 1209 208 HOH HOH A . 
C 3 HOH 209 1210 209 HOH HOH A . 
C 3 HOH 210 1211 210 HOH HOH A . 
C 3 HOH 211 1212 211 HOH HOH A . 
C 3 HOH 212 1213 212 HOH HOH A . 
C 3 HOH 213 1214 213 HOH HOH A . 
C 3 HOH 214 1215 214 HOH HOH A . 
C 3 HOH 215 1216 215 HOH HOH A . 
C 3 HOH 216 1217 216 HOH HOH A . 
C 3 HOH 217 1218 217 HOH HOH A . 
C 3 HOH 218 1219 218 HOH HOH A . 
C 3 HOH 219 1220 219 HOH HOH A . 
C 3 HOH 220 1221 220 HOH HOH A . 
C 3 HOH 221 1222 221 HOH HOH A . 
C 3 HOH 222 1223 222 HOH HOH A . 
C 3 HOH 223 1224 223 HOH HOH A . 
C 3 HOH 224 1225 224 HOH HOH A . 
C 3 HOH 225 1226 225 HOH HOH A . 
C 3 HOH 226 1227 226 HOH HOH A . 
# 
_pdbx_unobs_or_zero_occ_atoms.id               1 
_pdbx_unobs_or_zero_occ_atoms.PDB_model_num    1 
_pdbx_unobs_or_zero_occ_atoms.polymer_flag     N 
_pdbx_unobs_or_zero_occ_atoms.occupancy_flag   0 
_pdbx_unobs_or_zero_occ_atoms.auth_asym_id     A 
_pdbx_unobs_or_zero_occ_atoms.auth_comp_id     HEM 
_pdbx_unobs_or_zero_occ_atoms.auth_seq_id      1001 
_pdbx_unobs_or_zero_occ_atoms.PDB_ins_code     ? 
_pdbx_unobs_or_zero_occ_atoms.auth_atom_id     CBC 
_pdbx_unobs_or_zero_occ_atoms.label_alt_id     ? 
_pdbx_unobs_or_zero_occ_atoms.label_asym_id    B 
_pdbx_unobs_or_zero_occ_atoms.label_comp_id    HEM 
_pdbx_unobs_or_zero_occ_atoms.label_seq_id     ? 
_pdbx_unobs_or_zero_occ_atoms.label_atom_id    CBC 
# 
loop_
_software.name 
_software.classification 
_software.version 
_software.citation_id 
_software.pdbx_ordinal 
CNX          refinement       2000.1 ? 1 
CrystalClear 'data reduction' .      ? 2 
CrystalClear 'data scaling'   .      ? 3 
CNX          phasing          2000.1 ? 4 
# 
_cell.entry_id           1X3K 
_cell.length_a           65.144 
_cell.length_b           74.855 
_cell.length_c           33.412 
_cell.angle_alpha        90.00 
_cell.angle_beta         90.00 
_cell.angle_gamma        90.00 
_cell.Z_PDB              4 
_cell.pdbx_unique_axis   ? 
# 
_symmetry.entry_id                         1X3K 
_symmetry.space_group_name_H-M             'P 21 21 2' 
_symmetry.pdbx_full_space_group_name_H-M   ? 
_symmetry.cell_setting                     ? 
_symmetry.Int_Tables_number                18 
_symmetry.space_group_name_Hall            ? 
# 
_exptl.entry_id          1X3K 
_exptl.method            'X-RAY DIFFRACTION' 
_exptl.crystals_number   1 
# 
_exptl_crystal.id                    1 
_exptl_crystal.density_meas          ? 
_exptl_crystal.density_Matthews      2.37 
_exptl_crystal.density_percent_sol   48.08 
_exptl_crystal.description           ? 
_exptl_crystal.F_000                 ? 
_exptl_crystal.preparation           ? 
# 
_exptl_crystal_grow.crystal_id      1 
_exptl_crystal_grow.method          'VAPOR DIFFUSION, HANGING DROP' 
_exptl_crystal_grow.temp            293 
_exptl_crystal_grow.temp_details    ? 
_exptl_crystal_grow.pH              4.6 
_exptl_crystal_grow.pdbx_details    'PEG 3350, Ammonium sulfate, pH 4.6, VAPOR DIFFUSION, HANGING DROP, temperature 293K' 
_exptl_crystal_grow.pdbx_pH_range   . 
# 
_diffrn.id                     1 
_diffrn.ambient_temp           100 
_diffrn.ambient_temp_details   ? 
_diffrn.crystal_id             1 
# 
_diffrn_detector.diffrn_id              1 
_diffrn_detector.detector               'IMAGE PLATE' 
_diffrn_detector.type                   'RIGAKU RAXIS VII' 
_diffrn_detector.pdbx_collection_date   2004-01-14 
_diffrn_detector.details                ? 
# 
_diffrn_radiation.diffrn_id                        1 
_diffrn_radiation.wavelength_id                    1 
_diffrn_radiation.pdbx_monochromatic_or_laue_m_l   M 
_diffrn_radiation.monochromator                    confocal 
_diffrn_radiation.pdbx_diffrn_protocol             'SINGLE WAVELENGTH' 
_diffrn_radiation.pdbx_scattering_type             x-ray 
# 
_diffrn_radiation_wavelength.id           1 
_diffrn_radiation_wavelength.wavelength   1.5418 
_diffrn_radiation_wavelength.wt           1.0 
# 
_diffrn_source.diffrn_id                   1 
_diffrn_source.source                      'ROTATING ANODE' 
_diffrn_source.type                        'RIGAKU FR-E+ SUPERBRIGHT' 
_diffrn_source.pdbx_synchrotron_site       ? 
_diffrn_source.pdbx_synchrotron_beamline   ? 
_diffrn_source.pdbx_wavelength             ? 
_diffrn_source.pdbx_wavelength_list        1.5418 
# 
_reflns.entry_id                     1X3K 
_reflns.observed_criterion_sigma_I   ? 
_reflns.observed_criterion_sigma_F   ? 
_reflns.d_resolution_low             49.14 
_reflns.d_resolution_high            1.64 
_reflns.number_obs                   20177 
_reflns.number_all                   ? 
_reflns.percent_possible_obs         97.3 
_reflns.pdbx_Rmerge_I_obs            0.027 
_reflns.pdbx_Rsym_value              ? 
_reflns.pdbx_netI_over_sigmaI        ? 
_reflns.B_iso_Wilson_estimate        14.8 
_reflns.pdbx_redundancy              6.98 
_reflns.R_free_details               ? 
_reflns.limit_h_max                  ? 
_reflns.limit_h_min                  ? 
_reflns.limit_k_max                  ? 
_reflns.limit_k_min                  ? 
_reflns.limit_l_max                  ? 
_reflns.limit_l_min                  ? 
_reflns.observed_criterion_F_max     ? 
_reflns.observed_criterion_F_min     ? 
_reflns.pdbx_chi_squared             ? 
_reflns.pdbx_scaling_rejects         ? 
_reflns.pdbx_diffrn_id               1 
_reflns.pdbx_ordinal                 1 
# 
_reflns_shell.d_res_high             1.64 
_reflns_shell.d_res_low              1.70 
_reflns_shell.percent_possible_all   94.2 
_reflns_shell.Rmerge_I_obs           0.068 
_reflns_shell.pdbx_Rsym_value        ? 
_reflns_shell.meanI_over_sigI_obs    ? 
_reflns_shell.pdbx_redundancy        6.91 
_reflns_shell.percent_possible_obs   ? 
_reflns_shell.number_unique_all      ? 
_reflns_shell.number_measured_all    ? 
_reflns_shell.number_measured_obs    ? 
_reflns_shell.number_unique_obs      ? 
_reflns_shell.pdbx_chi_squared       ? 
_reflns_shell.pdbx_diffrn_id         ? 
_reflns_shell.pdbx_ordinal           1 
# 
_refine.entry_id                                 1X3K 
_refine.ls_number_reflns_obs                     20169 
_refine.ls_number_reflns_all                     ? 
_refine.pdbx_ls_sigma_I                          ? 
_refine.pdbx_ls_sigma_F                          0.0 
_refine.pdbx_data_cutoff_high_absF               1919000.22 
_refine.pdbx_data_cutoff_low_absF                0.000000 
_refine.pdbx_data_cutoff_high_rms_absF           ? 
_refine.ls_d_res_low                             49.14 
_refine.ls_d_res_high                            1.64 
_refine.ls_percent_reflns_obs                    97.2 
_refine.ls_R_factor_obs                          ? 
_refine.ls_R_factor_all                          ? 
_refine.ls_R_factor_R_work                       0.194 
_refine.ls_R_factor_R_free                       0.214 
_refine.ls_R_factor_R_free_error                 0.005 
_refine.ls_R_factor_R_free_error_details         ? 
_refine.ls_percent_reflns_R_free                 9.8 
_refine.ls_number_reflns_R_free                  1986 
_refine.ls_number_parameters                     ? 
_refine.ls_number_restraints                     ? 
_refine.occupancy_min                            ? 
_refine.occupancy_max                            ? 
_refine.correlation_coeff_Fo_to_Fc               ? 
_refine.correlation_coeff_Fo_to_Fc_free          ? 
_refine.B_iso_mean                               14.3 
_refine.aniso_B[1][1]                            -1.39 
_refine.aniso_B[2][2]                            0.07 
_refine.aniso_B[3][3]                            1.33 
_refine.aniso_B[1][2]                            0.00 
_refine.aniso_B[1][3]                            0.00 
_refine.aniso_B[2][3]                            0.00 
_refine.solvent_model_details                    'FLAT MODEL' 
_refine.solvent_model_param_ksol                 0.386375 
_refine.solvent_model_param_bsol                 48.4972 
_refine.pdbx_solvent_vdw_probe_radii             ? 
_refine.pdbx_solvent_ion_probe_radii             ? 
_refine.pdbx_solvent_shrinkage_radii             ? 
_refine.pdbx_ls_cross_valid_method               THROUGHOUT 
_refine.details                                  ? 
_refine.pdbx_starting_model                      ? 
_refine.pdbx_method_to_determine_struct          SAD 
_refine.pdbx_isotropic_thermal_model             OVERALL 
_refine.pdbx_stereochemistry_target_values       'Engh & Huber' 
_refine.pdbx_stereochem_target_val_spec_case     ? 
_refine.pdbx_R_Free_selection_details            RANDOM 
_refine.pdbx_overall_ESU_R                       ? 
_refine.pdbx_overall_ESU_R_Free                  ? 
_refine.overall_SU_ML                            ? 
_refine.overall_SU_B                             ? 
_refine.ls_redundancy_reflns_obs                 ? 
_refine.B_iso_min                                ? 
_refine.B_iso_max                                ? 
_refine.overall_SU_R_Cruickshank_DPI             ? 
_refine.overall_SU_R_free                        ? 
_refine.ls_wR_factor_R_free                      ? 
_refine.ls_wR_factor_R_work                      ? 
_refine.overall_FOM_free_R_set                   ? 
_refine.overall_FOM_work_R_set                   ? 
_refine.pdbx_refine_id                           'X-RAY DIFFRACTION' 
_refine.pdbx_diffrn_id                           1 
_refine.pdbx_TLS_residual_ADP_flag               ? 
_refine.pdbx_overall_phase_error                 ? 
_refine.pdbx_overall_SU_R_free_Cruickshank_DPI   ? 
_refine.pdbx_overall_SU_R_Blow_DPI               ? 
_refine.pdbx_overall_SU_R_free_Blow_DPI          ? 
# 
_refine_analyze.entry_id                        1X3K 
_refine_analyze.Luzzati_coordinate_error_obs    0.18 
_refine_analyze.Luzzati_sigma_a_obs             0.10 
_refine_analyze.Luzzati_d_res_low_obs           5.00 
_refine_analyze.Luzzati_coordinate_error_free   0.20 
_refine_analyze.Luzzati_sigma_a_free            0.14 
_refine_analyze.Luzzati_d_res_low_free          ? 
_refine_analyze.number_disordered_residues      ? 
_refine_analyze.occupancy_sum_hydrogen          ? 
_refine_analyze.occupancy_sum_non_hydrogen      ? 
_refine_analyze.pdbx_Luzzati_d_res_high_obs     ? 
_refine_analyze.pdbx_refine_id                  'X-RAY DIFFRACTION' 
# 
_refine_hist.pdbx_refine_id                   'X-RAY DIFFRACTION' 
_refine_hist.cycle_id                         LAST 
_refine_hist.pdbx_number_atoms_protein        1213 
_refine_hist.pdbx_number_atoms_nucleic_acid   0 
_refine_hist.pdbx_number_atoms_ligand         43 
_refine_hist.number_atoms_solvent             226 
_refine_hist.number_atoms_total               1482 
_refine_hist.d_res_high                       1.64 
_refine_hist.d_res_low                        49.14 
# 
loop_
_refine_ls_restr.type 
_refine_ls_restr.dev_ideal 
_refine_ls_restr.dev_ideal_target 
_refine_ls_restr.weight 
_refine_ls_restr.number 
_refine_ls_restr.pdbx_refine_id 
_refine_ls_restr.pdbx_restraint_function 
c_bond_d                0.006 ? ? ? 'X-RAY DIFFRACTION' ? 
c_bond_d_na             ?     ? ? ? 'X-RAY DIFFRACTION' ? 
c_bond_d_prot           ?     ? ? ? 'X-RAY DIFFRACTION' ? 
c_angle_d               ?     ? ? ? 'X-RAY DIFFRACTION' ? 
c_angle_d_na            ?     ? ? ? 'X-RAY DIFFRACTION' ? 
c_angle_d_prot          ?     ? ? ? 'X-RAY DIFFRACTION' ? 
c_angle_deg             1.0   ? ? ? 'X-RAY DIFFRACTION' ? 
c_angle_deg_na          ?     ? ? ? 'X-RAY DIFFRACTION' ? 
c_angle_deg_prot        ?     ? ? ? 'X-RAY DIFFRACTION' ? 
c_dihedral_angle_d      17.6  ? ? ? 'X-RAY DIFFRACTION' ? 
c_dihedral_angle_d_na   ?     ? ? ? 'X-RAY DIFFRACTION' ? 
c_dihedral_angle_d_prot ?     ? ? ? 'X-RAY DIFFRACTION' ? 
c_improper_angle_d      0.73  ? ? ? 'X-RAY DIFFRACTION' ? 
c_improper_angle_d_na   ?     ? ? ? 'X-RAY DIFFRACTION' ? 
c_improper_angle_d_prot ?     ? ? ? 'X-RAY DIFFRACTION' ? 
c_mcbond_it             ?     ? ? ? 'X-RAY DIFFRACTION' ? 
c_mcangle_it            ?     ? ? ? 'X-RAY DIFFRACTION' ? 
c_scbond_it             ?     ? ? ? 'X-RAY DIFFRACTION' ? 
c_scangle_it            ?     ? ? ? 'X-RAY DIFFRACTION' ? 
# 
_refine_ls_shell.pdbx_total_number_of_bins_used   6 
_refine_ls_shell.d_res_high                       1.64 
_refine_ls_shell.d_res_low                        1.74 
_refine_ls_shell.number_reflns_R_work             2890 
_refine_ls_shell.R_factor_R_work                  0.225 
_refine_ls_shell.percent_reflns_obs               94.5 
_refine_ls_shell.R_factor_R_free                  0.275 
_refine_ls_shell.R_factor_R_free_error            0.016 
_refine_ls_shell.percent_reflns_R_free            9.7 
_refine_ls_shell.number_reflns_R_free             312 
_refine_ls_shell.number_reflns_obs                ? 
_refine_ls_shell.redundancy_reflns_obs            ? 
_refine_ls_shell.number_reflns_all                ? 
_refine_ls_shell.pdbx_refine_id                   'X-RAY DIFFRACTION' 
_refine_ls_shell.R_factor_all                     ? 
# 
loop_
_pdbx_xplor_file.serial_no 
_pdbx_xplor_file.param_file 
_pdbx_xplor_file.topol_file 
_pdbx_xplor_file.pdbx_refine_id 
1 protein_rep.param protein.top 'X-RAY DIFFRACTION' 
2 ion.param         ion.top     'X-RAY DIFFRACTION' 
3 water_rep.param   water.top   'X-RAY DIFFRACTION' 
4 hem.param         hem.top     'X-RAY DIFFRACTION' 
# 
_struct.entry_id                  1X3K 
_struct.title                     'Crystal structure of a hemoglobin component (TA-V) from Tokunagayusurika akamusi' 
_struct.pdbx_model_details        ? 
_struct.pdbx_CASP_flag            ? 
_struct.pdbx_model_type_details   ? 
# 
_struct_keywords.entry_id        1X3K 
_struct_keywords.pdbx_keywords   'OXYGEN STORAGE/TRANSPORT' 
_struct_keywords.text            'hemoglobin, Diptera, Tokunagayusurika akamusi, midge larva, OXYGEN STORAGE-TRANSPORT COMPLEX' 
# 
loop_
_struct_asym.id 
_struct_asym.pdbx_blank_PDB_chainid_flag 
_struct_asym.pdbx_modified 
_struct_asym.entity_id 
_struct_asym.details 
A N N 1 ? 
B N N 2 ? 
C N N 3 ? 
# 
_struct_ref.id                         1 
_struct_ref.db_name                    UNP 
_struct_ref.db_code                    Q7M422_9DIPT 
_struct_ref.pdbx_db_accession          Q7M422 
_struct_ref.entity_id                  1 
_struct_ref.pdbx_seq_one_letter_code   
;AFVGLSDSEEKLVRDAWAPIHGDLQGTANTVFYNYLKKYPSNQDKFETLKGHPLDEVKDTANFKLIAGRIFTIFDNCVKN
VGNDKGFQKVIADMSGPHVARPITHGSYNDLRGVIYDSMHLDSTHGAAWNKMMDNFFYVFYECLDGRCSQFS
;
_struct_ref.pdbx_align_begin           1 
_struct_ref.pdbx_db_isoform            ? 
# 
_struct_ref_seq.align_id                      1 
_struct_ref_seq.ref_id                        1 
_struct_ref_seq.pdbx_PDB_id_code              1X3K 
_struct_ref_seq.pdbx_strand_id                A 
_struct_ref_seq.seq_align_beg                 1 
_struct_ref_seq.pdbx_seq_align_beg_ins_code   ? 
_struct_ref_seq.seq_align_end                 152 
_struct_ref_seq.pdbx_seq_align_end_ins_code   ? 
_struct_ref_seq.pdbx_db_accession             Q7M422 
_struct_ref_seq.db_align_beg                  1 
_struct_ref_seq.pdbx_db_align_beg_ins_code    ? 
_struct_ref_seq.db_align_end                  152 
_struct_ref_seq.pdbx_db_align_end_ins_code    ? 
_struct_ref_seq.pdbx_auth_seq_align_beg       1 
_struct_ref_seq.pdbx_auth_seq_align_end       152 
# 
_pdbx_struct_assembly.id                   1 
_pdbx_struct_assembly.details              author_defined_assembly 
_pdbx_struct_assembly.method_details       ? 
_pdbx_struct_assembly.oligomeric_details   monomeric 
_pdbx_struct_assembly.oligomeric_count     1 
# 
_pdbx_struct_assembly_gen.assembly_id       1 
_pdbx_struct_assembly_gen.oper_expression   1 
_pdbx_struct_assembly_gen.asym_id_list      A,B,C 
# 
_pdbx_struct_oper_list.id                   1 
_pdbx_struct_oper_list.type                 'identity operation' 
_pdbx_struct_oper_list.name                 1_555 
_pdbx_struct_oper_list.symmetry_operation   x,y,z 
_pdbx_struct_oper_list.matrix[1][1]         1.0000000000 
_pdbx_struct_oper_list.matrix[1][2]         0.0000000000 
_pdbx_struct_oper_list.matrix[1][3]         0.0000000000 
_pdbx_struct_oper_list.vector[1]            0.0000000000 
_pdbx_struct_oper_list.matrix[2][1]         0.0000000000 
_pdbx_struct_oper_list.matrix[2][2]         1.0000000000 
_pdbx_struct_oper_list.matrix[2][3]         0.0000000000 
_pdbx_struct_oper_list.vector[2]            0.0000000000 
_pdbx_struct_oper_list.matrix[3][1]         0.0000000000 
_pdbx_struct_oper_list.matrix[3][2]         0.0000000000 
_pdbx_struct_oper_list.matrix[3][3]         1.0000000000 
_pdbx_struct_oper_list.vector[3]            0.0000000000 
# 
_struct_biol.id                    1 
_struct_biol.pdbx_parent_biol_id   ? 
_struct_biol.details               ? 
# 
loop_
_struct_conf.conf_type_id 
_struct_conf.id 
_struct_conf.pdbx_PDB_helix_id 
_struct_conf.beg_label_comp_id 
_struct_conf.beg_label_asym_id 
_struct_conf.beg_label_seq_id 
_struct_conf.pdbx_beg_PDB_ins_code 
_struct_conf.end_label_comp_id 
_struct_conf.end_label_asym_id 
_struct_conf.end_label_seq_id 
_struct_conf.pdbx_end_PDB_ins_code 
_struct_conf.beg_auth_comp_id 
_struct_conf.beg_auth_asym_id 
_struct_conf.beg_auth_seq_id 
_struct_conf.end_auth_comp_id 
_struct_conf.end_auth_asym_id 
_struct_conf.end_auth_seq_id 
_struct_conf.pdbx_PDB_helix_class 
_struct_conf.details 
_struct_conf.pdbx_PDB_helix_length 
HELX_P HELX_P1  1  SER A 6   ? GLY A 22  ? SER A 6   GLY A 22  1 ? 17 
HELX_P HELX_P2  2  ASP A 23  ? TYR A 39  ? ASP A 23  TYR A 39  1 ? 17 
HELX_P HELX_P3  3  PRO A 40  ? PHE A 46  ? PRO A 40  PHE A 46  5 ? 7  
HELX_P HELX_P4  4  PRO A 53  ? LYS A 58  ? PRO A 53  LYS A 58  1 ? 6  
HELX_P HELX_P5  5  THR A 60  ? ASN A 80  ? THR A 60  ASN A 80  1 ? 21 
HELX_P HELX_P6  6  ASN A 83  ? GLY A 96  ? ASN A 83  GLY A 96  1 ? 14 
HELX_P HELX_P7  7  PRO A 97  ? VAL A 99  ? PRO A 97  VAL A 99  5 ? 3  
HELX_P HELX_P8  8  THR A 104 ? HIS A 120 ? THR A 104 HIS A 120 1 ? 17 
HELX_P HELX_P9  9  ASP A 122 ? ASP A 145 ? ASP A 122 ASP A 145 1 ? 24 
HELX_P HELX_P10 10 CYS A 148 ? SER A 152 ? CYS A 148 SER A 152 5 ? 5  
# 
_struct_conf_type.id          HELX_P 
_struct_conf_type.criteria    ? 
_struct_conf_type.reference   ? 
# 
loop_
_struct_conn.id 
_struct_conn.conn_type_id 
_struct_conn.pdbx_leaving_atom_flag 
_struct_conn.pdbx_PDB_id 
_struct_conn.ptnr1_label_asym_id 
_struct_conn.ptnr1_label_comp_id 
_struct_conn.ptnr1_label_seq_id 
_struct_conn.ptnr1_label_atom_id 
_struct_conn.pdbx_ptnr1_label_alt_id 
_struct_conn.pdbx_ptnr1_PDB_ins_code 
_struct_conn.pdbx_ptnr1_standard_comp_id 
_struct_conn.ptnr1_symmetry 
_struct_conn.ptnr2_label_asym_id 
_struct_conn.ptnr2_label_comp_id 
_struct_conn.ptnr2_label_seq_id 
_struct_conn.ptnr2_label_atom_id 
_struct_conn.pdbx_ptnr2_label_alt_id 
_struct_conn.pdbx_ptnr2_PDB_ins_code 
_struct_conn.ptnr1_auth_asym_id 
_struct_conn.ptnr1_auth_comp_id 
_struct_conn.ptnr1_auth_seq_id 
_struct_conn.ptnr2_auth_asym_id 
_struct_conn.ptnr2_auth_comp_id 
_struct_conn.ptnr2_auth_seq_id 
_struct_conn.ptnr2_symmetry 
_struct_conn.pdbx_ptnr3_label_atom_id 
_struct_conn.pdbx_ptnr3_label_seq_id 
_struct_conn.pdbx_ptnr3_label_comp_id 
_struct_conn.pdbx_ptnr3_label_asym_id 
_struct_conn.pdbx_ptnr3_label_alt_id 
_struct_conn.pdbx_ptnr3_PDB_ins_code 
_struct_conn.details 
_struct_conn.pdbx_dist_value 
_struct_conn.pdbx_value_order 
_struct_conn.pdbx_role 
disulf1 disulf ? ? A CYS 143 SG  ? ? ? 1_555 A CYS 148 SG ? ? A CYS 143  A CYS 148  1_555 ? ? ? ? ? ? ? 2.031 ? ? 
metalc1 metalc ? ? A HIS 98  NE2 ? ? ? 1_555 B HEM .   FE ? ? A HIS 98   A HEM 1001 1_555 ? ? ? ? ? ? ? 2.344 ? ? 
metalc2 metalc ? ? B HEM .   FE  ? ? ? 1_555 C HOH .   O  ? ? A HEM 1001 A HOH 1002 1_555 ? ? ? ? ? ? ? 1.982 ? ? 
# 
loop_
_struct_conn_type.id 
_struct_conn_type.criteria 
_struct_conn_type.reference 
disulf ? ? 
metalc ? ? 
# 
loop_
_pdbx_struct_conn_angle.id 
_pdbx_struct_conn_angle.ptnr1_label_atom_id 
_pdbx_struct_conn_angle.ptnr1_label_alt_id 
_pdbx_struct_conn_angle.ptnr1_label_asym_id 
_pdbx_struct_conn_angle.ptnr1_label_comp_id 
_pdbx_struct_conn_angle.ptnr1_label_seq_id 
_pdbx_struct_conn_angle.ptnr1_auth_atom_id 
_pdbx_struct_conn_angle.ptnr1_auth_asym_id 
_pdbx_struct_conn_angle.ptnr1_auth_comp_id 
_pdbx_struct_conn_angle.ptnr1_auth_seq_id 
_pdbx_struct_conn_angle.ptnr1_PDB_ins_code 
_pdbx_struct_conn_angle.ptnr1_symmetry 
_pdbx_struct_conn_angle.ptnr2_label_atom_id 
_pdbx_struct_conn_angle.ptnr2_label_alt_id 
_pdbx_struct_conn_angle.ptnr2_label_asym_id 
_pdbx_struct_conn_angle.ptnr2_label_comp_id 
_pdbx_struct_conn_angle.ptnr2_label_seq_id 
_pdbx_struct_conn_angle.ptnr2_auth_atom_id 
_pdbx_struct_conn_angle.ptnr2_auth_asym_id 
_pdbx_struct_conn_angle.ptnr2_auth_comp_id 
_pdbx_struct_conn_angle.ptnr2_auth_seq_id 
_pdbx_struct_conn_angle.ptnr2_PDB_ins_code 
_pdbx_struct_conn_angle.ptnr2_symmetry 
_pdbx_struct_conn_angle.ptnr3_label_atom_id 
_pdbx_struct_conn_angle.ptnr3_label_alt_id 
_pdbx_struct_conn_angle.ptnr3_label_asym_id 
_pdbx_struct_conn_angle.ptnr3_label_comp_id 
_pdbx_struct_conn_angle.ptnr3_label_seq_id 
_pdbx_struct_conn_angle.ptnr3_auth_atom_id 
_pdbx_struct_conn_angle.ptnr3_auth_asym_id 
_pdbx_struct_conn_angle.ptnr3_auth_comp_id 
_pdbx_struct_conn_angle.ptnr3_auth_seq_id 
_pdbx_struct_conn_angle.ptnr3_PDB_ins_code 
_pdbx_struct_conn_angle.ptnr3_symmetry 
_pdbx_struct_conn_angle.value 
_pdbx_struct_conn_angle.value_esd 
1  NE2 ? A HIS 98 ? A HIS 98   ? 1_555 FE ? B HEM . ? A HEM 1001 ? 1_555 NA ? B HEM . ? A HEM 1001 ? 1_555 86.8  ? 
2  NE2 ? A HIS 98 ? A HIS 98   ? 1_555 FE ? B HEM . ? A HEM 1001 ? 1_555 NB ? B HEM . ? A HEM 1001 ? 1_555 88.8  ? 
3  NA  ? B HEM .  ? A HEM 1001 ? 1_555 FE ? B HEM . ? A HEM 1001 ? 1_555 NB ? B HEM . ? A HEM 1001 ? 1_555 90.0  ? 
4  NE2 ? A HIS 98 ? A HIS 98   ? 1_555 FE ? B HEM . ? A HEM 1001 ? 1_555 NC ? B HEM . ? A HEM 1001 ? 1_555 96.4  ? 
5  NA  ? B HEM .  ? A HEM 1001 ? 1_555 FE ? B HEM . ? A HEM 1001 ? 1_555 NC ? B HEM . ? A HEM 1001 ? 1_555 176.1 ? 
6  NB  ? B HEM .  ? A HEM 1001 ? 1_555 FE ? B HEM . ? A HEM 1001 ? 1_555 NC ? B HEM . ? A HEM 1001 ? 1_555 92.2  ? 
7  NE2 ? A HIS 98 ? A HIS 98   ? 1_555 FE ? B HEM . ? A HEM 1001 ? 1_555 ND ? B HEM . ? A HEM 1001 ? 1_555 93.4  ? 
8  NA  ? B HEM .  ? A HEM 1001 ? 1_555 FE ? B HEM . ? A HEM 1001 ? 1_555 ND ? B HEM . ? A HEM 1001 ? 1_555 90.9  ? 
9  NB  ? B HEM .  ? A HEM 1001 ? 1_555 FE ? B HEM . ? A HEM 1001 ? 1_555 ND ? B HEM . ? A HEM 1001 ? 1_555 177.6 ? 
10 NC  ? B HEM .  ? A HEM 1001 ? 1_555 FE ? B HEM . ? A HEM 1001 ? 1_555 ND ? B HEM . ? A HEM 1001 ? 1_555 86.7  ? 
11 NE2 ? A HIS 98 ? A HIS 98   ? 1_555 FE ? B HEM . ? A HEM 1001 ? 1_555 O  ? C HOH . ? A HOH 1002 ? 1_555 166.6 ? 
12 NA  ? B HEM .  ? A HEM 1001 ? 1_555 FE ? B HEM . ? A HEM 1001 ? 1_555 O  ? C HOH . ? A HOH 1002 ? 1_555 80.9  ? 
13 NB  ? B HEM .  ? A HEM 1001 ? 1_555 FE ? B HEM . ? A HEM 1001 ? 1_555 O  ? C HOH . ? A HOH 1002 ? 1_555 96.6  ? 
14 NC  ? B HEM .  ? A HEM 1001 ? 1_555 FE ? B HEM . ? A HEM 1001 ? 1_555 O  ? C HOH . ? A HOH 1002 ? 1_555 95.6  ? 
15 ND  ? B HEM .  ? A HEM 1001 ? 1_555 FE ? B HEM . ? A HEM 1001 ? 1_555 O  ? C HOH . ? A HOH 1002 ? 1_555 81.4  ? 
# 
_pdbx_modification_feature.ordinal                            1 
_pdbx_modification_feature.label_comp_id                      CYS 
_pdbx_modification_feature.label_asym_id                      A 
_pdbx_modification_feature.label_seq_id                       143 
_pdbx_modification_feature.label_alt_id                       ? 
_pdbx_modification_feature.modified_residue_label_comp_id     CYS 
_pdbx_modification_feature.modified_residue_label_asym_id     A 
_pdbx_modification_feature.modified_residue_label_seq_id      148 
_pdbx_modification_feature.modified_residue_label_alt_id      ? 
_pdbx_modification_feature.auth_comp_id                       CYS 
_pdbx_modification_feature.auth_asym_id                       A 
_pdbx_modification_feature.auth_seq_id                        143 
_pdbx_modification_feature.PDB_ins_code                       ? 
_pdbx_modification_feature.symmetry                           1_555 
_pdbx_modification_feature.modified_residue_auth_comp_id      CYS 
_pdbx_modification_feature.modified_residue_auth_asym_id      A 
_pdbx_modification_feature.modified_residue_auth_seq_id       148 
_pdbx_modification_feature.modified_residue_PDB_ins_code      ? 
_pdbx_modification_feature.modified_residue_symmetry          1_555 
_pdbx_modification_feature.comp_id_linking_atom               SG 
_pdbx_modification_feature.modified_residue_id_linking_atom   SG 
_pdbx_modification_feature.modified_residue_id                . 
_pdbx_modification_feature.ref_pcm_id                         . 
_pdbx_modification_feature.ref_comp_id                        . 
_pdbx_modification_feature.type                               None 
_pdbx_modification_feature.category                           'Disulfide bridge' 
# 
_struct_site.id                   AC1 
_struct_site.pdbx_evidence_code   Software 
_struct_site.pdbx_auth_asym_id    A 
_struct_site.pdbx_auth_comp_id    HEM 
_struct_site.pdbx_auth_seq_id     1001 
_struct_site.pdbx_auth_ins_code   ? 
_struct_site.pdbx_num_residues    19 
_struct_site.details              'BINDING SITE FOR RESIDUE HEM A 1001' 
# 
loop_
_struct_site_gen.id 
_struct_site_gen.site_id 
_struct_site_gen.pdbx_num_res 
_struct_site_gen.label_comp_id 
_struct_site_gen.label_asym_id 
_struct_site_gen.label_seq_id 
_struct_site_gen.pdbx_auth_ins_code 
_struct_site_gen.auth_comp_id 
_struct_site_gen.auth_asym_id 
_struct_site_gen.auth_seq_id 
_struct_site_gen.label_atom_id 
_struct_site_gen.label_alt_id 
_struct_site_gen.symmetry 
_struct_site_gen.details 
1  AC1 19 LYS A 45  ? LYS A 45   . ? 1_555 ? 
2  AC1 19 PHE A 46  ? PHE A 46   . ? 1_555 ? 
3  AC1 19 THR A 48  ? THR A 48   . ? 2_555 ? 
4  AC1 19 ARG A 69  ? ARG A 69   . ? 1_555 ? 
5  AC1 19 ILE A 73  ? ILE A 73   . ? 1_555 ? 
6  AC1 19 MET A 94  ? MET A 94   . ? 1_555 ? 
7  AC1 19 PRO A 97  ? PRO A 97   . ? 1_555 ? 
8  AC1 19 HIS A 98  ? HIS A 98   . ? 1_555 ? 
9  AC1 19 ARG A 101 ? ARG A 101  . ? 1_555 ? 
10 AC1 19 ILE A 103 ? ILE A 103  . ? 1_555 ? 
11 AC1 19 TYR A 108 ? TYR A 108  . ? 1_555 ? 
12 AC1 19 PHE A 136 ? PHE A 136  . ? 1_555 ? 
13 AC1 19 HOH C .   ? HOH A 1002 . ? 1_555 ? 
14 AC1 19 HOH C .   ? HOH A 1025 . ? 1_555 ? 
15 AC1 19 HOH C .   ? HOH A 1103 . ? 1_555 ? 
16 AC1 19 HOH C .   ? HOH A 1153 . ? 2_555 ? 
17 AC1 19 HOH C .   ? HOH A 1158 . ? 1_555 ? 
18 AC1 19 HOH C .   ? HOH A 1224 . ? 1_555 ? 
19 AC1 19 HOH C .   ? HOH A 1224 . ? 2_555 ? 
# 
_pdbx_entry_details.entry_id                   1X3K 
_pdbx_entry_details.compound_details           ? 
_pdbx_entry_details.source_details             ? 
_pdbx_entry_details.nonpolymer_details         ? 
_pdbx_entry_details.sequence_details           ? 
_pdbx_entry_details.has_ligand_of_interest     ? 
_pdbx_entry_details.has_protein_modification   Y 
# 
_pdbx_validate_torsion.id              1 
_pdbx_validate_torsion.PDB_model_num   1 
_pdbx_validate_torsion.auth_comp_id    ASP 
_pdbx_validate_torsion.auth_asym_id    A 
_pdbx_validate_torsion.auth_seq_id     23 
_pdbx_validate_torsion.PDB_ins_code    ? 
_pdbx_validate_torsion.label_alt_id    ? 
_pdbx_validate_torsion.phi             -150.81 
_pdbx_validate_torsion.psi             60.47 
# 
loop_
_chem_comp_atom.comp_id 
_chem_comp_atom.atom_id 
_chem_comp_atom.type_symbol 
_chem_comp_atom.pdbx_aromatic_flag 
_chem_comp_atom.pdbx_stereo_config 
_chem_comp_atom.pdbx_ordinal 
ALA N    N  N N 1   
ALA CA   C  N S 2   
ALA C    C  N N 3   
ALA O    O  N N 4   
ALA CB   C  N N 5   
ALA OXT  O  N N 6   
ALA H    H  N N 7   
ALA H2   H  N N 8   
ALA HA   H  N N 9   
ALA HB1  H  N N 10  
ALA HB2  H  N N 11  
ALA HB3  H  N N 12  
ALA HXT  H  N N 13  
ARG N    N  N N 14  
ARG CA   C  N S 15  
ARG C    C  N N 16  
ARG O    O  N N 17  
ARG CB   C  N N 18  
ARG CG   C  N N 19  
ARG CD   C  N N 20  
ARG NE   N  N N 21  
ARG CZ   C  N N 22  
ARG NH1  N  N N 23  
ARG NH2  N  N N 24  
ARG OXT  O  N N 25  
ARG H    H  N N 26  
ARG H2   H  N N 27  
ARG HA   H  N N 28  
ARG HB2  H  N N 29  
ARG HB3  H  N N 30  
ARG HG2  H  N N 31  
ARG HG3  H  N N 32  
ARG HD2  H  N N 33  
ARG HD3  H  N N 34  
ARG HE   H  N N 35  
ARG HH11 H  N N 36  
ARG HH12 H  N N 37  
ARG HH21 H  N N 38  
ARG HH22 H  N N 39  
ARG HXT  H  N N 40  
ASN N    N  N N 41  
ASN CA   C  N S 42  
ASN C    C  N N 43  
ASN O    O  N N 44  
ASN CB   C  N N 45  
ASN CG   C  N N 46  
ASN OD1  O  N N 47  
ASN ND2  N  N N 48  
ASN OXT  O  N N 49  
ASN H    H  N N 50  
ASN H2   H  N N 51  
ASN HA   H  N N 52  
ASN HB2  H  N N 53  
ASN HB3  H  N N 54  
ASN HD21 H  N N 55  
ASN HD22 H  N N 56  
ASN HXT  H  N N 57  
ASP N    N  N N 58  
ASP CA   C  N S 59  
ASP C    C  N N 60  
ASP O    O  N N 61  
ASP CB   C  N N 62  
ASP CG   C  N N 63  
ASP OD1  O  N N 64  
ASP OD2  O  N N 65  
ASP OXT  O  N N 66  
ASP H    H  N N 67  
ASP H2   H  N N 68  
ASP HA   H  N N 69  
ASP HB2  H  N N 70  
ASP HB3  H  N N 71  
ASP HD2  H  N N 72  
ASP HXT  H  N N 73  
CYS N    N  N N 74  
CYS CA   C  N R 75  
CYS C    C  N N 76  
CYS O    O  N N 77  
CYS CB   C  N N 78  
CYS SG   S  N N 79  
CYS OXT  O  N N 80  
CYS H    H  N N 81  
CYS H2   H  N N 82  
CYS HA   H  N N 83  
CYS HB2  H  N N 84  
CYS HB3  H  N N 85  
CYS HG   H  N N 86  
CYS HXT  H  N N 87  
GLN N    N  N N 88  
GLN CA   C  N S 89  
GLN C    C  N N 90  
GLN O    O  N N 91  
GLN CB   C  N N 92  
GLN CG   C  N N 93  
GLN CD   C  N N 94  
GLN OE1  O  N N 95  
GLN NE2  N  N N 96  
GLN OXT  O  N N 97  
GLN H    H  N N 98  
GLN H2   H  N N 99  
GLN HA   H  N N 100 
GLN HB2  H  N N 101 
GLN HB3  H  N N 102 
GLN HG2  H  N N 103 
GLN HG3  H  N N 104 
GLN HE21 H  N N 105 
GLN HE22 H  N N 106 
GLN HXT  H  N N 107 
GLU N    N  N N 108 
GLU CA   C  N S 109 
GLU C    C  N N 110 
GLU O    O  N N 111 
GLU CB   C  N N 112 
GLU CG   C  N N 113 
GLU CD   C  N N 114 
GLU OE1  O  N N 115 
GLU OE2  O  N N 116 
GLU OXT  O  N N 117 
GLU H    H  N N 118 
GLU H2   H  N N 119 
GLU HA   H  N N 120 
GLU HB2  H  N N 121 
GLU HB3  H  N N 122 
GLU HG2  H  N N 123 
GLU HG3  H  N N 124 
GLU HE2  H  N N 125 
GLU HXT  H  N N 126 
GLY N    N  N N 127 
GLY CA   C  N N 128 
GLY C    C  N N 129 
GLY O    O  N N 130 
GLY OXT  O  N N 131 
GLY H    H  N N 132 
GLY H2   H  N N 133 
GLY HA2  H  N N 134 
GLY HA3  H  N N 135 
GLY HXT  H  N N 136 
HEM CHA  C  N N 137 
HEM CHB  C  N N 138 
HEM CHC  C  N N 139 
HEM CHD  C  N N 140 
HEM C1A  C  Y N 141 
HEM C2A  C  Y N 142 
HEM C3A  C  Y N 143 
HEM C4A  C  Y N 144 
HEM CMA  C  N N 145 
HEM CAA  C  N N 146 
HEM CBA  C  N N 147 
HEM CGA  C  N N 148 
HEM O1A  O  N N 149 
HEM O2A  O  N N 150 
HEM C1B  C  N N 151 
HEM C2B  C  N N 152 
HEM C3B  C  N N 153 
HEM C4B  C  N N 154 
HEM CMB  C  N N 155 
HEM CAB  C  N N 156 
HEM CBB  C  N N 157 
HEM C1C  C  Y N 158 
HEM C2C  C  Y N 159 
HEM C3C  C  Y N 160 
HEM C4C  C  Y N 161 
HEM CMC  C  N N 162 
HEM CAC  C  N N 163 
HEM CBC  C  N N 164 
HEM C1D  C  N N 165 
HEM C2D  C  N N 166 
HEM C3D  C  N N 167 
HEM C4D  C  N N 168 
HEM CMD  C  N N 169 
HEM CAD  C  N N 170 
HEM CBD  C  N N 171 
HEM CGD  C  N N 172 
HEM O1D  O  N N 173 
HEM O2D  O  N N 174 
HEM NA   N  Y N 175 
HEM NB   N  N N 176 
HEM NC   N  Y N 177 
HEM ND   N  N N 178 
HEM FE   FE N N 179 
HEM HHB  H  N N 180 
HEM HHC  H  N N 181 
HEM HHD  H  N N 182 
HEM HMA  H  N N 183 
HEM HMAA H  N N 184 
HEM HMAB H  N N 185 
HEM HAA  H  N N 186 
HEM HAAA H  N N 187 
HEM HBA  H  N N 188 
HEM HBAA H  N N 189 
HEM HMB  H  N N 190 
HEM HMBA H  N N 191 
HEM HMBB H  N N 192 
HEM HAB  H  N N 193 
HEM HBB  H  N N 194 
HEM HBBA H  N N 195 
HEM HMC  H  N N 196 
HEM HMCA H  N N 197 
HEM HMCB H  N N 198 
HEM HAC  H  N N 199 
HEM HBC  H  N N 200 
HEM HBCA H  N N 201 
HEM HMD  H  N N 202 
HEM HMDA H  N N 203 
HEM HMDB H  N N 204 
HEM HAD  H  N N 205 
HEM HADA H  N N 206 
HEM HBD  H  N N 207 
HEM HBDA H  N N 208 
HEM H2A  H  N N 209 
HEM H2D  H  N N 210 
HEM HHA  H  N N 211 
HIS N    N  N N 212 
HIS CA   C  N S 213 
HIS C    C  N N 214 
HIS O    O  N N 215 
HIS CB   C  N N 216 
HIS CG   C  Y N 217 
HIS ND1  N  Y N 218 
HIS CD2  C  Y N 219 
HIS CE1  C  Y N 220 
HIS NE2  N  Y N 221 
HIS OXT  O  N N 222 
HIS H    H  N N 223 
HIS H2   H  N N 224 
HIS HA   H  N N 225 
HIS HB2  H  N N 226 
HIS HB3  H  N N 227 
HIS HD1  H  N N 228 
HIS HD2  H  N N 229 
HIS HE1  H  N N 230 
HIS HE2  H  N N 231 
HIS HXT  H  N N 232 
HOH O    O  N N 233 
HOH H1   H  N N 234 
HOH H2   H  N N 235 
ILE N    N  N N 236 
ILE CA   C  N S 237 
ILE C    C  N N 238 
ILE O    O  N N 239 
ILE CB   C  N S 240 
ILE CG1  C  N N 241 
ILE CG2  C  N N 242 
ILE CD1  C  N N 243 
ILE OXT  O  N N 244 
ILE H    H  N N 245 
ILE H2   H  N N 246 
ILE HA   H  N N 247 
ILE HB   H  N N 248 
ILE HG12 H  N N 249 
ILE HG13 H  N N 250 
ILE HG21 H  N N 251 
ILE HG22 H  N N 252 
ILE HG23 H  N N 253 
ILE HD11 H  N N 254 
ILE HD12 H  N N 255 
ILE HD13 H  N N 256 
ILE HXT  H  N N 257 
LEU N    N  N N 258 
LEU CA   C  N S 259 
LEU C    C  N N 260 
LEU O    O  N N 261 
LEU CB   C  N N 262 
LEU CG   C  N N 263 
LEU CD1  C  N N 264 
LEU CD2  C  N N 265 
LEU OXT  O  N N 266 
LEU H    H  N N 267 
LEU H2   H  N N 268 
LEU HA   H  N N 269 
LEU HB2  H  N N 270 
LEU HB3  H  N N 271 
LEU HG   H  N N 272 
LEU HD11 H  N N 273 
LEU HD12 H  N N 274 
LEU HD13 H  N N 275 
LEU HD21 H  N N 276 
LEU HD22 H  N N 277 
LEU HD23 H  N N 278 
LEU HXT  H  N N 279 
LYS N    N  N N 280 
LYS CA   C  N S 281 
LYS C    C  N N 282 
LYS O    O  N N 283 
LYS CB   C  N N 284 
LYS CG   C  N N 285 
LYS CD   C  N N 286 
LYS CE   C  N N 287 
LYS NZ   N  N N 288 
LYS OXT  O  N N 289 
LYS H    H  N N 290 
LYS H2   H  N N 291 
LYS HA   H  N N 292 
LYS HB2  H  N N 293 
LYS HB3  H  N N 294 
LYS HG2  H  N N 295 
LYS HG3  H  N N 296 
LYS HD2  H  N N 297 
LYS HD3  H  N N 298 
LYS HE2  H  N N 299 
LYS HE3  H  N N 300 
LYS HZ1  H  N N 301 
LYS HZ2  H  N N 302 
LYS HZ3  H  N N 303 
LYS HXT  H  N N 304 
MET N    N  N N 305 
MET CA   C  N S 306 
MET C    C  N N 307 
MET O    O  N N 308 
MET CB   C  N N 309 
MET CG   C  N N 310 
MET SD   S  N N 311 
MET CE   C  N N 312 
MET OXT  O  N N 313 
MET H    H  N N 314 
MET H2   H  N N 315 
MET HA   H  N N 316 
MET HB2  H  N N 317 
MET HB3  H  N N 318 
MET HG2  H  N N 319 
MET HG3  H  N N 320 
MET HE1  H  N N 321 
MET HE2  H  N N 322 
MET HE3  H  N N 323 
MET HXT  H  N N 324 
PHE N    N  N N 325 
PHE CA   C  N S 326 
PHE C    C  N N 327 
PHE O    O  N N 328 
PHE CB   C  N N 329 
PHE CG   C  Y N 330 
PHE CD1  C  Y N 331 
PHE CD2  C  Y N 332 
PHE CE1  C  Y N 333 
PHE CE2  C  Y N 334 
PHE CZ   C  Y N 335 
PHE OXT  O  N N 336 
PHE H    H  N N 337 
PHE H2   H  N N 338 
PHE HA   H  N N 339 
PHE HB2  H  N N 340 
PHE HB3  H  N N 341 
PHE HD1  H  N N 342 
PHE HD2  H  N N 343 
PHE HE1  H  N N 344 
PHE HE2  H  N N 345 
PHE HZ   H  N N 346 
PHE HXT  H  N N 347 
PRO N    N  N N 348 
PRO CA   C  N S 349 
PRO C    C  N N 350 
PRO O    O  N N 351 
PRO CB   C  N N 352 
PRO CG   C  N N 353 
PRO CD   C  N N 354 
PRO OXT  O  N N 355 
PRO H    H  N N 356 
PRO HA   H  N N 357 
PRO HB2  H  N N 358 
PRO HB3  H  N N 359 
PRO HG2  H  N N 360 
PRO HG3  H  N N 361 
PRO HD2  H  N N 362 
PRO HD3  H  N N 363 
PRO HXT  H  N N 364 
SER N    N  N N 365 
SER CA   C  N S 366 
SER C    C  N N 367 
SER O    O  N N 368 
SER CB   C  N N 369 
SER OG   O  N N 370 
SER OXT  O  N N 371 
SER H    H  N N 372 
SER H2   H  N N 373 
SER HA   H  N N 374 
SER HB2  H  N N 375 
SER HB3  H  N N 376 
SER HG   H  N N 377 
SER HXT  H  N N 378 
THR N    N  N N 379 
THR CA   C  N S 380 
THR C    C  N N 381 
THR O    O  N N 382 
THR CB   C  N R 383 
THR OG1  O  N N 384 
THR CG2  C  N N 385 
THR OXT  O  N N 386 
THR H    H  N N 387 
THR H2   H  N N 388 
THR HA   H  N N 389 
THR HB   H  N N 390 
THR HG1  H  N N 391 
THR HG21 H  N N 392 
THR HG22 H  N N 393 
THR HG23 H  N N 394 
THR HXT  H  N N 395 
TRP N    N  N N 396 
TRP CA   C  N S 397 
TRP C    C  N N 398 
TRP O    O  N N 399 
TRP CB   C  N N 400 
TRP CG   C  Y N 401 
TRP CD1  C  Y N 402 
TRP CD2  C  Y N 403 
TRP NE1  N  Y N 404 
TRP CE2  C  Y N 405 
TRP CE3  C  Y N 406 
TRP CZ2  C  Y N 407 
TRP CZ3  C  Y N 408 
TRP CH2  C  Y N 409 
TRP OXT  O  N N 410 
TRP H    H  N N 411 
TRP H2   H  N N 412 
TRP HA   H  N N 413 
TRP HB2  H  N N 414 
TRP HB3  H  N N 415 
TRP HD1  H  N N 416 
TRP HE1  H  N N 417 
TRP HE3  H  N N 418 
TRP HZ2  H  N N 419 
TRP HZ3  H  N N 420 
TRP HH2  H  N N 421 
TRP HXT  H  N N 422 
TYR N    N  N N 423 
TYR CA   C  N S 424 
TYR C    C  N N 425 
TYR O    O  N N 426 
TYR CB   C  N N 427 
TYR CG   C  Y N 428 
TYR CD1  C  Y N 429 
TYR CD2  C  Y N 430 
TYR CE1  C  Y N 431 
TYR CE2  C  Y N 432 
TYR CZ   C  Y N 433 
TYR OH   O  N N 434 
TYR OXT  O  N N 435 
TYR H    H  N N 436 
TYR H2   H  N N 437 
TYR HA   H  N N 438 
TYR HB2  H  N N 439 
TYR HB3  H  N N 440 
TYR HD1  H  N N 441 
TYR HD2  H  N N 442 
TYR HE1  H  N N 443 
TYR HE2  H  N N 444 
TYR HH   H  N N 445 
TYR HXT  H  N N 446 
VAL N    N  N N 447 
VAL CA   C  N S 448 
VAL C    C  N N 449 
VAL O    O  N N 450 
VAL CB   C  N N 451 
VAL CG1  C  N N 452 
VAL CG2  C  N N 453 
VAL OXT  O  N N 454 
VAL H    H  N N 455 
VAL H2   H  N N 456 
VAL HA   H  N N 457 
VAL HB   H  N N 458 
VAL HG11 H  N N 459 
VAL HG12 H  N N 460 
VAL HG13 H  N N 461 
VAL HG21 H  N N 462 
VAL HG22 H  N N 463 
VAL HG23 H  N N 464 
VAL HXT  H  N N 465 
# 
loop_
_chem_comp_bond.comp_id 
_chem_comp_bond.atom_id_1 
_chem_comp_bond.atom_id_2 
_chem_comp_bond.value_order 
_chem_comp_bond.pdbx_aromatic_flag 
_chem_comp_bond.pdbx_stereo_config 
_chem_comp_bond.pdbx_ordinal 
ALA N   CA   sing N N 1   
ALA N   H    sing N N 2   
ALA N   H2   sing N N 3   
ALA CA  C    sing N N 4   
ALA CA  CB   sing N N 5   
ALA CA  HA   sing N N 6   
ALA C   O    doub N N 7   
ALA C   OXT  sing N N 8   
ALA CB  HB1  sing N N 9   
ALA CB  HB2  sing N N 10  
ALA CB  HB3  sing N N 11  
ALA OXT HXT  sing N N 12  
ARG N   CA   sing N N 13  
ARG N   H    sing N N 14  
ARG N   H2   sing N N 15  
ARG CA  C    sing N N 16  
ARG CA  CB   sing N N 17  
ARG CA  HA   sing N N 18  
ARG C   O    doub N N 19  
ARG C   OXT  sing N N 20  
ARG CB  CG   sing N N 21  
ARG CB  HB2  sing N N 22  
ARG CB  HB3  sing N N 23  
ARG CG  CD   sing N N 24  
ARG CG  HG2  sing N N 25  
ARG CG  HG3  sing N N 26  
ARG CD  NE   sing N N 27  
ARG CD  HD2  sing N N 28  
ARG CD  HD3  sing N N 29  
ARG NE  CZ   sing N N 30  
ARG NE  HE   sing N N 31  
ARG CZ  NH1  sing N N 32  
ARG CZ  NH2  doub N N 33  
ARG NH1 HH11 sing N N 34  
ARG NH1 HH12 sing N N 35  
ARG NH2 HH21 sing N N 36  
ARG NH2 HH22 sing N N 37  
ARG OXT HXT  sing N N 38  
ASN N   CA   sing N N 39  
ASN N   H    sing N N 40  
ASN N   H2   sing N N 41  
ASN CA  C    sing N N 42  
ASN CA  CB   sing N N 43  
ASN CA  HA   sing N N 44  
ASN C   O    doub N N 45  
ASN C   OXT  sing N N 46  
ASN CB  CG   sing N N 47  
ASN CB  HB2  sing N N 48  
ASN CB  HB3  sing N N 49  
ASN CG  OD1  doub N N 50  
ASN CG  ND2  sing N N 51  
ASN ND2 HD21 sing N N 52  
ASN ND2 HD22 sing N N 53  
ASN OXT HXT  sing N N 54  
ASP N   CA   sing N N 55  
ASP N   H    sing N N 56  
ASP N   H2   sing N N 57  
ASP CA  C    sing N N 58  
ASP CA  CB   sing N N 59  
ASP CA  HA   sing N N 60  
ASP C   O    doub N N 61  
ASP C   OXT  sing N N 62  
ASP CB  CG   sing N N 63  
ASP CB  HB2  sing N N 64  
ASP CB  HB3  sing N N 65  
ASP CG  OD1  doub N N 66  
ASP CG  OD2  sing N N 67  
ASP OD2 HD2  sing N N 68  
ASP OXT HXT  sing N N 69  
CYS N   CA   sing N N 70  
CYS N   H    sing N N 71  
CYS N   H2   sing N N 72  
CYS CA  C    sing N N 73  
CYS CA  CB   sing N N 74  
CYS CA  HA   sing N N 75  
CYS C   O    doub N N 76  
CYS C   OXT  sing N N 77  
CYS CB  SG   sing N N 78  
CYS CB  HB2  sing N N 79  
CYS CB  HB3  sing N N 80  
CYS SG  HG   sing N N 81  
CYS OXT HXT  sing N N 82  
GLN N   CA   sing N N 83  
GLN N   H    sing N N 84  
GLN N   H2   sing N N 85  
GLN CA  C    sing N N 86  
GLN CA  CB   sing N N 87  
GLN CA  HA   sing N N 88  
GLN C   O    doub N N 89  
GLN C   OXT  sing N N 90  
GLN CB  CG   sing N N 91  
GLN CB  HB2  sing N N 92  
GLN CB  HB3  sing N N 93  
GLN CG  CD   sing N N 94  
GLN CG  HG2  sing N N 95  
GLN CG  HG3  sing N N 96  
GLN CD  OE1  doub N N 97  
GLN CD  NE2  sing N N 98  
GLN NE2 HE21 sing N N 99  
GLN NE2 HE22 sing N N 100 
GLN OXT HXT  sing N N 101 
GLU N   CA   sing N N 102 
GLU N   H    sing N N 103 
GLU N   H2   sing N N 104 
GLU CA  C    sing N N 105 
GLU CA  CB   sing N N 106 
GLU CA  HA   sing N N 107 
GLU C   O    doub N N 108 
GLU C   OXT  sing N N 109 
GLU CB  CG   sing N N 110 
GLU CB  HB2  sing N N 111 
GLU CB  HB3  sing N N 112 
GLU CG  CD   sing N N 113 
GLU CG  HG2  sing N N 114 
GLU CG  HG3  sing N N 115 
GLU CD  OE1  doub N N 116 
GLU CD  OE2  sing N N 117 
GLU OE2 HE2  sing N N 118 
GLU OXT HXT  sing N N 119 
GLY N   CA   sing N N 120 
GLY N   H    sing N N 121 
GLY N   H2   sing N N 122 
GLY CA  C    sing N N 123 
GLY CA  HA2  sing N N 124 
GLY CA  HA3  sing N N 125 
GLY C   O    doub N N 126 
GLY C   OXT  sing N N 127 
GLY OXT HXT  sing N N 128 
HEM CHA C1A  sing N N 129 
HEM CHA C4D  doub N N 130 
HEM CHA HHA  sing N N 131 
HEM CHB C4A  sing N N 132 
HEM CHB C1B  doub N N 133 
HEM CHB HHB  sing N N 134 
HEM CHC C4B  sing N N 135 
HEM CHC C1C  doub N N 136 
HEM CHC HHC  sing N N 137 
HEM CHD C4C  doub N N 138 
HEM CHD C1D  sing N N 139 
HEM CHD HHD  sing N N 140 
HEM C1A C2A  doub Y N 141 
HEM C1A NA   sing Y N 142 
HEM C2A C3A  sing Y N 143 
HEM C2A CAA  sing N N 144 
HEM C3A C4A  doub Y N 145 
HEM C3A CMA  sing N N 146 
HEM C4A NA   sing Y N 147 
HEM CMA HMA  sing N N 148 
HEM CMA HMAA sing N N 149 
HEM CMA HMAB sing N N 150 
HEM CAA CBA  sing N N 151 
HEM CAA HAA  sing N N 152 
HEM CAA HAAA sing N N 153 
HEM CBA CGA  sing N N 154 
HEM CBA HBA  sing N N 155 
HEM CBA HBAA sing N N 156 
HEM CGA O1A  doub N N 157 
HEM CGA O2A  sing N N 158 
HEM C1B C2B  sing N N 159 
HEM C1B NB   sing N N 160 
HEM C2B C3B  doub N N 161 
HEM C2B CMB  sing N N 162 
HEM C3B C4B  sing N N 163 
HEM C3B CAB  sing N N 164 
HEM C4B NB   doub N N 165 
HEM CMB HMB  sing N N 166 
HEM CMB HMBA sing N N 167 
HEM CMB HMBB sing N N 168 
HEM CAB CBB  doub N N 169 
HEM CAB HAB  sing N N 170 
HEM CBB HBB  sing N N 171 
HEM CBB HBBA sing N N 172 
HEM C1C C2C  sing Y N 173 
HEM C1C NC   sing Y N 174 
HEM C2C C3C  doub Y N 175 
HEM C2C CMC  sing N N 176 
HEM C3C C4C  sing Y N 177 
HEM C3C CAC  sing N N 178 
HEM C4C NC   sing Y N 179 
HEM CMC HMC  sing N N 180 
HEM CMC HMCA sing N N 181 
HEM CMC HMCB sing N N 182 
HEM CAC CBC  doub N N 183 
HEM CAC HAC  sing N N 184 
HEM CBC HBC  sing N N 185 
HEM CBC HBCA sing N N 186 
HEM C1D C2D  sing N N 187 
HEM C1D ND   doub N N 188 
HEM C2D C3D  doub N N 189 
HEM C2D CMD  sing N N 190 
HEM C3D C4D  sing N N 191 
HEM C3D CAD  sing N N 192 
HEM C4D ND   sing N N 193 
HEM CMD HMD  sing N N 194 
HEM CMD HMDA sing N N 195 
HEM CMD HMDB sing N N 196 
HEM CAD CBD  sing N N 197 
HEM CAD HAD  sing N N 198 
HEM CAD HADA sing N N 199 
HEM CBD CGD  sing N N 200 
HEM CBD HBD  sing N N 201 
HEM CBD HBDA sing N N 202 
HEM CGD O1D  doub N N 203 
HEM CGD O2D  sing N N 204 
HEM O2A H2A  sing N N 205 
HEM O2D H2D  sing N N 206 
HEM FE  NA   sing N N 207 
HEM FE  NB   sing N N 208 
HEM FE  NC   sing N N 209 
HEM FE  ND   sing N N 210 
HIS N   CA   sing N N 211 
HIS N   H    sing N N 212 
HIS N   H2   sing N N 213 
HIS CA  C    sing N N 214 
HIS CA  CB   sing N N 215 
HIS CA  HA   sing N N 216 
HIS C   O    doub N N 217 
HIS C   OXT  sing N N 218 
HIS CB  CG   sing N N 219 
HIS CB  HB2  sing N N 220 
HIS CB  HB3  sing N N 221 
HIS CG  ND1  sing Y N 222 
HIS CG  CD2  doub Y N 223 
HIS ND1 CE1  doub Y N 224 
HIS ND1 HD1  sing N N 225 
HIS CD2 NE2  sing Y N 226 
HIS CD2 HD2  sing N N 227 
HIS CE1 NE2  sing Y N 228 
HIS CE1 HE1  sing N N 229 
HIS NE2 HE2  sing N N 230 
HIS OXT HXT  sing N N 231 
HOH O   H1   sing N N 232 
HOH O   H2   sing N N 233 
ILE N   CA   sing N N 234 
ILE N   H    sing N N 235 
ILE N   H2   sing N N 236 
ILE CA  C    sing N N 237 
ILE CA  CB   sing N N 238 
ILE CA  HA   sing N N 239 
ILE C   O    doub N N 240 
ILE C   OXT  sing N N 241 
ILE CB  CG1  sing N N 242 
ILE CB  CG2  sing N N 243 
ILE CB  HB   sing N N 244 
ILE CG1 CD1  sing N N 245 
ILE CG1 HG12 sing N N 246 
ILE CG1 HG13 sing N N 247 
ILE CG2 HG21 sing N N 248 
ILE CG2 HG22 sing N N 249 
ILE CG2 HG23 sing N N 250 
ILE CD1 HD11 sing N N 251 
ILE CD1 HD12 sing N N 252 
ILE CD1 HD13 sing N N 253 
ILE OXT HXT  sing N N 254 
LEU N   CA   sing N N 255 
LEU N   H    sing N N 256 
LEU N   H2   sing N N 257 
LEU CA  C    sing N N 258 
LEU CA  CB   sing N N 259 
LEU CA  HA   sing N N 260 
LEU C   O    doub N N 261 
LEU C   OXT  sing N N 262 
LEU CB  CG   sing N N 263 
LEU CB  HB2  sing N N 264 
LEU CB  HB3  sing N N 265 
LEU CG  CD1  sing N N 266 
LEU CG  CD2  sing N N 267 
LEU CG  HG   sing N N 268 
LEU CD1 HD11 sing N N 269 
LEU CD1 HD12 sing N N 270 
LEU CD1 HD13 sing N N 271 
LEU CD2 HD21 sing N N 272 
LEU CD2 HD22 sing N N 273 
LEU CD2 HD23 sing N N 274 
LEU OXT HXT  sing N N 275 
LYS N   CA   sing N N 276 
LYS N   H    sing N N 277 
LYS N   H2   sing N N 278 
LYS CA  C    sing N N 279 
LYS CA  CB   sing N N 280 
LYS CA  HA   sing N N 281 
LYS C   O    doub N N 282 
LYS C   OXT  sing N N 283 
LYS CB  CG   sing N N 284 
LYS CB  HB2  sing N N 285 
LYS CB  HB3  sing N N 286 
LYS CG  CD   sing N N 287 
LYS CG  HG2  sing N N 288 
LYS CG  HG3  sing N N 289 
LYS CD  CE   sing N N 290 
LYS CD  HD2  sing N N 291 
LYS CD  HD3  sing N N 292 
LYS CE  NZ   sing N N 293 
LYS CE  HE2  sing N N 294 
LYS CE  HE3  sing N N 295 
LYS NZ  HZ1  sing N N 296 
LYS NZ  HZ2  sing N N 297 
LYS NZ  HZ3  sing N N 298 
LYS OXT HXT  sing N N 299 
MET N   CA   sing N N 300 
MET N   H    sing N N 301 
MET N   H2   sing N N 302 
MET CA  C    sing N N 303 
MET CA  CB   sing N N 304 
MET CA  HA   sing N N 305 
MET C   O    doub N N 306 
MET C   OXT  sing N N 307 
MET CB  CG   sing N N 308 
MET CB  HB2  sing N N 309 
MET CB  HB3  sing N N 310 
MET CG  SD   sing N N 311 
MET CG  HG2  sing N N 312 
MET CG  HG3  sing N N 313 
MET SD  CE   sing N N 314 
MET CE  HE1  sing N N 315 
MET CE  HE2  sing N N 316 
MET CE  HE3  sing N N 317 
MET OXT HXT  sing N N 318 
PHE N   CA   sing N N 319 
PHE N   H    sing N N 320 
PHE N   H2   sing N N 321 
PHE CA  C    sing N N 322 
PHE CA  CB   sing N N 323 
PHE CA  HA   sing N N 324 
PHE C   O    doub N N 325 
PHE C   OXT  sing N N 326 
PHE CB  CG   sing N N 327 
PHE CB  HB2  sing N N 328 
PHE CB  HB3  sing N N 329 
PHE CG  CD1  doub Y N 330 
PHE CG  CD2  sing Y N 331 
PHE CD1 CE1  sing Y N 332 
PHE CD1 HD1  sing N N 333 
PHE CD2 CE2  doub Y N 334 
PHE CD2 HD2  sing N N 335 
PHE CE1 CZ   doub Y N 336 
PHE CE1 HE1  sing N N 337 
PHE CE2 CZ   sing Y N 338 
PHE CE2 HE2  sing N N 339 
PHE CZ  HZ   sing N N 340 
PHE OXT HXT  sing N N 341 
PRO N   CA   sing N N 342 
PRO N   CD   sing N N 343 
PRO N   H    sing N N 344 
PRO CA  C    sing N N 345 
PRO CA  CB   sing N N 346 
PRO CA  HA   sing N N 347 
PRO C   O    doub N N 348 
PRO C   OXT  sing N N 349 
PRO CB  CG   sing N N 350 
PRO CB  HB2  sing N N 351 
PRO CB  HB3  sing N N 352 
PRO CG  CD   sing N N 353 
PRO CG  HG2  sing N N 354 
PRO CG  HG3  sing N N 355 
PRO CD  HD2  sing N N 356 
PRO CD  HD3  sing N N 357 
PRO OXT HXT  sing N N 358 
SER N   CA   sing N N 359 
SER N   H    sing N N 360 
SER N   H2   sing N N 361 
SER CA  C    sing N N 362 
SER CA  CB   sing N N 363 
SER CA  HA   sing N N 364 
SER C   O    doub N N 365 
SER C   OXT  sing N N 366 
SER CB  OG   sing N N 367 
SER CB  HB2  sing N N 368 
SER CB  HB3  sing N N 369 
SER OG  HG   sing N N 370 
SER OXT HXT  sing N N 371 
THR N   CA   sing N N 372 
THR N   H    sing N N 373 
THR N   H2   sing N N 374 
THR CA  C    sing N N 375 
THR CA  CB   sing N N 376 
THR CA  HA   sing N N 377 
THR C   O    doub N N 378 
THR C   OXT  sing N N 379 
THR CB  OG1  sing N N 380 
THR CB  CG2  sing N N 381 
THR CB  HB   sing N N 382 
THR OG1 HG1  sing N N 383 
THR CG2 HG21 sing N N 384 
THR CG2 HG22 sing N N 385 
THR CG2 HG23 sing N N 386 
THR OXT HXT  sing N N 387 
TRP N   CA   sing N N 388 
TRP N   H    sing N N 389 
TRP N   H2   sing N N 390 
TRP CA  C    sing N N 391 
TRP CA  CB   sing N N 392 
TRP CA  HA   sing N N 393 
TRP C   O    doub N N 394 
TRP C   OXT  sing N N 395 
TRP CB  CG   sing N N 396 
TRP CB  HB2  sing N N 397 
TRP CB  HB3  sing N N 398 
TRP CG  CD1  doub Y N 399 
TRP CG  CD2  sing Y N 400 
TRP CD1 NE1  sing Y N 401 
TRP CD1 HD1  sing N N 402 
TRP CD2 CE2  doub Y N 403 
TRP CD2 CE3  sing Y N 404 
TRP NE1 CE2  sing Y N 405 
TRP NE1 HE1  sing N N 406 
TRP CE2 CZ2  sing Y N 407 
TRP CE3 CZ3  doub Y N 408 
TRP CE3 HE3  sing N N 409 
TRP CZ2 CH2  doub Y N 410 
TRP CZ2 HZ2  sing N N 411 
TRP CZ3 CH2  sing Y N 412 
TRP CZ3 HZ3  sing N N 413 
TRP CH2 HH2  sing N N 414 
TRP OXT HXT  sing N N 415 
TYR N   CA   sing N N 416 
TYR N   H    sing N N 417 
TYR N   H2   sing N N 418 
TYR CA  C    sing N N 419 
TYR CA  CB   sing N N 420 
TYR CA  HA   sing N N 421 
TYR C   O    doub N N 422 
TYR C   OXT  sing N N 423 
TYR CB  CG   sing N N 424 
TYR CB  HB2  sing N N 425 
TYR CB  HB3  sing N N 426 
TYR CG  CD1  doub Y N 427 
TYR CG  CD2  sing Y N 428 
TYR CD1 CE1  sing Y N 429 
TYR CD1 HD1  sing N N 430 
TYR CD2 CE2  doub Y N 431 
TYR CD2 HD2  sing N N 432 
TYR CE1 CZ   doub Y N 433 
TYR CE1 HE1  sing N N 434 
TYR CE2 CZ   sing Y N 435 
TYR CE2 HE2  sing N N 436 
TYR CZ  OH   sing N N 437 
TYR OH  HH   sing N N 438 
TYR OXT HXT  sing N N 439 
VAL N   CA   sing N N 440 
VAL N   H    sing N N 441 
VAL N   H2   sing N N 442 
VAL CA  C    sing N N 443 
VAL CA  CB   sing N N 444 
VAL CA  HA   sing N N 445 
VAL C   O    doub N N 446 
VAL C   OXT  sing N N 447 
VAL CB  CG1  sing N N 448 
VAL CB  CG2  sing N N 449 
VAL CB  HB   sing N N 450 
VAL CG1 HG11 sing N N 451 
VAL CG1 HG12 sing N N 452 
VAL CG1 HG13 sing N N 453 
VAL CG2 HG21 sing N N 454 
VAL CG2 HG22 sing N N 455 
VAL CG2 HG23 sing N N 456 
VAL OXT HXT  sing N N 457 
# 
_atom_sites.entry_id                    1X3K 
_atom_sites.fract_transf_matrix[1][1]   -0.00900363 
_atom_sites.fract_transf_matrix[1][2]   0.00630539 
_atom_sites.fract_transf_matrix[1][3]   -0.01071588 
_atom_sites.fract_transf_matrix[2][1]   -0.00216722 
_atom_sites.fract_transf_matrix[2][2]   0.01048445 
_atom_sites.fract_transf_matrix[2][3]   0.00799014 
_atom_sites.fract_transf_matrix[3][1]   0.02375015 
_atom_sites.fract_transf_matrix[3][2]   0.01388892 
_atom_sites.fract_transf_matrix[3][3]   -0.01178275 
_atom_sites.fract_transf_vector[1]      0.211847 
_atom_sites.fract_transf_vector[2]      0.105921 
_atom_sites.fract_transf_vector[3]      0.067033 
# 
loop_
_atom_type.symbol 
C  
FE 
N  
O  
S  
# 
loop_
_atom_site.group_PDB 
_atom_site.id 
_atom_site.type_symbol 
_atom_site.label_atom_id 
_atom_site.label_alt_id 
_atom_site.label_comp_id 
_atom_site.label_asym_id 
_atom_site.label_entity_id 
_atom_site.label_seq_id 
_atom_site.pdbx_PDB_ins_code 
_atom_site.Cartn_x 
_atom_site.Cartn_y 
_atom_site.Cartn_z 
_atom_site.occupancy 
_atom_site.B_iso_or_equiv 
_atom_site.pdbx_formal_charge 
_atom_site.auth_seq_id 
_atom_site.auth_comp_id 
_atom_site.auth_asym_id 
_atom_site.auth_atom_id 
_atom_site.pdbx_PDB_model_num 
ATOM   1    N  N   . ALA A 1 1   ? -16.487 -1.414  -7.472  1.00 20.87 ? 1    ALA A N   1 
ATOM   2    C  CA  . ALA A 1 1   ? -15.931 -2.169  -8.628  1.00 20.15 ? 1    ALA A CA  1 
ATOM   3    C  C   . ALA A 1 1   ? -14.651 -1.511  -9.122  1.00 18.88 ? 1    ALA A C   1 
ATOM   4    O  O   . ALA A 1 1   ? -14.264 -0.448  -8.644  1.00 19.71 ? 1    ALA A O   1 
ATOM   5    C  CB  . ALA A 1 1   ? -16.950 -2.217  -9.752  1.00 25.20 ? 1    ALA A CB  1 
ATOM   6    N  N   . PHE A 1 2   ? -13.999 -2.148  -10.086 1.00 12.96 ? 2    PHE A N   1 
ATOM   7    C  CA  . PHE A 1 2   ? -12.768 -1.606  -10.636 1.00 11.78 ? 2    PHE A CA  1 
ATOM   8    C  C   . PHE A 1 2   ? -13.131 -0.542  -11.668 1.00 11.26 ? 2    PHE A C   1 
ATOM   9    O  O   . PHE A 1 2   ? -13.957 -0.779  -12.550 1.00 10.99 ? 2    PHE A O   1 
ATOM   10   C  CB  . PHE A 1 2   ? -11.957 -2.717  -11.301 1.00 12.26 ? 2    PHE A CB  1 
ATOM   11   C  CG  . PHE A 1 2   ? -10.539 -2.335  -11.603 1.00 10.97 ? 2    PHE A CG  1 
ATOM   12   C  CD1 . PHE A 1 2   ? -9.520  -2.629  -10.702 1.00 10.30 ? 2    PHE A CD1 1 
ATOM   13   C  CD2 . PHE A 1 2   ? -10.217 -1.685  -12.790 1.00 11.29 ? 2    PHE A CD2 1 
ATOM   14   C  CE1 . PHE A 1 2   ? -8.199  -2.283  -10.980 1.00 8.81  ? 2    PHE A CE1 1 
ATOM   15   C  CE2 . PHE A 1 2   ? -8.901  -1.334  -13.076 1.00 10.34 ? 2    PHE A CE2 1 
ATOM   16   C  CZ  . PHE A 1 2   ? -7.890  -1.633  -12.170 1.00 9.78  ? 2    PHE A CZ  1 
ATOM   17   N  N   . VAL A 1 3   ? -12.521 0.632   -11.544 1.00 10.87 ? 3    VAL A N   1 
ATOM   18   C  CA  . VAL A 1 3   ? -12.780 1.731   -12.469 1.00 10.72 ? 3    VAL A CA  1 
ATOM   19   C  C   . VAL A 1 3   ? -11.460 2.200   -13.074 1.00 10.79 ? 3    VAL A C   1 
ATOM   20   O  O   . VAL A 1 3   ? -10.629 2.798   -12.388 1.00 11.35 ? 3    VAL A O   1 
ATOM   21   C  CB  . VAL A 1 3   ? -13.456 2.922   -11.747 1.00 15.46 ? 3    VAL A CB  1 
ATOM   22   C  CG1 . VAL A 1 3   ? -13.761 4.029   -12.741 1.00 15.51 ? 3    VAL A CG1 1 
ATOM   23   C  CG2 . VAL A 1 3   ? -14.732 2.460   -11.057 1.00 15.48 ? 3    VAL A CG2 1 
ATOM   24   N  N   . GLY A 1 4   ? -11.271 1.922   -14.360 1.00 14.00 ? 4    GLY A N   1 
ATOM   25   C  CA  . GLY A 1 4   ? -10.044 2.315   -15.033 1.00 14.14 ? 4    GLY A CA  1 
ATOM   26   C  C   . GLY A 1 4   ? -9.781  3.809   -14.985 1.00 13.42 ? 4    GLY A C   1 
ATOM   27   O  O   . GLY A 1 4   ? -10.714 4.611   -14.929 1.00 14.67 ? 4    GLY A O   1 
ATOM   28   N  N   . LEU A 1 5   ? -8.506  4.185   -14.987 1.00 10.81 ? 5    LEU A N   1 
ATOM   29   C  CA  . LEU A 1 5   ? -8.123  5.591   -14.962 1.00 10.49 ? 5    LEU A CA  1 
ATOM   30   C  C   . LEU A 1 5   ? -7.868  6.088   -16.378 1.00 9.62  ? 5    LEU A C   1 
ATOM   31   O  O   . LEU A 1 5   ? -7.472  5.320   -17.244 1.00 9.72  ? 5    LEU A O   1 
ATOM   32   C  CB  . LEU A 1 5   ? -6.856  5.798   -14.125 1.00 10.08 ? 5    LEU A CB  1 
ATOM   33   C  CG  . LEU A 1 5   ? -7.004  5.911   -12.605 1.00 9.86  ? 5    LEU A CG  1 
ATOM   34   C  CD1 . LEU A 1 5   ? -7.511  4.596   -12.023 1.00 9.69  ? 5    LEU A CD1 1 
ATOM   35   C  CD2 . LEU A 1 5   ? -5.653  6.288   -11.995 1.00 11.55 ? 5    LEU A CD2 1 
ATOM   36   N  N   . SER A 1 6   ? -8.105  7.372   -16.606 1.00 11.70 ? 6    SER A N   1 
ATOM   37   C  CA  . SER A 1 6   ? -7.874  7.960   -17.921 1.00 11.49 ? 6    SER A CA  1 
ATOM   38   C  C   . SER A 1 6   ? -6.377  8.200   -18.064 1.00 12.46 ? 6    SER A C   1 
ATOM   39   O  O   . SER A 1 6   ? -5.647  8.199   -17.069 1.00 13.02 ? 6    SER A O   1 
ATOM   40   C  CB  . SER A 1 6   ? -8.605  9.297   -18.034 1.00 9.39  ? 6    SER A CB  1 
ATOM   41   O  OG  . SER A 1 6   ? -8.053  10.235  -17.126 1.00 11.04 ? 6    SER A OG  1 
ATOM   42   N  N   . ASP A 1 7   ? -5.914  8.409   -19.292 1.00 9.09  ? 7    ASP A N   1 
ATOM   43   C  CA  . ASP A 1 7   ? -4.494  8.666   -19.502 1.00 9.91  ? 7    ASP A CA  1 
ATOM   44   C  C   . ASP A 1 7   ? -4.052  9.871   -18.671 1.00 9.72  ? 7    ASP A C   1 
ATOM   45   O  O   . ASP A 1 7   ? -2.948  9.879   -18.126 1.00 9.81  ? 7    ASP A O   1 
ATOM   46   C  CB  . ASP A 1 7   ? -4.192  8.931   -20.980 1.00 12.98 ? 7    ASP A CB  1 
ATOM   47   C  CG  . ASP A 1 7   ? -4.363  7.699   -21.845 1.00 14.80 ? 7    ASP A CG  1 
ATOM   48   O  OD1 . ASP A 1 7   ? -4.233  6.569   -21.324 1.00 14.67 ? 7    ASP A OD1 1 
ATOM   49   O  OD2 . ASP A 1 7   ? -4.607  7.860   -23.057 1.00 14.46 ? 7    ASP A OD2 1 
ATOM   50   N  N   . SER A 1 8   ? -4.911  10.882  -18.568 1.00 11.70 ? 8    SER A N   1 
ATOM   51   C  CA  . SER A 1 8   ? -4.576  12.077  -17.800 1.00 12.84 ? 8    SER A CA  1 
ATOM   52   C  C   . SER A 1 8   ? -4.459  11.765  -16.311 1.00 12.38 ? 8    SER A C   1 
ATOM   53   O  O   . SER A 1 8   ? -3.567  12.279  -15.635 1.00 12.38 ? 8    SER A O   1 
ATOM   54   C  CB  . SER A 1 8   ? -5.619  13.186  -18.021 1.00 18.28 ? 8    SER A CB  1 
ATOM   55   O  OG  . SER A 1 8   ? -6.873  12.860  -17.446 1.00 22.54 ? 8    SER A OG  1 
ATOM   56   N  N   . GLU A 1 9   ? -5.354  10.923  -15.800 1.00 9.87  ? 9    GLU A N   1 
ATOM   57   C  CA  . GLU A 1 9   ? -5.315  10.560  -14.385 1.00 9.93  ? 9    GLU A CA  1 
ATOM   58   C  C   . GLU A 1 9   ? -4.095  9.693   -14.103 1.00 8.58  ? 9    GLU A C   1 
ATOM   59   O  O   . GLU A 1 9   ? -3.523  9.744   -13.012 1.00 8.31  ? 9    GLU A O   1 
ATOM   60   C  CB  . GLU A 1 9   ? -6.599  9.826   -13.986 1.00 13.12 ? 9    GLU A CB  1 
ATOM   61   C  CG  . GLU A 1 9   ? -7.837  10.710  -14.069 1.00 15.05 ? 9    GLU A CG  1 
ATOM   62   C  CD  . GLU A 1 9   ? -9.122  9.960   -13.795 1.00 15.56 ? 9    GLU A CD  1 
ATOM   63   O  OE1 . GLU A 1 9   ? -9.257  8.823   -14.290 1.00 14.90 ? 9    GLU A OE1 1 
ATOM   64   O  OE2 . GLU A 1 9   ? -10.000 10.513  -13.098 1.00 17.79 ? 9    GLU A OE2 1 
ATOM   65   N  N   . GLU A 1 10  ? -3.701  8.894   -15.086 1.00 9.73  ? 10   GLU A N   1 
ATOM   66   C  CA  . GLU A 1 10  ? -2.528  8.040   -14.935 1.00 9.06  ? 10   GLU A CA  1 
ATOM   67   C  C   . GLU A 1 10  ? -1.306  8.925   -14.718 1.00 9.30  ? 10   GLU A C   1 
ATOM   68   O  O   . GLU A 1 10  ? -0.463  8.642   -13.871 1.00 8.45  ? 10   GLU A O   1 
ATOM   69   C  CB  . GLU A 1 10  ? -2.333  7.185   -16.185 1.00 12.17 ? 10   GLU A CB  1 
ATOM   70   C  CG  . GLU A 1 10  ? -3.323  6.051   -16.311 1.00 14.00 ? 10   GLU A CG  1 
ATOM   71   C  CD  . GLU A 1 10  ? -3.313  5.436   -17.690 1.00 15.95 ? 10   GLU A CD  1 
ATOM   72   O  OE1 . GLU A 1 10  ? -2.231  5.395   -18.312 1.00 19.44 ? 10   GLU A OE1 1 
ATOM   73   O  OE2 . GLU A 1 10  ? -4.378  4.986   -18.143 1.00 14.86 ? 10   GLU A OE2 1 
ATOM   74   N  N   . LYS A 1 11  ? -1.219  10.002  -15.490 1.00 8.43  ? 11   LYS A N   1 
ATOM   75   C  CA  . LYS A 1 11  ? -0.098  10.924  -15.363 1.00 8.77  ? 11   LYS A CA  1 
ATOM   76   C  C   . LYS A 1 11  ? -0.134  11.595  -13.992 1.00 9.06  ? 11   LYS A C   1 
ATOM   77   O  O   . LYS A 1 11  ? 0.906   11.795  -13.359 1.00 9.53  ? 11   LYS A O   1 
ATOM   78   C  CB  . LYS A 1 11  ? -0.152  11.975  -16.475 1.00 11.85 ? 11   LYS A CB  1 
ATOM   79   C  CG  . LYS A 1 11  ? 0.953   13.013  -16.403 1.00 15.16 ? 11   LYS A CG  1 
ATOM   80   C  CD  . LYS A 1 11  ? 0.883   13.967  -17.583 1.00 18.19 ? 11   LYS A CD  1 
ATOM   81   C  CE  . LYS A 1 11  ? 1.932   15.060  -17.466 1.00 21.14 ? 11   LYS A CE  1 
ATOM   82   N  NZ  . LYS A 1 11  ? 1.723   15.888  -16.250 1.00 23.25 ? 11   LYS A NZ  1 
ATOM   83   N  N   . LEU A 1 12  ? -1.333  11.942  -13.532 1.00 7.92  ? 12   LEU A N   1 
ATOM   84   C  CA  . LEU A 1 12  ? -1.479  12.576  -12.226 1.00 8.08  ? 12   LEU A CA  1 
ATOM   85   C  C   . LEU A 1 12  ? -0.996  11.646  -11.116 1.00 7.47  ? 12   LEU A C   1 
ATOM   86   O  O   . LEU A 1 12  ? -0.356  12.089  -10.164 1.00 7.54  ? 12   LEU A O   1 
ATOM   87   C  CB  . LEU A 1 12  ? -2.940  12.961  -11.973 1.00 9.28  ? 12   LEU A CB  1 
ATOM   88   C  CG  . LEU A 1 12  ? -3.498  14.124  -12.801 1.00 10.20 ? 12   LEU A CG  1 
ATOM   89   C  CD1 . LEU A 1 12  ? -4.995  14.250  -12.570 1.00 9.73  ? 12   LEU A CD1 1 
ATOM   90   C  CD2 . LEU A 1 12  ? -2.786  15.413  -12.418 1.00 10.72 ? 12   LEU A CD2 1 
ATOM   91   N  N   . VAL A 1 13  ? -1.312  10.359  -11.238 1.00 8.28  ? 13   VAL A N   1 
ATOM   92   C  CA  . VAL A 1 13  ? -0.893  9.381   -10.239 1.00 8.14  ? 13   VAL A CA  1 
ATOM   93   C  C   . VAL A 1 13  ? 0.628   9.252   -10.249 1.00 7.84  ? 13   VAL A C   1 
ATOM   94   O  O   . VAL A 1 13  ? 1.265   9.248   -9.197  1.00 7.26  ? 13   VAL A O   1 
ATOM   95   C  CB  . VAL A 1 13  ? -1.535  7.990   -10.502 1.00 9.43  ? 13   VAL A CB  1 
ATOM   96   C  CG1 . VAL A 1 13  ? -0.878  6.922   -9.628  1.00 9.46  ? 13   VAL A CG1 1 
ATOM   97   C  CG2 . VAL A 1 13  ? -3.033  8.047   -10.201 1.00 11.02 ? 13   VAL A CG2 1 
ATOM   98   N  N   . ARG A 1 14  ? 1.206   9.149   -11.442 1.00 8.83  ? 14   ARG A N   1 
ATOM   99   C  CA  . ARG A 1 14  ? 2.653   9.031   -11.563 1.00 9.00  ? 14   ARG A CA  1 
ATOM   100  C  C   . ARG A 1 14  ? 3.324   10.252  -10.941 1.00 8.42  ? 14   ARG A C   1 
ATOM   101  O  O   . ARG A 1 14  ? 4.288   10.126  -10.185 1.00 9.52  ? 14   ARG A O   1 
ATOM   102  C  CB  . ARG A 1 14  ? 3.057   8.905   -13.034 1.00 11.57 ? 14   ARG A CB  1 
ATOM   103  C  CG  . ARG A 1 14  ? 2.516   7.661   -13.719 1.00 16.08 ? 14   ARG A CG  1 
ATOM   104  C  CD  . ARG A 1 14  ? 2.988   7.556   -15.168 1.00 19.52 ? 14   ARG A CD  1 
ATOM   105  N  NE  . ARG A 1 14  ? 2.449   6.365   -15.826 1.00 22.77 ? 14   ARG A NE  1 
ATOM   106  C  CZ  . ARG A 1 14  ? 1.466   6.375   -16.721 1.00 23.49 ? 14   ARG A CZ  1 
ATOM   107  N  NH1 . ARG A 1 14  ? 0.901   7.519   -17.084 1.00 24.89 ? 14   ARG A NH1 1 
ATOM   108  N  NH2 . ARG A 1 14  ? 1.038   5.233   -17.251 1.00 23.71 ? 14   ARG A NH2 1 
ATOM   109  N  N   . ASP A 1 15  ? 2.806   11.437  -11.244 1.00 7.75  ? 15   ASP A N   1 
ATOM   110  C  CA  . ASP A 1 15  ? 3.389   12.654  -10.695 1.00 7.98  ? 15   ASP A CA  1 
ATOM   111  C  C   . ASP A 1 15  ? 3.199   12.746  -9.181  1.00 8.21  ? 15   ASP A C   1 
ATOM   112  O  O   . ASP A 1 15  ? 4.093   13.194  -8.459  1.00 8.32  ? 15   ASP A O   1 
ATOM   113  C  CB  . ASP A 1 15  ? 2.787   13.890  -11.379 1.00 10.04 ? 15   ASP A CB  1 
ATOM   114  C  CG  . ASP A 1 15  ? 3.259   14.048  -12.816 1.00 12.12 ? 15   ASP A CG  1 
ATOM   115  O  OD1 . ASP A 1 15  ? 4.201   13.334  -13.219 1.00 14.95 ? 15   ASP A OD1 1 
ATOM   116  O  OD2 . ASP A 1 15  ? 2.699   14.896  -13.544 1.00 13.99 ? 15   ASP A OD2 1 
ATOM   117  N  N   . ALA A 1 16  ? 2.040   12.305  -8.699  1.00 8.51  ? 16   ALA A N   1 
ATOM   118  C  CA  . ALA A 1 16  ? 1.750   12.346  -7.270  1.00 7.98  ? 16   ALA A CA  1 
ATOM   119  C  C   . ALA A 1 16  ? 2.712   11.462  -6.489  1.00 7.91  ? 16   ALA A C   1 
ATOM   120  O  O   . ALA A 1 16  ? 3.136   11.803  -5.381  1.00 8.27  ? 16   ALA A O   1 
ATOM   121  C  CB  . ALA A 1 16  ? 0.313   11.891  -7.020  1.00 8.09  ? 16   ALA A CB  1 
ATOM   122  N  N   . TRP A 1 17  ? 3.062   10.329  -7.086  1.00 7.89  ? 17   TRP A N   1 
ATOM   123  C  CA  . TRP A 1 17  ? 3.945   9.352   -6.464  1.00 8.13  ? 17   TRP A CA  1 
ATOM   124  C  C   . TRP A 1 17  ? 5.435   9.640   -6.664  1.00 8.13  ? 17   TRP A C   1 
ATOM   125  O  O   . TRP A 1 17  ? 6.268   9.115   -5.933  1.00 7.74  ? 17   TRP A O   1 
ATOM   126  C  CB  . TRP A 1 17  ? 3.593   7.970   -7.022  1.00 8.73  ? 17   TRP A CB  1 
ATOM   127  C  CG  . TRP A 1 17  ? 4.340   6.814   -6.434  1.00 8.82  ? 17   TRP A CG  1 
ATOM   128  C  CD1 . TRP A 1 17  ? 5.287   6.053   -7.059  1.00 8.13  ? 17   TRP A CD1 1 
ATOM   129  C  CD2 . TRP A 1 17  ? 4.141   6.229   -5.143  1.00 8.98  ? 17   TRP A CD2 1 
ATOM   130  N  NE1 . TRP A 1 17  ? 5.681   5.023   -6.240  1.00 9.02  ? 17   TRP A NE1 1 
ATOM   131  C  CE2 . TRP A 1 17  ? 4.995   5.107   -5.057  1.00 8.69  ? 17   TRP A CE2 1 
ATOM   132  C  CE3 . TRP A 1 17  ? 3.323   6.542   -4.049  1.00 8.65  ? 17   TRP A CE3 1 
ATOM   133  C  CZ2 . TRP A 1 17  ? 5.051   4.291   -3.919  1.00 8.76  ? 17   TRP A CZ2 1 
ATOM   134  C  CZ3 . TRP A 1 17  ? 3.377   5.729   -2.917  1.00 8.68  ? 17   TRP A CZ3 1 
ATOM   135  C  CH2 . TRP A 1 17  ? 4.237   4.617   -2.864  1.00 8.96  ? 17   TRP A CH2 1 
ATOM   136  N  N   . ALA A 1 18  ? 5.759   10.488  -7.637  1.00 10.04 ? 18   ALA A N   1 
ATOM   137  C  CA  . ALA A 1 18  ? 7.151   10.821  -7.956  1.00 10.85 ? 18   ALA A CA  1 
ATOM   138  C  C   . ALA A 1 18  ? 8.071   11.075  -6.755  1.00 10.69 ? 18   ALA A C   1 
ATOM   139  O  O   . ALA A 1 18  ? 9.154   10.490  -6.666  1.00 10.06 ? 18   ALA A O   1 
ATOM   140  C  CB  . ALA A 1 18  ? 7.195   12.017  -8.916  1.00 13.40 ? 18   ALA A CB  1 
ATOM   141  N  N   . PRO A 1 19  ? 7.665   11.955  -5.826  1.00 9.59  ? 19   PRO A N   1 
ATOM   142  C  CA  . PRO A 1 19  ? 8.508   12.233  -4.657  1.00 9.97  ? 19   PRO A CA  1 
ATOM   143  C  C   . PRO A 1 19  ? 8.854   10.964  -3.886  1.00 10.36 ? 19   PRO A C   1 
ATOM   144  O  O   . PRO A 1 19  ? 10.001  10.764  -3.473  1.00 10.74 ? 19   PRO A O   1 
ATOM   145  C  CB  . PRO A 1 19  ? 7.649   13.192  -3.834  1.00 13.30 ? 19   PRO A CB  1 
ATOM   146  C  CG  . PRO A 1 19  ? 6.883   13.929  -4.884  1.00 13.29 ? 19   PRO A CG  1 
ATOM   147  C  CD  . PRO A 1 19  ? 6.467   12.814  -5.820  1.00 12.53 ? 19   PRO A CD  1 
ATOM   148  N  N   . ILE A 1 20  ? 7.858   10.106  -3.689  1.00 7.72  ? 20   ILE A N   1 
ATOM   149  C  CA  . ILE A 1 20  ? 8.072   8.859   -2.967  1.00 6.91  ? 20   ILE A CA  1 
ATOM   150  C  C   . ILE A 1 20  ? 8.889   7.879   -3.802  1.00 7.00  ? 20   ILE A C   1 
ATOM   151  O  O   . ILE A 1 20  ? 9.767   7.194   -3.281  1.00 7.44  ? 20   ILE A O   1 
ATOM   152  C  CB  . ILE A 1 20  ? 6.725   8.216   -2.558  1.00 8.08  ? 20   ILE A CB  1 
ATOM   153  C  CG1 . ILE A 1 20  ? 6.074   9.059   -1.457  1.00 7.67  ? 20   ILE A CG1 1 
ATOM   154  C  CG2 . ILE A 1 20  ? 6.942   6.785   -2.088  1.00 8.49  ? 20   ILE A CG2 1 
ATOM   155  C  CD1 . ILE A 1 20  ? 4.675   8.606   -1.067  1.00 8.25  ? 20   ILE A CD1 1 
ATOM   156  N  N   . HIS A 1 21  ? 8.615   7.825   -5.102  1.00 8.41  ? 21   HIS A N   1 
ATOM   157  C  CA  . HIS A 1 21  ? 9.352   6.923   -5.977  1.00 8.08  ? 21   HIS A CA  1 
ATOM   158  C  C   . HIS A 1 21  ? 10.850  7.223   -5.914  1.00 8.05  ? 21   HIS A C   1 
ATOM   159  O  O   . HIS A 1 21  ? 11.673  6.310   -5.991  1.00 8.45  ? 21   HIS A O   1 
ATOM   160  C  CB  . HIS A 1 21  ? 8.869   7.069   -7.420  1.00 9.20  ? 21   HIS A CB  1 
ATOM   161  C  CG  . HIS A 1 21  ? 9.618   6.216   -8.397  1.00 9.99  ? 21   HIS A CG  1 
ATOM   162  N  ND1 . HIS A 1 21  ? 9.481   4.846   -8.446  1.00 9.80  ? 21   HIS A ND1 1 
ATOM   163  C  CD2 . HIS A 1 21  ? 10.531  6.538   -9.342  1.00 11.20 ? 21   HIS A CD2 1 
ATOM   164  C  CE1 . HIS A 1 21  ? 10.276  4.360   -9.382  1.00 10.98 ? 21   HIS A CE1 1 
ATOM   165  N  NE2 . HIS A 1 21  ? 10.925  5.365   -9.941  1.00 11.60 ? 21   HIS A NE2 1 
ATOM   166  N  N   . GLY A 1 22  ? 11.186  8.504   -5.774  1.00 9.00  ? 22   GLY A N   1 
ATOM   167  C  CA  . GLY A 1 22  ? 12.574  8.929   -5.715  1.00 9.36  ? 22   GLY A CA  1 
ATOM   168  C  C   . GLY A 1 22  ? 13.270  8.678   -4.390  1.00 10.24 ? 22   GLY A C   1 
ATOM   169  O  O   . GLY A 1 22  ? 14.478  8.862   -4.274  1.00 9.73  ? 22   GLY A O   1 
ATOM   170  N  N   . ASP A 1 23  ? 12.502  8.278   -3.382  1.00 10.39 ? 23   ASP A N   1 
ATOM   171  C  CA  . ASP A 1 23  ? 13.042  7.967   -2.061  1.00 11.17 ? 23   ASP A CA  1 
ATOM   172  C  C   . ASP A 1 23  ? 12.103  6.919   -1.487  1.00 10.55 ? 23   ASP A C   1 
ATOM   173  O  O   . ASP A 1 23  ? 11.481  7.115   -0.441  1.00 10.46 ? 23   ASP A O   1 
ATOM   174  C  CB  . ASP A 1 23  ? 13.065  9.204   -1.156  1.00 13.58 ? 23   ASP A CB  1 
ATOM   175  C  CG  . ASP A 1 23  ? 13.705  8.920   0.198   1.00 14.75 ? 23   ASP A CG  1 
ATOM   176  O  OD1 . ASP A 1 23  ? 14.226  7.801   0.391   1.00 15.45 ? 23   ASP A OD1 1 
ATOM   177  O  OD2 . ASP A 1 23  ? 13.693  9.816   1.065   1.00 17.57 ? 23   ASP A OD2 1 
ATOM   178  N  N   . LEU A 1 24  ? 12.019  5.796   -2.189  1.00 8.44  ? 24   LEU A N   1 
ATOM   179  C  CA  . LEU A 1 24  ? 11.123  4.719   -1.807  1.00 8.08  ? 24   LEU A CA  1 
ATOM   180  C  C   . LEU A 1 24  ? 11.391  4.106   -0.436  1.00 7.93  ? 24   LEU A C   1 
ATOM   181  O  O   . LEU A 1 24  ? 10.477  4.012   0.383   1.00 7.15  ? 24   LEU A O   1 
ATOM   182  C  CB  . LEU A 1 24  ? 11.141  3.624   -2.879  1.00 10.17 ? 24   LEU A CB  1 
ATOM   183  C  CG  . LEU A 1 24  ? 9.966   2.644   -2.853  1.00 10.42 ? 24   LEU A CG  1 
ATOM   184  C  CD1 . LEU A 1 24  ? 8.676   3.389   -3.181  1.00 10.29 ? 24   LEU A CD1 1 
ATOM   185  C  CD2 . LEU A 1 24  ? 10.200  1.536   -3.866  1.00 11.22 ? 24   LEU A CD2 1 
ATOM   186  N  N   . GLN A 1 25  ? 12.632  3.699   -0.179  1.00 9.35  ? 25   GLN A N   1 
ATOM   187  C  CA  . GLN A 1 25  ? 12.963  3.083   1.104   1.00 9.90  ? 25   GLN A CA  1 
ATOM   188  C  C   . GLN A 1 25  ? 12.840  4.062   2.262   1.00 8.68  ? 25   GLN A C   1 
ATOM   189  O  O   . GLN A 1 25  ? 12.334  3.709   3.327   1.00 8.77  ? 25   GLN A O   1 
ATOM   190  C  CB  . GLN A 1 25  ? 14.381  2.507   1.081   1.00 11.23 ? 25   GLN A CB  1 
ATOM   191  C  CG  . GLN A 1 25  ? 14.732  1.677   2.313   1.00 12.61 ? 25   GLN A CG  1 
ATOM   192  C  CD  . GLN A 1 25  ? 13.862  0.440   2.446   1.00 13.49 ? 25   GLN A CD  1 
ATOM   193  O  OE1 . GLN A 1 25  ? 13.786  -0.374  1.527   1.00 14.07 ? 25   GLN A OE1 1 
ATOM   194  N  NE2 . GLN A 1 25  ? 13.208  0.290   3.594   1.00 11.92 ? 25   GLN A NE2 1 
ATOM   195  N  N   . GLY A 1 26  ? 13.316  5.288   2.053   1.00 8.77  ? 26   GLY A N   1 
ATOM   196  C  CA  . GLY A 1 26  ? 13.243  6.298   3.094   1.00 9.10  ? 26   GLY A CA  1 
ATOM   197  C  C   . GLY A 1 26  ? 11.804  6.597   3.471   1.00 9.39  ? 26   GLY A C   1 
ATOM   198  O  O   . GLY A 1 26  ? 11.453  6.664   4.655   1.00 9.01  ? 26   GLY A O   1 
ATOM   199  N  N   . THR A 1 27  ? 10.965  6.782   2.459   1.00 8.68  ? 27   THR A N   1 
ATOM   200  C  CA  . THR A 1 27  ? 9.554   7.056   2.689   1.00 8.57  ? 27   THR A CA  1 
ATOM   201  C  C   . THR A 1 27  ? 8.933   5.867   3.411   1.00 8.04  ? 27   THR A C   1 
ATOM   202  O  O   . THR A 1 27  ? 8.204   6.034   4.389   1.00 7.54  ? 27   THR A O   1 
ATOM   203  C  CB  . THR A 1 27  ? 8.799   7.265   1.362   1.00 12.52 ? 27   THR A CB  1 
ATOM   204  O  OG1 . THR A 1 27  ? 9.324   8.413   0.686   1.00 13.95 ? 27   THR A OG1 1 
ATOM   205  C  CG2 . THR A 1 27  ? 7.311   7.474   1.626   1.00 13.32 ? 27   THR A CG2 1 
ATOM   206  N  N   . ALA A 1 28  ? 9.227   4.668   2.918   1.00 7.31  ? 28   ALA A N   1 
ATOM   207  C  CA  . ALA A 1 28  ? 8.697   3.444   3.506   1.00 7.46  ? 28   ALA A CA  1 
ATOM   208  C  C   . ALA A 1 28  ? 8.995   3.373   5.001   1.00 8.19  ? 28   ALA A C   1 
ATOM   209  O  O   . ALA A 1 28  ? 8.097   3.129   5.805   1.00 8.62  ? 28   ALA A O   1 
ATOM   210  C  CB  . ALA A 1 28  ? 9.281   2.230   2.799   1.00 8.17  ? 28   ALA A CB  1 
ATOM   211  N  N   . ASN A 1 29  ? 10.254  3.589   5.372   1.00 8.62  ? 29   ASN A N   1 
ATOM   212  C  CA  . ASN A 1 29  ? 10.634  3.529   6.784   1.00 8.67  ? 29   ASN A CA  1 
ATOM   213  C  C   . ASN A 1 29  ? 9.841   4.514   7.640   1.00 8.55  ? 29   ASN A C   1 
ATOM   214  O  O   . ASN A 1 29  ? 9.378   4.173   8.732   1.00 8.40  ? 29   ASN A O   1 
ATOM   215  C  CB  . ASN A 1 29  ? 12.131  3.814   6.960   1.00 8.42  ? 29   ASN A CB  1 
ATOM   216  C  CG  . ASN A 1 29  ? 13.016  2.766   6.308   1.00 8.65  ? 29   ASN A CG  1 
ATOM   217  O  OD1 . ASN A 1 29  ? 12.615  1.618   6.128   1.00 10.47 ? 29   ASN A OD1 1 
ATOM   218  N  ND2 . ASN A 1 29  ? 14.241  3.155   5.975   1.00 9.20  ? 29   ASN A ND2 1 
ATOM   219  N  N   . THR A 1 30  ? 9.684   5.735   7.143   1.00 6.62  ? 30   THR A N   1 
ATOM   220  C  CA  . THR A 1 30  ? 8.963   6.770   7.875   1.00 6.51  ? 30   THR A CA  1 
ATOM   221  C  C   . THR A 1 30  ? 7.469   6.473   7.998   1.00 6.47  ? 30   THR A C   1 
ATOM   222  O  O   . THR A 1 30  ? 6.905   6.524   9.092   1.00 6.35  ? 30   THR A O   1 
ATOM   223  C  CB  . THR A 1 30  ? 9.156   8.139   7.199   1.00 10.24 ? 30   THR A CB  1 
ATOM   224  O  OG1 . THR A 1 30  ? 10.547  8.480   7.218   1.00 11.96 ? 30   THR A OG1 1 
ATOM   225  C  CG2 . THR A 1 30  ? 8.365   9.217   7.930   1.00 10.63 ? 30   THR A CG2 1 
ATOM   226  N  N   . VAL A 1 31  ? 6.833   6.158   6.876   1.00 7.13  ? 31   VAL A N   1 
ATOM   227  C  CA  . VAL A 1 31  ? 5.403   5.866   6.873   1.00 8.50  ? 31   VAL A CA  1 
ATOM   228  C  C   . VAL A 1 31  ? 5.062   4.646   7.718   1.00 8.43  ? 31   VAL A C   1 
ATOM   229  O  O   . VAL A 1 31  ? 4.086   4.658   8.469   1.00 8.28  ? 31   VAL A O   1 
ATOM   230  C  CB  . VAL A 1 31  ? 4.882   5.637   5.435   1.00 8.73  ? 31   VAL A CB  1 
ATOM   231  C  CG1 . VAL A 1 31  ? 3.453   5.097   5.469   1.00 10.64 ? 31   VAL A CG1 1 
ATOM   232  C  CG2 . VAL A 1 31  ? 4.930   6.938   4.662   1.00 8.80  ? 31   VAL A CG2 1 
ATOM   233  N  N   . PHE A 1 32  ? 5.859   3.590   7.596   1.00 7.29  ? 32   PHE A N   1 
ATOM   234  C  CA  . PHE A 1 32  ? 5.600   2.382   8.363   1.00 7.44  ? 32   PHE A CA  1 
ATOM   235  C  C   . PHE A 1 32  ? 5.754   2.674   9.856   1.00 6.70  ? 32   PHE A C   1 
ATOM   236  O  O   . PHE A 1 32  ? 4.966   2.195   10.677  1.00 6.60  ? 32   PHE A O   1 
ATOM   237  C  CB  . PHE A 1 32  ? 6.550   1.262   7.922   1.00 9.65  ? 32   PHE A CB  1 
ATOM   238  C  CG  . PHE A 1 32  ? 6.174   -0.096  8.449   1.00 9.95  ? 32   PHE A CG  1 
ATOM   239  C  CD1 . PHE A 1 32  ? 4.875   -0.580  8.301   1.00 10.46 ? 32   PHE A CD1 1 
ATOM   240  C  CD2 . PHE A 1 32  ? 7.121   -0.900  9.075   1.00 11.10 ? 32   PHE A CD2 1 
ATOM   241  C  CE1 . PHE A 1 32  ? 4.521   -1.850  8.771   1.00 11.69 ? 32   PHE A CE1 1 
ATOM   242  C  CE2 . PHE A 1 32  ? 6.781   -2.173  9.550   1.00 12.10 ? 32   PHE A CE2 1 
ATOM   243  C  CZ  . PHE A 1 32  ? 5.479   -2.647  9.396   1.00 11.84 ? 32   PHE A CZ  1 
ATOM   244  N  N   . TYR A 1 33  ? 6.760   3.466   10.212  1.00 8.38  ? 33   TYR A N   1 
ATOM   245  C  CA  . TYR A 1 33  ? 6.964   3.820   11.613  1.00 8.57  ? 33   TYR A CA  1 
ATOM   246  C  C   . TYR A 1 33  ? 5.771   4.632   12.112  1.00 8.45  ? 33   TYR A C   1 
ATOM   247  O  O   . TYR A 1 33  ? 5.217   4.349   13.177  1.00 8.12  ? 33   TYR A O   1 
ATOM   248  C  CB  . TYR A 1 33  ? 8.238   4.650   11.785  1.00 8.67  ? 33   TYR A CB  1 
ATOM   249  C  CG  . TYR A 1 33  ? 8.414   5.199   13.186  1.00 10.14 ? 33   TYR A CG  1 
ATOM   250  C  CD1 . TYR A 1 33  ? 8.945   4.410   14.205  1.00 10.99 ? 33   TYR A CD1 1 
ATOM   251  C  CD2 . TYR A 1 33  ? 8.032   6.503   13.495  1.00 10.47 ? 33   TYR A CD2 1 
ATOM   252  C  CE1 . TYR A 1 33  ? 9.094   4.908   15.502  1.00 12.27 ? 33   TYR A CE1 1 
ATOM   253  C  CE2 . TYR A 1 33  ? 8.176   7.010   14.790  1.00 11.68 ? 33   TYR A CE2 1 
ATOM   254  C  CZ  . TYR A 1 33  ? 8.708   6.207   15.782  1.00 12.05 ? 33   TYR A CZ  1 
ATOM   255  O  OH  . TYR A 1 33  ? 8.866   6.713   17.054  1.00 13.60 ? 33   TYR A OH  1 
ATOM   256  N  N   . ASN A 1 34  ? 5.375   5.644   11.347  1.00 7.83  ? 34   ASN A N   1 
ATOM   257  C  CA  . ASN A 1 34  ? 4.245   6.474   11.747  1.00 7.47  ? 34   ASN A CA  1 
ATOM   258  C  C   . ASN A 1 34  ? 2.960   5.663   11.862  1.00 7.26  ? 34   ASN A C   1 
ATOM   259  O  O   . ASN A 1 34  ? 2.119   5.935   12.717  1.00 7.15  ? 34   ASN A O   1 
ATOM   260  C  CB  . ASN A 1 34  ? 4.054   7.633   10.765  1.00 8.91  ? 34   ASN A CB  1 
ATOM   261  C  CG  . ASN A 1 34  ? 5.169   8.659   10.856  1.00 8.21  ? 34   ASN A CG  1 
ATOM   262  O  OD1 . ASN A 1 34  ? 5.795   8.818   11.905  1.00 10.96 ? 34   ASN A OD1 1 
ATOM   263  N  ND2 . ASN A 1 34  ? 5.412   9.373   9.761   1.00 9.15  ? 34   ASN A ND2 1 
ATOM   264  N  N   . TYR A 1 35  ? 2.814   4.668   10.995  1.00 5.66  ? 35   TYR A N   1 
ATOM   265  C  CA  . TYR A 1 35  ? 1.640   3.804   11.012  1.00 5.77  ? 35   TYR A CA  1 
ATOM   266  C  C   . TYR A 1 35  ? 1.602   2.996   12.307  1.00 6.13  ? 35   TYR A C   1 
ATOM   267  O  O   . TYR A 1 35  ? 0.579   2.958   12.998  1.00 5.81  ? 35   TYR A O   1 
ATOM   268  C  CB  . TYR A 1 35  ? 1.679   2.858   9.812   1.00 5.78  ? 35   TYR A CB  1 
ATOM   269  C  CG  . TYR A 1 35  ? 0.616   1.782   9.826   1.00 5.13  ? 35   TYR A CG  1 
ATOM   270  C  CD1 . TYR A 1 35  ? -0.737  2.104   9.740   1.00 5.02  ? 35   TYR A CD1 1 
ATOM   271  C  CD2 . TYR A 1 35  ? 0.969   0.433   9.900   1.00 4.88  ? 35   TYR A CD2 1 
ATOM   272  C  CE1 . TYR A 1 35  ? -1.709  1.112   9.722   1.00 5.93  ? 35   TYR A CE1 1 
ATOM   273  C  CE2 . TYR A 1 35  ? 0.008   -0.564  9.884   1.00 5.60  ? 35   TYR A CE2 1 
ATOM   274  C  CZ  . TYR A 1 35  ? -1.330  -0.219  9.792   1.00 5.27  ? 35   TYR A CZ  1 
ATOM   275  O  OH  . TYR A 1 35  ? -2.275  -1.215  9.749   1.00 6.06  ? 35   TYR A OH  1 
ATOM   276  N  N   . LEU A 1 36  ? 2.719   2.356   12.642  1.00 5.30  ? 36   LEU A N   1 
ATOM   277  C  CA  . LEU A 1 36  ? 2.768   1.542   13.851  1.00 6.13  ? 36   LEU A CA  1 
ATOM   278  C  C   . LEU A 1 36  ? 2.733   2.373   15.129  1.00 6.01  ? 36   LEU A C   1 
ATOM   279  O  O   . LEU A 1 36  ? 2.331   1.883   16.184  1.00 7.04  ? 36   LEU A O   1 
ATOM   280  C  CB  . LEU A 1 36  ? 4.004   0.636   13.841  1.00 7.05  ? 36   LEU A CB  1 
ATOM   281  C  CG  . LEU A 1 36  ? 4.049   -0.417  12.729  1.00 7.57  ? 36   LEU A CG  1 
ATOM   282  C  CD1 . LEU A 1 36  ? 5.262   -1.307  12.942  1.00 7.53  ? 36   LEU A CD1 1 
ATOM   283  C  CD2 . LEU A 1 36  ? 2.770   -1.250  12.735  1.00 7.07  ? 36   LEU A CD2 1 
ATOM   284  N  N   . LYS A 1 37  ? 3.142   3.634   15.039  1.00 6.37  ? 37   LYS A N   1 
ATOM   285  C  CA  . LYS A 1 37  ? 3.119   4.491   16.213  1.00 6.84  ? 37   LYS A CA  1 
ATOM   286  C  C   . LYS A 1 37  ? 1.707   5.023   16.462  1.00 6.86  ? 37   LYS A C   1 
ATOM   287  O  O   . LYS A 1 37  ? 1.257   5.094   17.605  1.00 8.69  ? 37   LYS A O   1 
ATOM   288  C  CB  . LYS A 1 37  ? 4.106   5.651   16.047  1.00 10.98 ? 37   LYS A CB  1 
ATOM   289  C  CG  . LYS A 1 37  ? 4.208   6.541   17.278  1.00 14.89 ? 37   LYS A CG  1 
ATOM   290  C  CD  . LYS A 1 37  ? 5.384   7.497   17.186  1.00 18.70 ? 37   LYS A CD  1 
ATOM   291  C  CE  . LYS A 1 37  ? 5.457   8.385   18.419  1.00 21.76 ? 37   LYS A CE  1 
ATOM   292  N  NZ  . LYS A 1 37  ? 5.550   7.584   19.674  1.00 23.70 ? 37   LYS A NZ  1 
ATOM   293  N  N   . LYS A 1 38  ? 1.001   5.371   15.389  1.00 7.26  ? 38   LYS A N   1 
ATOM   294  C  CA  . LYS A 1 38  ? -0.357  5.892   15.507  1.00 7.13  ? 38   LYS A CA  1 
ATOM   295  C  C   . LYS A 1 38  ? -1.374  4.791   15.788  1.00 6.97  ? 38   LYS A C   1 
ATOM   296  O  O   . LYS A 1 38  ? -2.351  5.007   16.505  1.00 8.67  ? 38   LYS A O   1 
ATOM   297  C  CB  . LYS A 1 38  ? -0.741  6.643   14.227  1.00 7.64  ? 38   LYS A CB  1 
ATOM   298  C  CG  . LYS A 1 38  ? -2.113  7.288   14.280  1.00 7.65  ? 38   LYS A CG  1 
ATOM   299  C  CD  . LYS A 1 38  ? -2.333  8.199   13.080  1.00 9.22  ? 38   LYS A CD  1 
ATOM   300  C  CE  . LYS A 1 38  ? -3.715  8.840   13.124  1.00 11.96 ? 38   LYS A CE  1 
ATOM   301  N  NZ  . LYS A 1 38  ? -3.937  9.737   11.959  1.00 13.12 ? 38   LYS A NZ  1 
ATOM   302  N  N   . TYR A 1 39  ? -1.132  3.604   15.233  1.00 7.47  ? 39   TYR A N   1 
ATOM   303  C  CA  . TYR A 1 39  ? -2.030  2.461   15.411  1.00 7.10  ? 39   TYR A CA  1 
ATOM   304  C  C   . TYR A 1 39  ? -1.183  1.288   15.909  1.00 5.85  ? 39   TYR A C   1 
ATOM   305  O  O   . TYR A 1 39  ? -0.965  0.314   15.184  1.00 6.12  ? 39   TYR A O   1 
ATOM   306  C  CB  . TYR A 1 39  ? -2.672  2.103   14.076  1.00 6.81  ? 39   TYR A CB  1 
ATOM   307  C  CG  . TYR A 1 39  ? -3.361  3.266   13.400  1.00 7.23  ? 39   TYR A CG  1 
ATOM   308  C  CD1 . TYR A 1 39  ? -4.616  3.697   13.822  1.00 7.92  ? 39   TYR A CD1 1 
ATOM   309  C  CD2 . TYR A 1 39  ? -2.754  3.938   12.335  1.00 6.81  ? 39   TYR A CD2 1 
ATOM   310  C  CE1 . TYR A 1 39  ? -5.254  4.762   13.201  1.00 8.91  ? 39   TYR A CE1 1 
ATOM   311  C  CE2 . TYR A 1 39  ? -3.383  5.010   11.709  1.00 8.11  ? 39   TYR A CE2 1 
ATOM   312  C  CZ  . TYR A 1 39  ? -4.634  5.415   12.146  1.00 8.76  ? 39   TYR A CZ  1 
ATOM   313  O  OH  . TYR A 1 39  ? -5.272  6.468   11.524  1.00 11.05 ? 39   TYR A OH  1 
ATOM   314  N  N   . PRO A 1 40  ? -0.708  1.359   17.162  1.00 6.01  ? 40   PRO A N   1 
ATOM   315  C  CA  . PRO A 1 40  ? 0.131   0.325   17.778  1.00 6.70  ? 40   PRO A CA  1 
ATOM   316  C  C   . PRO A 1 40  ? -0.364  -1.115  17.822  1.00 6.11  ? 40   PRO A C   1 
ATOM   317  O  O   . PRO A 1 40  ? 0.436   -2.039  17.937  1.00 6.92  ? 40   PRO A O   1 
ATOM   318  C  CB  . PRO A 1 40  ? 0.415   0.891   19.179  1.00 8.35  ? 40   PRO A CB  1 
ATOM   319  C  CG  . PRO A 1 40  ? -0.750  1.754   19.468  1.00 8.04  ? 40   PRO A CG  1 
ATOM   320  C  CD  . PRO A 1 40  ? -1.022  2.427   18.124  1.00 7.88  ? 40   PRO A CD  1 
ATOM   321  N  N   . SER A 1 41  ? -1.670  -1.322  17.734  1.00 7.86  ? 41   SER A N   1 
ATOM   322  C  CA  . SER A 1 41  ? -2.188  -2.676  17.775  1.00 7.77  ? 41   SER A CA  1 
ATOM   323  C  C   . SER A 1 41  ? -1.652  -3.484  16.603  1.00 7.83  ? 41   SER A C   1 
ATOM   324  O  O   . SER A 1 41  ? -1.545  -4.707  16.674  1.00 9.37  ? 41   SER A O   1 
ATOM   325  C  CB  . SER A 1 41  ? -3.714  -2.670  17.734  1.00 9.87  ? 41   SER A CB  1 
ATOM   326  O  OG  . SER A 1 41  ? -4.197  -2.119  16.515  1.00 9.78  ? 41   SER A OG  1 
ATOM   327  N  N   . ASN A 1 42  ? -1.297  -2.795  15.524  1.00 7.06  ? 42   ASN A N   1 
ATOM   328  C  CA  . ASN A 1 42  ? -0.807  -3.467  14.329  1.00 6.53  ? 42   ASN A CA  1 
ATOM   329  C  C   . ASN A 1 42  ? 0.602   -4.034  14.400  1.00 7.50  ? 42   ASN A C   1 
ATOM   330  O  O   . ASN A 1 42  ? 0.952   -4.905  13.603  1.00 8.14  ? 42   ASN A O   1 
ATOM   331  C  CB  . ASN A 1 42  ? -0.921  -2.524  13.131  1.00 6.80  ? 42   ASN A CB  1 
ATOM   332  C  CG  . ASN A 1 42  ? -2.352  -2.145  12.837  1.00 7.32  ? 42   ASN A CG  1 
ATOM   333  O  OD1 . ASN A 1 42  ? -2.739  -0.974  12.924  1.00 9.02  ? 42   ASN A OD1 1 
ATOM   334  N  ND2 . ASN A 1 42  ? -3.155  -3.139  12.496  1.00 6.32  ? 42   ASN A ND2 1 
ATOM   335  N  N   . GLN A 1 43  ? 1.419   -3.569  15.339  1.00 6.22  ? 43   GLN A N   1 
ATOM   336  C  CA  . GLN A 1 43  ? 2.783   -4.083  15.409  1.00 6.87  ? 43   GLN A CA  1 
ATOM   337  C  C   . GLN A 1 43  ? 2.816   -5.583  15.672  1.00 7.36  ? 43   GLN A C   1 
ATOM   338  O  O   . GLN A 1 43  ? 3.640   -6.302  15.100  1.00 7.73  ? 43   GLN A O   1 
ATOM   339  C  CB  . GLN A 1 43  ? 3.598   -3.360  16.478  1.00 9.63  ? 43   GLN A CB  1 
ATOM   340  C  CG  . GLN A 1 43  ? 5.088   -3.675  16.378  1.00 9.19  ? 43   GLN A CG  1 
ATOM   341  C  CD  . GLN A 1 43  ? 5.924   -2.872  17.349  1.00 11.09 ? 43   GLN A CD  1 
ATOM   342  O  OE1 . GLN A 1 43  ? 5.622   -1.717  17.631  1.00 12.87 ? 43   GLN A OE1 1 
ATOM   343  N  NE2 . GLN A 1 43  ? 6.997   -3.479  17.854  1.00 12.67 ? 43   GLN A NE2 1 
ATOM   344  N  N   . ASP A 1 44  ? 1.913   -6.057  16.523  1.00 8.46  ? 44   ASP A N   1 
ATOM   345  C  CA  . ASP A 1 44  ? 1.857   -7.478  16.857  1.00 9.55  ? 44   ASP A CA  1 
ATOM   346  C  C   . ASP A 1 44  ? 1.511   -8.361  15.667  1.00 9.73  ? 44   ASP A C   1 
ATOM   347  O  O   . ASP A 1 44  ? 1.782   -9.560  15.690  1.00 10.72 ? 44   ASP A O   1 
ATOM   348  C  CB  . ASP A 1 44  ? 0.840   -7.739  17.972  1.00 10.35 ? 44   ASP A CB  1 
ATOM   349  C  CG  . ASP A 1 44  ? 1.389   -7.441  19.357  1.00 10.75 ? 44   ASP A CG  1 
ATOM   350  O  OD1 . ASP A 1 44  ? 2.603   -7.179  19.484  1.00 10.28 ? 44   ASP A OD1 1 
ATOM   351  O  OD2 . ASP A 1 44  ? 0.597   -7.483  20.322  1.00 12.09 ? 44   ASP A OD2 1 
ATOM   352  N  N   . LYS A 1 45  ? 0.900   -7.783  14.635  1.00 8.40  ? 45   LYS A N   1 
ATOM   353  C  CA  . LYS A 1 45  ? 0.544   -8.565  13.452  1.00 8.89  ? 45   LYS A CA  1 
ATOM   354  C  C   . LYS A 1 45  ? 1.808   -9.042  12.742  1.00 8.65  ? 45   LYS A C   1 
ATOM   355  O  O   . LYS A 1 45  ? 1.805   -10.081 12.081  1.00 8.96  ? 45   LYS A O   1 
ATOM   356  C  CB  . LYS A 1 45  ? -0.307  -7.728  12.493  1.00 10.87 ? 45   LYS A CB  1 
ATOM   357  C  CG  . LYS A 1 45  ? -1.616  -7.235  13.084  1.00 12.67 ? 45   LYS A CG  1 
ATOM   358  C  CD  . LYS A 1 45  ? -2.509  -8.391  13.515  1.00 14.09 ? 45   LYS A CD  1 
ATOM   359  C  CE  . LYS A 1 45  ? -3.817  -7.894  14.115  1.00 16.50 ? 45   LYS A CE  1 
ATOM   360  N  NZ  . LYS A 1 45  ? -4.683  -9.025  14.553  1.00 17.28 ? 45   LYS A NZ  1 
ATOM   361  N  N   . PHE A 1 46  ? 2.885   -8.276  12.884  1.00 7.93  ? 46   PHE A N   1 
ATOM   362  C  CA  . PHE A 1 46  ? 4.169   -8.613  12.276  1.00 8.62  ? 46   PHE A CA  1 
ATOM   363  C  C   . PHE A 1 46  ? 4.971   -9.405  13.297  1.00 9.54  ? 46   PHE A C   1 
ATOM   364  O  O   . PHE A 1 46  ? 5.598   -8.831  14.185  1.00 9.10  ? 46   PHE A O   1 
ATOM   365  C  CB  . PHE A 1 46  ? 4.912   -7.336  11.897  1.00 7.56  ? 46   PHE A CB  1 
ATOM   366  C  CG  . PHE A 1 46  ? 4.180   -6.494  10.901  1.00 8.63  ? 46   PHE A CG  1 
ATOM   367  C  CD1 . PHE A 1 46  ? 4.346   -6.704  9.536   1.00 9.99  ? 46   PHE A CD1 1 
ATOM   368  C  CD2 . PHE A 1 46  ? 3.298   -5.507  11.324  1.00 9.42  ? 46   PHE A CD2 1 
ATOM   369  C  CE1 . PHE A 1 46  ? 3.642   -5.938  8.613   1.00 9.31  ? 46   PHE A CE1 1 
ATOM   370  C  CE2 . PHE A 1 46  ? 2.586   -4.735  10.408  1.00 8.50  ? 46   PHE A CE2 1 
ATOM   371  C  CZ  . PHE A 1 46  ? 2.757   -4.949  9.051   1.00 8.51  ? 46   PHE A CZ  1 
ATOM   372  N  N   . GLU A 1 47  ? 4.941   -10.728 13.166  1.00 11.36 ? 47   GLU A N   1 
ATOM   373  C  CA  . GLU A 1 47  ? 5.635   -11.619 14.091  1.00 13.27 ? 47   GLU A CA  1 
ATOM   374  C  C   . GLU A 1 47  ? 7.098   -11.281 14.388  1.00 13.39 ? 47   GLU A C   1 
ATOM   375  O  O   . GLU A 1 47  ? 7.589   -11.581 15.474  1.00 14.63 ? 47   GLU A O   1 
ATOM   376  C  CB  . GLU A 1 47  ? 5.543   -13.064 13.590  1.00 18.90 ? 47   GLU A CB  1 
ATOM   377  C  CG  . GLU A 1 47  ? 4.138   -13.668 13.601  1.00 22.23 ? 47   GLU A CG  1 
ATOM   378  C  CD  . GLU A 1 47  ? 3.575   -13.845 15.002  1.00 23.59 ? 47   GLU A CD  1 
ATOM   379  O  OE1 . GLU A 1 47  ? 4.371   -14.017 15.950  1.00 24.50 ? 47   GLU A OE1 1 
ATOM   380  O  OE2 . GLU A 1 47  ? 2.337   -13.830 15.153  1.00 24.36 ? 47   GLU A OE2 1 
ATOM   381  N  N   . THR A 1 48  ? 7.797   -10.665 13.439  1.00 15.25 ? 48   THR A N   1 
ATOM   382  C  CA  . THR A 1 48  ? 9.202   -10.321 13.661  1.00 15.59 ? 48   THR A CA  1 
ATOM   383  C  C   . THR A 1 48  ? 9.376   -9.053  14.488  1.00 15.39 ? 48   THR A C   1 
ATOM   384  O  O   . THR A 1 48  ? 10.453  -8.797  15.031  1.00 16.30 ? 48   THR A O   1 
ATOM   385  C  CB  . THR A 1 48  ? 9.953   -10.113 12.335  1.00 19.28 ? 48   THR A CB  1 
ATOM   386  O  OG1 . THR A 1 48  ? 9.325   -9.067  11.585  1.00 19.19 ? 48   THR A OG1 1 
ATOM   387  C  CG2 . THR A 1 48  ? 9.960   -11.383 11.527  1.00 18.89 ? 48   THR A CG2 1 
ATOM   388  N  N   . LEU A 1 49  ? 8.316   -8.259  14.584  1.00 11.30 ? 49   LEU A N   1 
ATOM   389  C  CA  . LEU A 1 49  ? 8.375   -7.012  15.335  1.00 11.58 ? 49   LEU A CA  1 
ATOM   390  C  C   . LEU A 1 49  ? 7.714   -7.164  16.693  1.00 11.74 ? 49   LEU A C   1 
ATOM   391  O  O   . LEU A 1 49  ? 7.933   -6.362  17.597  1.00 11.03 ? 49   LEU A O   1 
ATOM   392  C  CB  . LEU A 1 49  ? 7.671   -5.901  14.555  1.00 12.10 ? 49   LEU A CB  1 
ATOM   393  C  CG  . LEU A 1 49  ? 8.124   -5.686  13.112  1.00 12.20 ? 49   LEU A CG  1 
ATOM   394  C  CD1 . LEU A 1 49  ? 7.343   -4.521  12.503  1.00 11.21 ? 49   LEU A CD1 1 
ATOM   395  C  CD2 . LEU A 1 49  ? 9.623   -5.403  13.084  1.00 11.26 ? 49   LEU A CD2 1 
ATOM   396  N  N   . LYS A 1 50  ? 6.903   -8.207  16.820  1.00 15.11 ? 50   LYS A N   1 
ATOM   397  C  CA  . LYS A 1 50  ? 6.167   -8.482  18.045  1.00 16.27 ? 50   LYS A CA  1 
ATOM   398  C  C   . LYS A 1 50  ? 7.046   -8.658  19.280  1.00 16.97 ? 50   LYS A C   1 
ATOM   399  O  O   . LYS A 1 50  ? 8.051   -9.374  19.249  1.00 17.04 ? 50   LYS A O   1 
ATOM   400  C  CB  . LYS A 1 50  ? 5.294   -9.726  17.835  1.00 18.08 ? 50   LYS A CB  1 
ATOM   401  C  CG  . LYS A 1 50  ? 4.435   -10.113 19.018  1.00 20.06 ? 50   LYS A CG  1 
ATOM   402  C  CD  . LYS A 1 50  ? 3.482   -11.232 18.642  1.00 22.19 ? 50   LYS A CD  1 
ATOM   403  C  CE  . LYS A 1 50  ? 2.577   -11.597 19.800  1.00 24.64 ? 50   LYS A CE  1 
ATOM   404  N  NZ  . LYS A 1 50  ? 1.568   -12.573 19.318  1.00 26.91 ? 50   LYS A NZ  1 
ATOM   405  N  N   . GLY A 1 51  ? 6.663   -7.984  20.362  1.00 17.94 ? 51   GLY A N   1 
ATOM   406  C  CA  . GLY A 1 51  ? 7.396   -8.092  21.609  1.00 18.38 ? 51   GLY A CA  1 
ATOM   407  C  C   . GLY A 1 51  ? 8.525   -7.108  21.851  1.00 18.73 ? 51   GLY A C   1 
ATOM   408  O  O   . GLY A 1 51  ? 9.189   -7.171  22.889  1.00 19.77 ? 51   GLY A O   1 
ATOM   409  N  N   . HIS A 1 52  ? 8.749   -6.194  20.913  1.00 14.42 ? 52   HIS A N   1 
ATOM   410  C  CA  . HIS A 1 52  ? 9.820   -5.216  21.056  1.00 14.64 ? 52   HIS A CA  1 
ATOM   411  C  C   . HIS A 1 52  ? 9.278   -3.790  20.999  1.00 11.89 ? 52   HIS A C   1 
ATOM   412  O  O   . HIS A 1 52  ? 8.276   -3.527  20.335  1.00 10.96 ? 52   HIS A O   1 
ATOM   413  C  CB  . HIS A 1 52  ? 10.843  -5.382  19.929  1.00 23.24 ? 52   HIS A CB  1 
ATOM   414  C  CG  . HIS A 1 52  ? 11.329  -6.787  19.745  1.00 27.34 ? 52   HIS A CG  1 
ATOM   415  N  ND1 . HIS A 1 52  ? 12.120  -7.431  20.671  1.00 29.50 ? 52   HIS A ND1 1 
ATOM   416  C  CD2 . HIS A 1 52  ? 11.148  -7.665  18.730  1.00 28.72 ? 52   HIS A CD2 1 
ATOM   417  C  CE1 . HIS A 1 52  ? 12.406  -8.645  20.235  1.00 30.25 ? 52   HIS A CE1 1 
ATOM   418  N  NE2 . HIS A 1 52  ? 11.828  -8.812  19.059  1.00 30.64 ? 52   HIS A NE2 1 
ATOM   419  N  N   . PRO A 1 53  ? 9.925   -2.853  21.710  1.00 12.75 ? 53   PRO A N   1 
ATOM   420  C  CA  . PRO A 1 53  ? 9.449   -1.468  21.675  1.00 10.92 ? 53   PRO A CA  1 
ATOM   421  C  C   . PRO A 1 53  ? 9.624   -0.976  20.239  1.00 10.87 ? 53   PRO A C   1 
ATOM   422  O  O   . PRO A 1 53  ? 10.625  -1.294  19.597  1.00 11.25 ? 53   PRO A O   1 
ATOM   423  C  CB  . PRO A 1 53  ? 10.394  -0.752  22.640  1.00 13.94 ? 53   PRO A CB  1 
ATOM   424  C  CG  . PRO A 1 53  ? 10.744  -1.828  23.624  1.00 14.88 ? 53   PRO A CG  1 
ATOM   425  C  CD  . PRO A 1 53  ? 10.980  -3.020  22.726  1.00 14.82 ? 53   PRO A CD  1 
ATOM   426  N  N   . LEU A 1 54  ? 8.665   -0.211  19.730  1.00 9.37  ? 54   LEU A N   1 
ATOM   427  C  CA  . LEU A 1 54  ? 8.756   0.282   18.356  1.00 9.55  ? 54   LEU A CA  1 
ATOM   428  C  C   . LEU A 1 54  ? 10.060  1.016   18.039  1.00 10.96 ? 54   LEU A C   1 
ATOM   429  O  O   . LEU A 1 54  ? 10.673  0.779   16.994  1.00 9.88  ? 54   LEU A O   1 
ATOM   430  C  CB  . LEU A 1 54  ? 7.576   1.204   18.039  1.00 11.36 ? 54   LEU A CB  1 
ATOM   431  C  CG  . LEU A 1 54  ? 7.545   1.729   16.599  1.00 10.80 ? 54   LEU A CG  1 
ATOM   432  C  CD1 . LEU A 1 54  ? 7.473   0.553   15.628  1.00 10.51 ? 54   LEU A CD1 1 
ATOM   433  C  CD2 . LEU A 1 54  ? 6.347   2.647   16.413  1.00 10.95 ? 54   LEU A CD2 1 
ATOM   434  N  N   . ASP A 1 55  ? 10.485  1.908   18.929  1.00 11.43 ? 55   ASP A N   1 
ATOM   435  C  CA  . ASP A 1 55  ? 11.711  2.665   18.688  1.00 14.06 ? 55   ASP A CA  1 
ATOM   436  C  C   . ASP A 1 55  ? 12.943  1.779   18.679  1.00 14.74 ? 55   ASP A C   1 
ATOM   437  O  O   . ASP A 1 55  ? 14.014  2.189   18.229  1.00 15.67 ? 55   ASP A O   1 
ATOM   438  C  CB  . ASP A 1 55  ? 11.878  3.771   19.731  1.00 20.65 ? 55   ASP A CB  1 
ATOM   439  C  CG  . ASP A 1 55  ? 10.879  4.893   19.549  1.00 22.13 ? 55   ASP A CG  1 
ATOM   440  O  OD1 . ASP A 1 55  ? 10.590  5.240   18.386  1.00 23.43 ? 55   ASP A OD1 1 
ATOM   441  O  OD2 . ASP A 1 55  ? 10.390  5.438   20.560  1.00 24.68 ? 55   ASP A OD2 1 
ATOM   442  N  N   . GLU A 1 56  ? 12.783  0.559   19.174  1.00 17.64 ? 56   GLU A N   1 
ATOM   443  C  CA  . GLU A 1 56  ? 13.873  -0.403  19.214  1.00 20.12 ? 56   GLU A CA  1 
ATOM   444  C  C   . GLU A 1 56  ? 14.008  -1.135  17.882  1.00 19.56 ? 56   GLU A C   1 
ATOM   445  O  O   . GLU A 1 56  ? 15.117  -1.370  17.403  1.00 22.08 ? 56   GLU A O   1 
ATOM   446  C  CB  . GLU A 1 56  ? 13.624  -1.414  20.332  1.00 27.96 ? 56   GLU A CB  1 
ATOM   447  C  CG  . GLU A 1 56  ? 14.563  -2.604  20.338  1.00 34.27 ? 56   GLU A CG  1 
ATOM   448  C  CD  . GLU A 1 56  ? 14.283  -3.539  21.498  1.00 37.40 ? 56   GLU A CD  1 
ATOM   449  O  OE1 . GLU A 1 56  ? 14.278  -3.059  22.652  1.00 39.37 ? 56   GLU A OE1 1 
ATOM   450  O  OE2 . GLU A 1 56  ? 14.070  -4.748  21.261  1.00 39.66 ? 56   GLU A OE2 1 
ATOM   451  N  N   . VAL A 1 57  ? 12.879  -1.489  17.281  1.00 13.16 ? 57   VAL A N   1 
ATOM   452  C  CA  . VAL A 1 57  ? 12.890  -2.217  16.018  1.00 12.05 ? 57   VAL A CA  1 
ATOM   453  C  C   . VAL A 1 57  ? 12.957  -1.348  14.767  1.00 11.22 ? 57   VAL A C   1 
ATOM   454  O  O   . VAL A 1 57  ? 13.318  -1.834  13.696  1.00 9.84  ? 57   VAL A O   1 
ATOM   455  C  CB  . VAL A 1 57  ? 11.654  -3.132  15.890  1.00 17.10 ? 57   VAL A CB  1 
ATOM   456  C  CG1 . VAL A 1 57  ? 11.624  -4.122  17.037  1.00 17.98 ? 57   VAL A CG1 1 
ATOM   457  C  CG2 . VAL A 1 57  ? 10.384  -2.296  15.865  1.00 16.33 ? 57   VAL A CG2 1 
ATOM   458  N  N   . LYS A 1 58  ? 12.622  -0.069  14.896  1.00 13.37 ? 58   LYS A N   1 
ATOM   459  C  CA  . LYS A 1 58  ? 12.627  0.828   13.741  1.00 14.87 ? 58   LYS A CA  1 
ATOM   460  C  C   . LYS A 1 58  ? 13.955  0.902   12.987  1.00 15.90 ? 58   LYS A C   1 
ATOM   461  O  O   . LYS A 1 58  ? 13.972  1.157   11.783  1.00 14.45 ? 58   LYS A O   1 
ATOM   462  C  CB  . LYS A 1 58  ? 12.215  2.239   14.164  1.00 20.96 ? 58   LYS A CB  1 
ATOM   463  C  CG  . LYS A 1 58  ? 13.219  2.945   15.057  1.00 23.13 ? 58   LYS A CG  1 
ATOM   464  C  CD  . LYS A 1 58  ? 12.744  4.344   15.412  1.00 25.96 ? 58   LYS A CD  1 
ATOM   465  C  CE  . LYS A 1 58  ? 13.778  5.078   16.255  1.00 28.58 ? 58   LYS A CE  1 
ATOM   466  N  NZ  . LYS A 1 58  ? 13.286  6.414   16.694  1.00 30.41 ? 58   LYS A NZ  1 
ATOM   467  N  N   . ASP A 1 59  ? 15.066  0.674   13.682  1.00 19.80 ? 59   ASP A N   1 
ATOM   468  C  CA  . ASP A 1 59  ? 16.375  0.742   13.038  1.00 21.93 ? 59   ASP A CA  1 
ATOM   469  C  C   . ASP A 1 59  ? 16.932  -0.602  12.584  1.00 21.81 ? 59   ASP A C   1 
ATOM   470  O  O   . ASP A 1 59  ? 18.081  -0.682  12.139  1.00 22.14 ? 59   ASP A O   1 
ATOM   471  C  CB  . ASP A 1 59  ? 17.386  1.420   13.966  1.00 33.59 ? 59   ASP A CB  1 
ATOM   472  C  CG  . ASP A 1 59  ? 16.982  2.832   14.333  1.00 36.58 ? 59   ASP A CG  1 
ATOM   473  O  OD1 . ASP A 1 59  ? 16.646  3.610   13.413  1.00 39.24 ? 59   ASP A OD1 1 
ATOM   474  O  OD2 . ASP A 1 59  ? 17.009  3.166   15.537  1.00 40.32 ? 59   ASP A OD2 1 
ATOM   475  N  N   . THR A 1 60  ? 16.131  -1.655  12.690  1.00 17.56 ? 60   THR A N   1 
ATOM   476  C  CA  . THR A 1 60  ? 16.585  -2.980  12.283  1.00 17.25 ? 60   THR A CA  1 
ATOM   477  C  C   . THR A 1 60  ? 16.333  -3.242  10.800  1.00 17.69 ? 60   THR A C   1 
ATOM   478  O  O   . THR A 1 60  ? 15.406  -2.687  10.213  1.00 16.61 ? 60   THR A O   1 
ATOM   479  C  CB  . THR A 1 60  ? 15.874  -4.083  13.090  1.00 19.68 ? 60   THR A CB  1 
ATOM   480  O  OG1 . THR A 1 60  ? 14.467  -4.057  12.812  1.00 18.69 ? 60   THR A OG1 1 
ATOM   481  C  CG2 . THR A 1 60  ? 16.097  -3.879  14.585  1.00 19.74 ? 60   THR A CG2 1 
ATOM   482  N  N   . ALA A 1 61  ? 17.172  -4.087  10.202  1.00 23.76 ? 61   ALA A N   1 
ATOM   483  C  CA  . ALA A 1 61  ? 17.028  -4.433  8.790   1.00 24.18 ? 61   ALA A CA  1 
ATOM   484  C  C   . ALA A 1 61  ? 15.667  -5.075  8.558   1.00 24.17 ? 61   ALA A C   1 
ATOM   485  O  O   . ALA A 1 61  ? 15.004  -4.821  7.554   1.00 24.67 ? 61   ALA A O   1 
ATOM   486  C  CB  . ALA A 1 61  ? 18.143  -5.391  8.368   1.00 28.78 ? 61   ALA A CB  1 
ATOM   487  N  N   . ASN A 1 62  ? 15.253  -5.896  9.510   1.00 20.99 ? 62   ASN A N   1 
ATOM   488  C  CA  . ASN A 1 62  ? 13.982  -6.597  9.441   1.00 20.97 ? 62   ASN A CA  1 
ATOM   489  C  C   . ASN A 1 62  ? 12.793  -5.647  9.281   1.00 18.85 ? 62   ASN A C   1 
ATOM   490  O  O   . ASN A 1 62  ? 11.901  -5.868  8.453   1.00 18.91 ? 62   ASN A O   1 
ATOM   491  C  CB  . ASN A 1 62  ? 13.822  -7.439  10.701  1.00 30.33 ? 62   ASN A CB  1 
ATOM   492  C  CG  . ASN A 1 62  ? 12.517  -8.174  10.739  1.00 32.63 ? 62   ASN A CG  1 
ATOM   493  O  OD1 . ASN A 1 62  ? 11.663  -7.904  11.584  1.00 35.08 ? 62   ASN A OD1 1 
ATOM   494  N  ND2 . ASN A 1 62  ? 12.349  -9.117  9.820   1.00 34.58 ? 62   ASN A ND2 1 
ATOM   495  N  N   . PHE A 1 63  ? 12.777  -4.596  10.094  1.00 13.94 ? 63   PHE A N   1 
ATOM   496  C  CA  . PHE A 1 63  ? 11.724  -3.593  10.045  1.00 10.77 ? 63   PHE A CA  1 
ATOM   497  C  C   . PHE A 1 63  ? 11.760  -2.917  8.673   1.00 10.15 ? 63   PHE A C   1 
ATOM   498  O  O   . PHE A 1 63  ? 10.729  -2.731  8.024   1.00 8.07  ? 63   PHE A O   1 
ATOM   499  C  CB  . PHE A 1 63  ? 11.961  -2.557  11.152  1.00 11.85 ? 63   PHE A CB  1 
ATOM   500  C  CG  . PHE A 1 63  ? 11.032  -1.371  11.105  1.00 11.41 ? 63   PHE A CG  1 
ATOM   501  C  CD1 . PHE A 1 63  ? 9.874   -1.342  11.880  1.00 12.25 ? 63   PHE A CD1 1 
ATOM   502  C  CD2 . PHE A 1 63  ? 11.332  -0.268  10.306  1.00 9.82  ? 63   PHE A CD2 1 
ATOM   503  C  CE1 . PHE A 1 63  ? 9.029   -0.229  11.865  1.00 11.90 ? 63   PHE A CE1 1 
ATOM   504  C  CE2 . PHE A 1 63  ? 10.493  0.849   10.283  1.00 11.93 ? 63   PHE A CE2 1 
ATOM   505  C  CZ  . PHE A 1 63  ? 9.339   0.867   11.067  1.00 12.12 ? 63   PHE A CZ  1 
ATOM   506  N  N   . LYS A 1 64  ? 12.964  -2.568  8.238   1.00 8.96  ? 64   LYS A N   1 
ATOM   507  C  CA  . LYS A 1 64  ? 13.157  -1.899  6.962   1.00 9.70  ? 64   LYS A CA  1 
ATOM   508  C  C   . LYS A 1 64  ? 12.789  -2.776  5.771   1.00 10.40 ? 64   LYS A C   1 
ATOM   509  O  O   . LYS A 1 64  ? 12.294  -2.275  4.767   1.00 9.59  ? 64   LYS A O   1 
ATOM   510  C  CB  . LYS A 1 64  ? 14.604  -1.416  6.855   1.00 13.65 ? 64   LYS A CB  1 
ATOM   511  C  CG  . LYS A 1 64  ? 14.973  -0.426  7.951   1.00 14.59 ? 64   LYS A CG  1 
ATOM   512  C  CD  . LYS A 1 64  ? 16.461  -0.110  7.970   1.00 16.99 ? 64   LYS A CD  1 
ATOM   513  C  CE  . LYS A 1 64  ? 16.810  0.752   9.175   1.00 19.15 ? 64   LYS A CE  1 
ATOM   514  N  NZ  . LYS A 1 64  ? 18.282  0.959   9.307   1.00 19.83 ? 64   LYS A NZ  1 
ATOM   515  N  N   . LEU A 1 65  ? 13.018  -4.080  5.887   1.00 11.10 ? 65   LEU A N   1 
ATOM   516  C  CA  . LEU A 1 65  ? 12.689  -5.001  4.808   1.00 13.51 ? 65   LEU A CA  1 
ATOM   517  C  C   . LEU A 1 65  ? 11.177  -5.033  4.624   1.00 12.62 ? 65   LEU A C   1 
ATOM   518  O  O   . LEU A 1 65  ? 10.673  -4.987  3.502   1.00 11.34 ? 65   LEU A O   1 
ATOM   519  C  CB  . LEU A 1 65  ? 13.197  -6.404  5.138   1.00 30.94 ? 65   LEU A CB  1 
ATOM   520  C  CG  . LEU A 1 65  ? 14.061  -7.085  4.067   1.00 34.72 ? 65   LEU A CG  1 
ATOM   521  C  CD1 . LEU A 1 65  ? 13.353  -7.066  2.724   1.00 37.74 ? 65   LEU A CD1 1 
ATOM   522  C  CD2 . LEU A 1 65  ? 15.394  -6.377  3.954   1.00 37.60 ? 65   LEU A CD2 1 
ATOM   523  N  N   . ILE A 1 66  ? 10.459  -5.102  5.739   1.00 15.17 ? 66   ILE A N   1 
ATOM   524  C  CA  . ILE A 1 66  ? 9.004   -5.140  5.707   1.00 15.06 ? 66   ILE A CA  1 
ATOM   525  C  C   . ILE A 1 66  ? 8.442   -3.869  5.080   1.00 13.83 ? 66   ILE A C   1 
ATOM   526  O  O   . ILE A 1 66  ? 7.619   -3.930  4.166   1.00 14.43 ? 66   ILE A O   1 
ATOM   527  C  CB  . ILE A 1 66  ? 8.428   -5.302  7.128   1.00 21.53 ? 66   ILE A CB  1 
ATOM   528  C  CG1 . ILE A 1 66  ? 8.868   -6.648  7.702   1.00 23.20 ? 66   ILE A CG1 1 
ATOM   529  C  CG2 . ILE A 1 66  ? 6.910   -5.185  7.099   1.00 23.20 ? 66   ILE A CG2 1 
ATOM   530  C  CD1 . ILE A 1 66  ? 8.551   -6.821  9.172   1.00 24.57 ? 66   ILE A CD1 1 
ATOM   531  N  N   . ALA A 1 67  ? 8.888   -2.721  5.579   1.00 10.52 ? 67   ALA A N   1 
ATOM   532  C  CA  . ALA A 1 67  ? 8.425   -1.445  5.057   1.00 9.32  ? 67   ALA A CA  1 
ATOM   533  C  C   . ALA A 1 67  ? 8.725   -1.369  3.563   1.00 8.73  ? 67   ALA A C   1 
ATOM   534  O  O   . ALA A 1 67  ? 7.902   -0.895  2.779   1.00 8.79  ? 67   ALA A O   1 
ATOM   535  C  CB  . ALA A 1 67  ? 9.114   -0.293  5.788   1.00 8.02  ? 67   ALA A CB  1 
ATOM   536  N  N   . GLY A 1 68  ? 9.908   -1.844  3.185   1.00 9.50  ? 68   GLY A N   1 
ATOM   537  C  CA  . GLY A 1 68  ? 10.314  -1.817  1.792   1.00 9.79  ? 68   GLY A CA  1 
ATOM   538  C  C   . GLY A 1 68  ? 9.481   -2.690  0.876   1.00 11.14 ? 68   GLY A C   1 
ATOM   539  O  O   . GLY A 1 68  ? 9.113   -2.266  -0.220  1.00 10.59 ? 68   GLY A O   1 
ATOM   540  N  N   . ARG A 1 69  ? 9.183   -3.910  1.313   1.00 11.72 ? 69   ARG A N   1 
ATOM   541  C  CA  . ARG A 1 69  ? 8.394   -4.822  0.495   1.00 13.66 ? 69   ARG A CA  1 
ATOM   542  C  C   . ARG A 1 69  ? 6.994   -4.257  0.277   1.00 12.77 ? 69   ARG A C   1 
ATOM   543  O  O   . ARG A 1 69  ? 6.407   -4.418  -0.794  1.00 11.54 ? 69   ARG A O   1 
ATOM   544  C  CB  . ARG A 1 69  ? 8.331   -6.208  1.149   1.00 20.48 ? 69   ARG A CB  1 
ATOM   545  C  CG  . ARG A 1 69  ? 9.705   -6.877  1.265   1.00 26.03 ? 69   ARG A CG  1 
ATOM   546  C  CD  . ARG A 1 69  ? 9.695   -8.332  0.804   1.00 31.72 ? 69   ARG A CD  1 
ATOM   547  N  NE  . ARG A 1 69  ? 9.452   -9.275  1.892   1.00 36.27 ? 69   ARG A NE  1 
ATOM   548  C  CZ  . ARG A 1 69  ? 9.330   -10.589 1.724   1.00 38.16 ? 69   ARG A CZ  1 
ATOM   549  N  NH1 . ARG A 1 69  ? 9.425   -11.115 0.511   1.00 39.65 ? 69   ARG A NH1 1 
ATOM   550  N  NH2 . ARG A 1 69  ? 9.118   -11.378 2.768   1.00 39.54 ? 69   ARG A NH2 1 
ATOM   551  N  N   . ILE A 1 70  ? 6.465   -3.583  1.293   1.00 13.42 ? 70   ILE A N   1 
ATOM   552  C  CA  . ILE A 1 70  ? 5.142   -2.981  1.199   1.00 13.03 ? 70   ILE A CA  1 
ATOM   553  C  C   . ILE A 1 70  ? 5.136   -1.881  0.140   1.00 12.94 ? 70   ILE A C   1 
ATOM   554  O  O   . ILE A 1 70  ? 4.301   -1.881  -0.769  1.00 12.33 ? 70   ILE A O   1 
ATOM   555  C  CB  . ILE A 1 70  ? 4.714   -2.376  2.555   1.00 15.55 ? 70   ILE A CB  1 
ATOM   556  C  CG1 . ILE A 1 70  ? 4.516   -3.497  3.578   1.00 16.68 ? 70   ILE A CG1 1 
ATOM   557  C  CG2 . ILE A 1 70  ? 3.445   -1.554  2.390   1.00 15.40 ? 70   ILE A CG2 1 
ATOM   558  C  CD1 . ILE A 1 70  ? 4.081   -3.004  4.952   1.00 18.33 ? 70   ILE A CD1 1 
ATOM   559  N  N   . PHE A 1 71  ? 6.076   -0.947  0.250   1.00 10.91 ? 71   PHE A N   1 
ATOM   560  C  CA  . PHE A 1 71  ? 6.156   0.148   -0.704  1.00 9.79  ? 71   PHE A CA  1 
ATOM   561  C  C   . PHE A 1 71  ? 6.561   -0.280  -2.106  1.00 9.25  ? 71   PHE A C   1 
ATOM   562  O  O   . PHE A 1 71  ? 6.264   0.417   -3.076  1.00 9.58  ? 71   PHE A O   1 
ATOM   563  C  CB  . PHE A 1 71  ? 7.099   1.239   -0.190  1.00 10.22 ? 71   PHE A CB  1 
ATOM   564  C  CG  . PHE A 1 71  ? 6.405   2.271   0.644   1.00 11.01 ? 71   PHE A CG  1 
ATOM   565  C  CD1 . PHE A 1 71  ? 5.793   1.916   1.840   1.00 12.07 ? 71   PHE A CD1 1 
ATOM   566  C  CD2 . PHE A 1 71  ? 6.303   3.586   0.201   1.00 11.99 ? 71   PHE A CD2 1 
ATOM   567  C  CE1 . PHE A 1 71  ? 5.083   2.856   2.586   1.00 12.06 ? 71   PHE A CE1 1 
ATOM   568  C  CE2 . PHE A 1 71  ? 5.595   4.536   0.938   1.00 12.42 ? 71   PHE A CE2 1 
ATOM   569  C  CZ  . PHE A 1 71  ? 4.982   4.168   2.134   1.00 12.95 ? 71   PHE A CZ  1 
ATOM   570  N  N   . THR A 1 72  ? 7.244   -1.415  -2.217  1.00 9.56  ? 72   THR A N   1 
ATOM   571  C  CA  . THR A 1 72  ? 7.636   -1.909  -3.529  1.00 9.32  ? 72   THR A CA  1 
ATOM   572  C  C   . THR A 1 72  ? 6.371   -2.312  -4.284  1.00 8.95  ? 72   THR A C   1 
ATOM   573  O  O   . THR A 1 72  ? 6.275   -2.108  -5.490  1.00 7.85  ? 72   THR A O   1 
ATOM   574  C  CB  . THR A 1 72  ? 8.581   -3.119  -3.428  1.00 11.62 ? 72   THR A CB  1 
ATOM   575  O  OG1 . THR A 1 72  ? 9.856   -2.684  -2.935  1.00 13.56 ? 72   THR A OG1 1 
ATOM   576  C  CG2 . THR A 1 72  ? 8.771   -3.763  -4.800  1.00 13.71 ? 72   THR A CG2 1 
ATOM   577  N  N   . ILE A 1 73  ? 5.400   -2.881  -3.574  1.00 8.86  ? 73   ILE A N   1 
ATOM   578  C  CA  . ILE A 1 73  ? 4.146   -3.272  -4.212  1.00 8.52  ? 73   ILE A CA  1 
ATOM   579  C  C   . ILE A 1 73  ? 3.419   -2.024  -4.709  1.00 7.22  ? 73   ILE A C   1 
ATOM   580  O  O   . ILE A 1 73  ? 2.907   -1.994  -5.827  1.00 7.48  ? 73   ILE A O   1 
ATOM   581  C  CB  . ILE A 1 73  ? 3.219   -4.034  -3.231  1.00 9.14  ? 73   ILE A CB  1 
ATOM   582  C  CG1 . ILE A 1 73  ? 3.849   -5.374  -2.844  1.00 10.15 ? 73   ILE A CG1 1 
ATOM   583  C  CG2 . ILE A 1 73  ? 1.842   -4.251  -3.868  1.00 10.37 ? 73   ILE A CG2 1 
ATOM   584  C  CD1 . ILE A 1 73  ? 4.058   -6.337  -4.015  1.00 10.73 ? 73   ILE A CD1 1 
ATOM   585  N  N   . PHE A 1 74  ? 3.365   -0.986  -3.883  1.00 8.00  ? 74   PHE A N   1 
ATOM   586  C  CA  . PHE A 1 74  ? 2.699   0.235   -4.306  1.00 7.43  ? 74   PHE A CA  1 
ATOM   587  C  C   . PHE A 1 74  ? 3.433   0.846   -5.492  1.00 7.46  ? 74   PHE A C   1 
ATOM   588  O  O   . PHE A 1 74  ? 2.809   1.371   -6.412  1.00 8.12  ? 74   PHE A O   1 
ATOM   589  C  CB  . PHE A 1 74  ? 2.613   1.234   -3.148  1.00 9.27  ? 74   PHE A CB  1 
ATOM   590  C  CG  . PHE A 1 74  ? 1.489   0.946   -2.186  1.00 10.74 ? 74   PHE A CG  1 
ATOM   591  C  CD1 . PHE A 1 74  ? 0.169   0.914   -2.631  1.00 10.98 ? 74   PHE A CD1 1 
ATOM   592  C  CD2 . PHE A 1 74  ? 1.747   0.707   -0.841  1.00 10.51 ? 74   PHE A CD2 1 
ATOM   593  C  CE1 . PHE A 1 74  ? -0.880  0.650   -1.750  1.00 11.39 ? 74   PHE A CE1 1 
ATOM   594  C  CE2 . PHE A 1 74  ? 0.704   0.441   0.049   1.00 11.40 ? 74   PHE A CE2 1 
ATOM   595  C  CZ  . PHE A 1 74  ? -0.611  0.413   -0.410  1.00 11.20 ? 74   PHE A CZ  1 
ATOM   596  N  N   . ASP A 1 75  ? 4.760   0.762   -5.478  1.00 7.96  ? 75   ASP A N   1 
ATOM   597  C  CA  . ASP A 1 75  ? 5.567   1.307   -6.565  1.00 7.89  ? 75   ASP A CA  1 
ATOM   598  C  C   . ASP A 1 75  ? 5.232   0.567   -7.860  1.00 7.12  ? 75   ASP A C   1 
ATOM   599  O  O   . ASP A 1 75  ? 5.094   1.182   -8.917  1.00 7.38  ? 75   ASP A O   1 
ATOM   600  C  CB  . ASP A 1 75  ? 7.059   1.164   -6.235  1.00 8.88  ? 75   ASP A CB  1 
ATOM   601  C  CG  . ASP A 1 75  ? 7.939   2.056   -7.089  1.00 9.75  ? 75   ASP A CG  1 
ATOM   602  O  OD1 . ASP A 1 75  ? 7.690   3.278   -7.123  1.00 9.99  ? 75   ASP A OD1 1 
ATOM   603  O  OD2 . ASP A 1 75  ? 8.886   1.539   -7.721  1.00 11.86 ? 75   ASP A OD2 1 
ATOM   604  N  N   . ASN A 1 76  ? 5.098   -0.754  -7.774  1.00 6.92  ? 76   ASN A N   1 
ATOM   605  C  CA  . ASN A 1 76  ? 4.771   -1.544  -8.957  1.00 6.73  ? 76   ASN A CA  1 
ATOM   606  C  C   . ASN A 1 76  ? 3.334   -1.317  -9.406  1.00 7.33  ? 76   ASN A C   1 
ATOM   607  O  O   . ASN A 1 76  ? 3.011   -1.512  -10.574 1.00 8.10  ? 76   ASN A O   1 
ATOM   608  C  CB  . ASN A 1 76  ? 5.020   -3.033  -8.700  1.00 8.49  ? 76   ASN A CB  1 
ATOM   609  C  CG  . ASN A 1 76  ? 6.492   -3.351  -8.542  1.00 9.36  ? 76   ASN A CG  1 
ATOM   610  O  OD1 . ASN A 1 76  ? 7.350   -2.577  -8.972  1.00 11.38 ? 76   ASN A OD1 1 
ATOM   611  N  ND2 . ASN A 1 76  ? 6.795   -4.496  -7.938  1.00 11.37 ? 76   ASN A ND2 1 
ATOM   612  N  N   . CYS A 1 77  ? 2.465   -0.919  -8.481  1.00 6.88  ? 77   CYS A N   1 
ATOM   613  C  CA  . CYS A 1 77  ? 1.080   -0.638  -8.851  1.00 6.68  ? 77   CYS A CA  1 
ATOM   614  C  C   . CYS A 1 77  ? 1.067   0.648   -9.671  1.00 6.11  ? 77   CYS A C   1 
ATOM   615  O  O   . CYS A 1 77  ? 0.382   0.743   -10.687 1.00 6.65  ? 77   CYS A O   1 
ATOM   616  C  CB  . CYS A 1 77  ? 0.202   -0.479  -7.607  1.00 6.30  ? 77   CYS A CB  1 
ATOM   617  S  SG  . CYS A 1 77  ? -0.317  -2.057  -6.880  1.00 9.18  ? 77   CYS A SG  1 
ATOM   618  N  N   . VAL A 1 78  ? 1.832   1.640   -9.225  1.00 7.35  ? 78   VAL A N   1 
ATOM   619  C  CA  . VAL A 1 78  ? 1.903   2.899   -9.947  1.00 7.73  ? 78   VAL A CA  1 
ATOM   620  C  C   . VAL A 1 78  ? 2.513   2.632   -11.322 1.00 9.08  ? 78   VAL A C   1 
ATOM   621  O  O   . VAL A 1 78  ? 2.086   3.213   -12.321 1.00 8.60  ? 78   VAL A O   1 
ATOM   622  C  CB  . VAL A 1 78  ? 2.753   3.935   -9.176  1.00 7.79  ? 78   VAL A CB  1 
ATOM   623  C  CG1 . VAL A 1 78  ? 2.975   5.179   -10.030 1.00 7.31  ? 78   VAL A CG1 1 
ATOM   624  C  CG2 . VAL A 1 78  ? 2.044   4.311   -7.884  1.00 8.32  ? 78   VAL A CG2 1 
ATOM   625  N  N   . LYS A 1 79  ? 3.501   1.740   -11.372 1.00 8.70  ? 79   LYS A N   1 
ATOM   626  C  CA  . LYS A 1 79  ? 4.147   1.387   -12.634 1.00 10.65 ? 79   LYS A CA  1 
ATOM   627  C  C   . LYS A 1 79  ? 3.120   0.829   -13.610 1.00 10.76 ? 79   LYS A C   1 
ATOM   628  O  O   . LYS A 1 79  ? 3.217   1.043   -14.818 1.00 11.12 ? 79   LYS A O   1 
ATOM   629  C  CB  . LYS A 1 79  ? 5.240   0.333   -12.411 1.00 19.34 ? 79   LYS A CB  1 
ATOM   630  C  CG  . LYS A 1 79  ? 6.545   0.875   -11.842 1.00 25.14 ? 79   LYS A CG  1 
ATOM   631  C  CD  . LYS A 1 79  ? 7.575   -0.237  -11.612 1.00 30.18 ? 79   LYS A CD  1 
ATOM   632  C  CE  . LYS A 1 79  ? 7.833   -1.031  -12.888 1.00 33.80 ? 79   LYS A CE  1 
ATOM   633  N  NZ  . LYS A 1 79  ? 6.803   -2.096  -13.050 1.00 36.16 ? 79   LYS A NZ  1 
ATOM   634  N  N   . ASN A 1 80  ? 2.136   0.117   -13.073 1.00 10.78 ? 80   ASN A N   1 
ATOM   635  C  CA  . ASN A 1 80  ? 1.087   -0.501  -13.883 1.00 11.99 ? 80   ASN A CA  1 
ATOM   636  C  C   . ASN A 1 80  ? -0.247  0.234   -13.846 1.00 11.80 ? 80   ASN A C   1 
ATOM   637  O  O   . ASN A 1 80  ? -1.285  -0.350  -14.159 1.00 12.44 ? 80   ASN A O   1 
ATOM   638  C  CB  . ASN A 1 80  ? 0.848   -1.945  -13.429 1.00 14.66 ? 80   ASN A CB  1 
ATOM   639  C  CG  . ASN A 1 80  ? 1.983   -2.870  -13.801 1.00 15.71 ? 80   ASN A CG  1 
ATOM   640  O  OD1 . ASN A 1 80  ? 2.947   -3.038  -13.047 1.00 16.54 ? 80   ASN A OD1 1 
ATOM   641  N  ND2 . ASN A 1 80  ? 1.880   -3.475  -14.979 1.00 16.89 ? 80   ASN A ND2 1 
ATOM   642  N  N   . VAL A 1 81  ? -0.230  1.507   -13.475 1.00 13.24 ? 81   VAL A N   1 
ATOM   643  C  CA  . VAL A 1 81  ? -1.474  2.261   -13.392 1.00 13.61 ? 81   VAL A CA  1 
ATOM   644  C  C   . VAL A 1 81  ? -2.193  2.338   -14.745 1.00 13.22 ? 81   VAL A C   1 
ATOM   645  O  O   . VAL A 1 81  ? -3.410  2.529   -14.796 1.00 13.39 ? 81   VAL A O   1 
ATOM   646  C  CB  . VAL A 1 81  ? -1.223  3.690   -12.832 1.00 13.25 ? 81   VAL A CB  1 
ATOM   647  C  CG1 . VAL A 1 81  ? -0.620  4.581   -13.899 1.00 13.56 ? 81   VAL A CG1 1 
ATOM   648  C  CG2 . VAL A 1 81  ? -2.519  4.272   -12.287 1.00 13.69 ? 81   VAL A CG2 1 
ATOM   649  N  N   . GLY A 1 82  ? -1.445  2.164   -15.833 1.00 10.96 ? 82   GLY A N   1 
ATOM   650  C  CA  . GLY A 1 82  ? -2.041  2.221   -17.159 1.00 10.98 ? 82   GLY A CA  1 
ATOM   651  C  C   . GLY A 1 82  ? -2.392  0.861   -17.742 1.00 10.89 ? 82   GLY A C   1 
ATOM   652  O  O   . GLY A 1 82  ? -2.863  0.763   -18.877 1.00 10.96 ? 82   GLY A O   1 
ATOM   653  N  N   . ASN A 1 83  ? -2.166  -0.195  -16.969 1.00 10.45 ? 83   ASN A N   1 
ATOM   654  C  CA  . ASN A 1 83  ? -2.460  -1.552  -17.416 1.00 11.00 ? 83   ASN A CA  1 
ATOM   655  C  C   . ASN A 1 83  ? -3.236  -2.257  -16.314 1.00 11.26 ? 83   ASN A C   1 
ATOM   656  O  O   . ASN A 1 83  ? -2.640  -2.805  -15.389 1.00 9.46  ? 83   ASN A O   1 
ATOM   657  C  CB  . ASN A 1 83  ? -1.162  -2.313  -17.686 1.00 15.03 ? 83   ASN A CB  1 
ATOM   658  C  CG  . ASN A 1 83  ? -1.404  -3.651  -18.348 1.00 15.67 ? 83   ASN A CG  1 
ATOM   659  O  OD1 . ASN A 1 83  ? -2.277  -4.413  -17.936 1.00 16.16 ? 83   ASN A OD1 1 
ATOM   660  N  ND2 . ASN A 1 83  ? -0.630  -3.945  -19.384 1.00 20.13 ? 83   ASN A ND2 1 
ATOM   661  N  N   . ASP A 1 84  ? -4.561  -2.243  -16.420 1.00 11.94 ? 84   ASP A N   1 
ATOM   662  C  CA  . ASP A 1 84  ? -5.412  -2.850  -15.405 1.00 12.01 ? 84   ASP A CA  1 
ATOM   663  C  C   . ASP A 1 84  ? -5.083  -4.300  -15.063 1.00 10.70 ? 84   ASP A C   1 
ATOM   664  O  O   . ASP A 1 84  ? -5.028  -4.657  -13.890 1.00 8.72  ? 84   ASP A O   1 
ATOM   665  C  CB  . ASP A 1 84  ? -6.884  -2.709  -15.808 1.00 14.80 ? 84   ASP A CB  1 
ATOM   666  C  CG  . ASP A 1 84  ? -7.290  -1.255  -16.027 1.00 17.42 ? 84   ASP A CG  1 
ATOM   667  O  OD1 . ASP A 1 84  ? -6.755  -0.372  -15.325 1.00 16.95 ? 84   ASP A OD1 1 
ATOM   668  O  OD2 . ASP A 1 84  ? -8.147  -0.991  -16.896 1.00 21.78 ? 84   ASP A OD2 1 
ATOM   669  N  N   . LYS A 1 85  ? -4.857  -5.138  -16.069 1.00 9.44  ? 85   LYS A N   1 
ATOM   670  C  CA  . LYS A 1 85  ? -4.526  -6.536  -15.805 1.00 9.26  ? 85   LYS A CA  1 
ATOM   671  C  C   . LYS A 1 85  ? -3.214  -6.639  -15.036 1.00 7.43  ? 85   LYS A C   1 
ATOM   672  O  O   . LYS A 1 85  ? -3.095  -7.426  -14.095 1.00 7.94  ? 85   LYS A O   1 
ATOM   673  C  CB  . LYS A 1 85  ? -4.415  -7.324  -17.112 1.00 12.42 ? 85   LYS A CB  1 
ATOM   674  C  CG  . LYS A 1 85  ? -5.749  -7.719  -17.727 1.00 14.84 ? 85   LYS A CG  1 
ATOM   675  C  CD  . LYS A 1 85  ? -6.471  -8.759  -16.882 1.00 16.68 ? 85   LYS A CD  1 
ATOM   676  C  CE  . LYS A 1 85  ? -7.768  -9.194  -17.549 1.00 18.74 ? 85   LYS A CE  1 
ATOM   677  N  NZ  . LYS A 1 85  ? -8.521  -10.190 -16.743 1.00 19.91 ? 85   LYS A NZ  1 
ATOM   678  N  N   . GLY A 1 86  ? -2.233  -5.837  -15.442 1.00 9.03  ? 86   GLY A N   1 
ATOM   679  C  CA  . GLY A 1 86  ? -0.941  -5.848  -14.783 1.00 7.74  ? 86   GLY A CA  1 
ATOM   680  C  C   . GLY A 1 86  ? -1.057  -5.340  -13.361 1.00 7.92  ? 86   GLY A C   1 
ATOM   681  O  O   . GLY A 1 86  ? -0.447  -5.884  -12.439 1.00 7.72  ? 86   GLY A O   1 
ATOM   682  N  N   . PHE A 1 87  ? -1.840  -4.281  -13.196 1.00 8.45  ? 87   PHE A N   1 
ATOM   683  C  CA  . PHE A 1 87  ? -2.088  -3.672  -11.895 1.00 7.91  ? 87   PHE A CA  1 
ATOM   684  C  C   . PHE A 1 87  ? -2.721  -4.732  -10.985 1.00 7.74  ? 87   PHE A C   1 
ATOM   685  O  O   . PHE A 1 87  ? -2.292  -4.946  -9.848  1.00 8.42  ? 87   PHE A O   1 
ATOM   686  C  CB  . PHE A 1 87  ? -3.050  -2.498  -12.083 1.00 7.80  ? 87   PHE A CB  1 
ATOM   687  C  CG  . PHE A 1 87  ? -3.434  -1.799  -10.811 1.00 8.07  ? 87   PHE A CG  1 
ATOM   688  C  CD1 . PHE A 1 87  ? -2.638  -0.783  -10.289 1.00 7.58  ? 87   PHE A CD1 1 
ATOM   689  C  CD2 . PHE A 1 87  ? -4.617  -2.128  -10.158 1.00 8.27  ? 87   PHE A CD2 1 
ATOM   690  C  CE1 . PHE A 1 87  ? -3.020  -0.101  -9.138  1.00 7.86  ? 87   PHE A CE1 1 
ATOM   691  C  CE2 . PHE A 1 87  ? -5.008  -1.454  -9.007  1.00 9.63  ? 87   PHE A CE2 1 
ATOM   692  C  CZ  . PHE A 1 87  ? -4.210  -0.438  -8.497  1.00 9.37  ? 87   PHE A CZ  1 
ATOM   693  N  N   . GLN A 1 88  ? -3.743  -5.400  -11.507 1.00 8.33  ? 88   GLN A N   1 
ATOM   694  C  CA  . GLN A 1 88  ? -4.449  -6.435  -10.765 1.00 8.45  ? 88   GLN A CA  1 
ATOM   695  C  C   . GLN A 1 88  ? -3.536  -7.604  -10.400 1.00 8.44  ? 88   GLN A C   1 
ATOM   696  O  O   . GLN A 1 88  ? -3.631  -8.152  -9.304  1.00 9.76  ? 88   GLN A O   1 
ATOM   697  C  CB  . GLN A 1 88  ? -5.647  -6.927  -11.587 1.00 6.98  ? 88   GLN A CB  1 
ATOM   698  C  CG  . GLN A 1 88  ? -6.750  -5.886  -11.728 1.00 7.41  ? 88   GLN A CG  1 
ATOM   699  C  CD  . GLN A 1 88  ? -7.655  -6.141  -12.919 1.00 9.19  ? 88   GLN A CD  1 
ATOM   700  O  OE1 . GLN A 1 88  ? -7.503  -7.137  -13.636 1.00 9.21  ? 88   GLN A OE1 1 
ATOM   701  N  NE2 . GLN A 1 88  ? -8.604  -5.237  -13.141 1.00 9.47  ? 88   GLN A NE2 1 
ATOM   702  N  N   . LYS A 1 89  ? -2.642  -7.979  -11.310 1.00 8.17  ? 89   LYS A N   1 
ATOM   703  C  CA  . LYS A 1 89  ? -1.736  -9.087  -11.041 1.00 8.46  ? 89   LYS A CA  1 
ATOM   704  C  C   . LYS A 1 89  ? -0.784  -8.787  -9.886  1.00 7.90  ? 89   LYS A C   1 
ATOM   705  O  O   . LYS A 1 89  ? -0.497  -9.659  -9.070  1.00 8.53  ? 89   LYS A O   1 
ATOM   706  C  CB  . LYS A 1 89  ? -0.925  -9.437  -12.290 1.00 10.53 ? 89   LYS A CB  1 
ATOM   707  C  CG  . LYS A 1 89  ? 0.113   -10.517 -12.040 1.00 12.92 ? 89   LYS A CG  1 
ATOM   708  C  CD  . LYS A 1 89  ? 0.905   -10.842 -13.290 1.00 16.02 ? 89   LYS A CD  1 
ATOM   709  C  CE  . LYS A 1 89  ? 2.001   -11.851 -12.973 1.00 17.44 ? 89   LYS A CE  1 
ATOM   710  N  NZ  . LYS A 1 89  ? 1.447   -13.064 -12.312 1.00 20.00 ? 89   LYS A NZ  1 
ATOM   711  N  N   . VAL A 1 90  ? -0.276  -7.558  -9.831  1.00 7.85  ? 90   VAL A N   1 
ATOM   712  C  CA  . VAL A 1 90  ? 0.630   -7.172  -8.750  1.00 7.67  ? 90   VAL A CA  1 
ATOM   713  C  C   . VAL A 1 90  ? -0.072  -7.402  -7.419  1.00 8.08  ? 90   VAL A C   1 
ATOM   714  O  O   . VAL A 1 90  ? 0.503   -7.973  -6.490  1.00 7.64  ? 90   VAL A O   1 
ATOM   715  C  CB  . VAL A 1 90  ? 1.044   -5.673  -8.858  1.00 7.64  ? 90   VAL A CB  1 
ATOM   716  C  CG1 . VAL A 1 90  ? 1.741   -5.216  -7.570  1.00 8.36  ? 90   VAL A CG1 1 
ATOM   717  C  CG2 . VAL A 1 90  ? 1.984   -5.479  -10.044 1.00 10.17 ? 90   VAL A CG2 1 
ATOM   718  N  N   . ILE A 1 91  ? -1.325  -6.970  -7.339  1.00 7.36  ? 91   ILE A N   1 
ATOM   719  C  CA  . ILE A 1 91  ? -2.097  -7.116  -6.113  1.00 7.74  ? 91   ILE A CA  1 
ATOM   720  C  C   . ILE A 1 91  ? -2.482  -8.569  -5.845  1.00 8.27  ? 91   ILE A C   1 
ATOM   721  O  O   . ILE A 1 91  ? -2.349  -9.056  -4.719  1.00 9.25  ? 91   ILE A O   1 
ATOM   722  C  CB  . ILE A 1 91  ? -3.363  -6.227  -6.170  1.00 8.00  ? 91   ILE A CB  1 
ATOM   723  C  CG1 . ILE A 1 91  ? -2.948  -4.771  -6.400  1.00 8.89  ? 91   ILE A CG1 1 
ATOM   724  C  CG2 . ILE A 1 91  ? -4.158  -6.345  -4.870  1.00 9.00  ? 91   ILE A CG2 1 
ATOM   725  C  CD1 . ILE A 1 91  ? -4.102  -3.844  -6.690  1.00 7.03  ? 91   ILE A CD1 1 
ATOM   726  N  N   . ALA A 1 92  ? -2.946  -9.267  -6.878  1.00 8.04  ? 92   ALA A N   1 
ATOM   727  C  CA  . ALA A 1 92  ? -3.343  -10.662 -6.723  1.00 9.07  ? 92   ALA A CA  1 
ATOM   728  C  C   . ALA A 1 92  ? -2.212  -11.485 -6.122  1.00 9.27  ? 92   ALA A C   1 
ATOM   729  O  O   . ALA A 1 92  ? -2.423  -12.254 -5.187  1.00 11.45 ? 92   ALA A O   1 
ATOM   730  C  CB  . ALA A 1 92  ? -3.752  -11.248 -8.074  1.00 7.29  ? 92   ALA A CB  1 
ATOM   731  N  N   . ASP A 1 93  ? -1.008  -11.325 -6.659  1.00 11.14 ? 93   ASP A N   1 
ATOM   732  C  CA  . ASP A 1 93  ? 0.129   -12.082 -6.157  1.00 11.59 ? 93   ASP A CA  1 
ATOM   733  C  C   . ASP A 1 93  ? 0.460   -11.750 -4.706  1.00 12.64 ? 93   ASP A C   1 
ATOM   734  O  O   . ASP A 1 93  ? 0.806   -12.638 -3.926  1.00 13.43 ? 93   ASP A O   1 
ATOM   735  C  CB  . ASP A 1 93  ? 1.356   -11.858 -7.046  1.00 14.45 ? 93   ASP A CB  1 
ATOM   736  C  CG  . ASP A 1 93  ? 1.201   -12.490 -8.421  1.00 15.82 ? 93   ASP A CG  1 
ATOM   737  O  OD1 . ASP A 1 93  ? 0.321   -13.361 -8.580  1.00 16.66 ? 93   ASP A OD1 1 
ATOM   738  O  OD2 . ASP A 1 93  ? 1.966   -12.121 -9.340  1.00 18.20 ? 93   ASP A OD2 1 
ATOM   739  N  N   . MET A 1 94  ? 0.339   -10.478 -4.341  1.00 8.82  ? 94   MET A N   1 
ATOM   740  C  CA  . MET A 1 94  ? 0.632   -10.039 -2.981  1.00 9.86  ? 94   MET A CA  1 
ATOM   741  C  C   . MET A 1 94  ? -0.462  -10.439 -1.988  1.00 10.08 ? 94   MET A C   1 
ATOM   742  O  O   . MET A 1 94  ? -0.197  -10.609 -0.795  1.00 9.09  ? 94   MET A O   1 
ATOM   743  C  CB  . MET A 1 94  ? 0.824   -8.515  -2.967  1.00 13.40 ? 94   MET A CB  1 
ATOM   744  C  CG  . MET A 1 94  ? 0.849   -7.862  -1.585  1.00 15.03 ? 94   MET A CG  1 
ATOM   745  S  SD  . MET A 1 94  ? -0.813  -7.540  -0.920  1.00 19.24 ? 94   MET A SD  1 
ATOM   746  C  CE  . MET A 1 94  ? -1.612  -6.940  -2.360  1.00 13.11 ? 94   MET A CE  1 
ATOM   747  N  N   . SER A 1 95  ? -1.682  -10.606 -2.485  1.00 9.82  ? 95   SER A N   1 
ATOM   748  C  CA  . SER A 1 95  ? -2.814  -10.944 -1.622  1.00 9.44  ? 95   SER A CA  1 
ATOM   749  C  C   . SER A 1 95  ? -2.732  -12.321 -0.973  1.00 10.52 ? 95   SER A C   1 
ATOM   750  O  O   . SER A 1 95  ? -3.169  -12.501 0.165   1.00 10.70 ? 95   SER A O   1 
ATOM   751  C  CB  . SER A 1 95  ? -4.131  -10.843 -2.406  1.00 9.82  ? 95   SER A CB  1 
ATOM   752  O  OG  . SER A 1 95  ? -4.302  -11.950 -3.279  1.00 10.04 ? 95   SER A OG  1 
ATOM   753  N  N   . GLY A 1 96  ? -2.173  -13.286 -1.697  1.00 11.97 ? 96   GLY A N   1 
ATOM   754  C  CA  . GLY A 1 96  ? -2.068  -14.644 -1.189  1.00 13.07 ? 96   GLY A CA  1 
ATOM   755  C  C   . GLY A 1 96  ? -1.631  -14.777 0.255   1.00 13.22 ? 96   GLY A C   1 
ATOM   756  O  O   . GLY A 1 96  ? -2.344  -15.365 1.071   1.00 15.30 ? 96   GLY A O   1 
ATOM   757  N  N   . PRO A 1 97  ? -0.452  -14.246 0.606   1.00 13.63 ? 97   PRO A N   1 
ATOM   758  C  CA  . PRO A 1 97  ? 0.081   -14.311 1.971   1.00 13.82 ? 97   PRO A CA  1 
ATOM   759  C  C   . PRO A 1 97  ? -0.740  -13.572 3.036   1.00 13.91 ? 97   PRO A C   1 
ATOM   760  O  O   . PRO A 1 97  ? -0.511  -13.755 4.233   1.00 16.65 ? 97   PRO A O   1 
ATOM   761  C  CB  . PRO A 1 97  ? 1.479   -13.727 1.819   1.00 15.05 ? 97   PRO A CB  1 
ATOM   762  C  CG  . PRO A 1 97  ? 1.850   -14.083 0.406   1.00 14.52 ? 97   PRO A CG  1 
ATOM   763  C  CD  . PRO A 1 97  ? 0.578   -13.773 -0.337  1.00 13.74 ? 97   PRO A CD  1 
ATOM   764  N  N   . HIS A 1 98  ? -1.682  -12.736 2.613   1.00 11.98 ? 98   HIS A N   1 
ATOM   765  C  CA  . HIS A 1 98  ? -2.515  -12.001 3.566   1.00 10.92 ? 98   HIS A CA  1 
ATOM   766  C  C   . HIS A 1 98  ? -3.855  -12.678 3.816   1.00 11.60 ? 98   HIS A C   1 
ATOM   767  O  O   . HIS A 1 98  ? -4.523  -12.397 4.809   1.00 11.50 ? 98   HIS A O   1 
ATOM   768  C  CB  . HIS A 1 98  ? -2.782  -10.579 3.072   1.00 9.75  ? 98   HIS A CB  1 
ATOM   769  C  CG  . HIS A 1 98  ? -1.558  -9.723  3.000   1.00 8.92  ? 98   HIS A CG  1 
ATOM   770  N  ND1 . HIS A 1 98  ? -0.674  -9.776  1.945   1.00 9.67  ? 98   HIS A ND1 1 
ATOM   771  C  CD2 . HIS A 1 98  ? -1.063  -8.805  3.862   1.00 9.87  ? 98   HIS A CD2 1 
ATOM   772  C  CE1 . HIS A 1 98  ? 0.314   -8.926  2.160   1.00 10.11 ? 98   HIS A CE1 1 
ATOM   773  N  NE2 . HIS A 1 98  ? 0.102   -8.324  3.317   1.00 10.55 ? 98   HIS A NE2 1 
ATOM   774  N  N   . VAL A 1 99  ? -4.251  -13.565 2.913   1.00 11.47 ? 99   VAL A N   1 
ATOM   775  C  CA  . VAL A 1 99  ? -5.529  -14.250 3.041   1.00 13.10 ? 99   VAL A CA  1 
ATOM   776  C  C   . VAL A 1 99  ? -5.734  -14.915 4.401   1.00 14.61 ? 99   VAL A C   1 
ATOM   777  O  O   . VAL A 1 99  ? -6.807  -14.793 4.994   1.00 15.03 ? 99   VAL A O   1 
ATOM   778  C  CB  . VAL A 1 99  ? -5.703  -15.314 1.935   1.00 12.73 ? 99   VAL A CB  1 
ATOM   779  C  CG1 . VAL A 1 99  ? -7.017  -16.062 2.133   1.00 12.16 ? 99   VAL A CG1 1 
ATOM   780  C  CG2 . VAL A 1 99  ? -5.676  -14.647 0.568   1.00 11.05 ? 99   VAL A CG2 1 
ATOM   781  N  N   . ALA A 1 100 ? -4.708  -15.600 4.898   1.00 21.98 ? 100  ALA A N   1 
ATOM   782  C  CA  . ALA A 1 100 ? -4.814  -16.286 6.185   1.00 24.30 ? 100  ALA A CA  1 
ATOM   783  C  C   . ALA A 1 100 ? -4.397  -15.453 7.383   1.00 25.48 ? 100  ALA A C   1 
ATOM   784  O  O   . ALA A 1 100 ? -4.388  -15.946 8.520   1.00 27.11 ? 100  ALA A O   1 
ATOM   785  C  CB  . ALA A 1 100 ? -4.004  -17.575 6.155   1.00 20.74 ? 100  ALA A CB  1 
ATOM   786  N  N   . ARG A 1 101 ? -4.053  -14.192 7.148   1.00 20.75 ? 101  ARG A N   1 
ATOM   787  C  CA  . ARG A 1 101 ? -3.631  -13.322 8.241   1.00 20.65 ? 101  ARG A CA  1 
ATOM   788  C  C   . ARG A 1 101 ? -4.823  -12.627 8.887   1.00 20.06 ? 101  ARG A C   1 
ATOM   789  O  O   . ARG A 1 101 ? -5.706  -12.126 8.196   1.00 20.48 ? 101  ARG A O   1 
ATOM   790  C  CB  . ARG A 1 101 ? -2.621  -12.280 7.749   1.00 21.36 ? 101  ARG A CB  1 
ATOM   791  C  CG  . ARG A 1 101 ? -1.258  -12.880 7.426   1.00 21.63 ? 101  ARG A CG  1 
ATOM   792  C  CD  . ARG A 1 101 ? -0.365  -11.904 6.687   1.00 21.97 ? 101  ARG A CD  1 
ATOM   793  N  NE  . ARG A 1 101 ? 0.909   -12.532 6.346   1.00 22.45 ? 101  ARG A NE  1 
ATOM   794  C  CZ  . ARG A 1 101 ? 1.637   -12.224 5.276   1.00 23.16 ? 101  ARG A CZ  1 
ATOM   795  N  NH1 . ARG A 1 101 ? 1.223   -11.289 4.432   1.00 21.76 ? 101  ARG A NH1 1 
ATOM   796  N  NH2 . ARG A 1 101 ? 2.779   -12.859 5.046   1.00 23.29 ? 101  ARG A NH2 1 
ATOM   797  N  N   . PRO A 1 102 ? -4.870  -12.605 10.229  1.00 18.87 ? 102  PRO A N   1 
ATOM   798  C  CA  . PRO A 1 102 ? -5.949  -11.979 10.997  1.00 17.11 ? 102  PRO A CA  1 
ATOM   799  C  C   . PRO A 1 102 ? -5.829  -10.458 11.028  1.00 15.53 ? 102  PRO A C   1 
ATOM   800  O  O   . PRO A 1 102 ? -5.581  -9.861  12.076  1.00 15.82 ? 102  PRO A O   1 
ATOM   801  C  CB  . PRO A 1 102 ? -5.781  -12.602 12.379  1.00 20.17 ? 102  PRO A CB  1 
ATOM   802  C  CG  . PRO A 1 102 ? -4.293  -12.719 12.487  1.00 20.76 ? 102  PRO A CG  1 
ATOM   803  C  CD  . PRO A 1 102 ? -3.907  -13.268 11.127  1.00 20.47 ? 102  PRO A CD  1 
ATOM   804  N  N   . ILE A 1 103 ? -6.010  -9.840  9.867   1.00 12.47 ? 103  ILE A N   1 
ATOM   805  C  CA  . ILE A 1 103 ? -5.907  -8.394  9.736   1.00 10.05 ? 103  ILE A CA  1 
ATOM   806  C  C   . ILE A 1 103 ? -7.235  -7.828  9.254   1.00 9.22  ? 103  ILE A C   1 
ATOM   807  O  O   . ILE A 1 103 ? -7.809  -8.313  8.282   1.00 9.57  ? 103  ILE A O   1 
ATOM   808  C  CB  . ILE A 1 103 ? -4.796  -8.035  8.736   1.00 13.09 ? 103  ILE A CB  1 
ATOM   809  C  CG1 . ILE A 1 103 ? -3.488  -8.684  9.194   1.00 13.77 ? 103  ILE A CG1 1 
ATOM   810  C  CG2 . ILE A 1 103 ? -4.651  -6.526  8.629   1.00 10.89 ? 103  ILE A CG2 1 
ATOM   811  C  CD1 . ILE A 1 103 ? -2.434  -8.773  8.123   1.00 14.76 ? 103  ILE A CD1 1 
ATOM   812  N  N   . THR A 1 104 ? -7.720  -6.803  9.943   1.00 9.74  ? 104  THR A N   1 
ATOM   813  C  CA  . THR A 1 104 ? -8.997  -6.190  9.597   1.00 8.52  ? 104  THR A CA  1 
ATOM   814  C  C   . THR A 1 104 ? -8.878  -5.175  8.473   1.00 8.28  ? 104  THR A C   1 
ATOM   815  O  O   . THR A 1 104 ? -7.789  -4.687  8.169   1.00 7.66  ? 104  THR A O   1 
ATOM   816  C  CB  . THR A 1 104 ? -9.598  -5.446  10.796  1.00 9.72  ? 104  THR A CB  1 
ATOM   817  O  OG1 . THR A 1 104 ? -8.775  -4.318  11.111  1.00 9.86  ? 104  THR A OG1 1 
ATOM   818  C  CG2 . THR A 1 104 ? -9.680  -6.359  12.006  1.00 11.96 ? 104  THR A CG2 1 
ATOM   819  N  N   . HIS A 1 105 ? -10.015 -4.852  7.864   1.00 7.95  ? 105  HIS A N   1 
ATOM   820  C  CA  . HIS A 1 105 ? -10.035 -3.858  6.803   1.00 8.76  ? 105  HIS A CA  1 
ATOM   821  C  C   . HIS A 1 105 ? -9.624  -2.522  7.415   1.00 7.85  ? 105  HIS A C   1 
ATOM   822  O  O   . HIS A 1 105 ? -9.022  -1.685  6.748   1.00 9.50  ? 105  HIS A O   1 
ATOM   823  C  CB  . HIS A 1 105 ? -11.431 -3.737  6.184   1.00 9.73  ? 105  HIS A CB  1 
ATOM   824  C  CG  . HIS A 1 105 ? -11.779 -4.849  5.242   1.00 10.71 ? 105  HIS A CG  1 
ATOM   825  N  ND1 . HIS A 1 105 ? -12.827 -4.767  4.350   1.00 11.35 ? 105  HIS A ND1 1 
ATOM   826  C  CD2 . HIS A 1 105 ? -11.218 -6.067  5.051   1.00 11.24 ? 105  HIS A CD2 1 
ATOM   827  C  CE1 . HIS A 1 105 ? -12.896 -5.884  3.648   1.00 11.58 ? 105  HIS A CE1 1 
ATOM   828  N  NE2 . HIS A 1 105 ? -11.930 -6.690  4.052   1.00 10.84 ? 105  HIS A NE2 1 
ATOM   829  N  N   . GLY A 1 106 ? -9.950  -2.339  8.694   1.00 8.59  ? 106  GLY A N   1 
ATOM   830  C  CA  . GLY A 1 106 ? -9.600  -1.112  9.386   1.00 8.43  ? 106  GLY A CA  1 
ATOM   831  C  C   . GLY A 1 106 ? -8.100  -0.895  9.374   1.00 7.45  ? 106  GLY A C   1 
ATOM   832  O  O   . GLY A 1 106 ? -7.625  0.214   9.129   1.00 8.42  ? 106  GLY A O   1 
ATOM   833  N  N   . SER A 1 107 ? -7.352  -1.961  9.635   1.00 7.80  ? 107  SER A N   1 
ATOM   834  C  CA  . SER A 1 107 ? -5.894  -1.888  9.645   1.00 8.11  ? 107  SER A CA  1 
ATOM   835  C  C   . SER A 1 107 ? -5.359  -1.502  8.268   1.00 8.16  ? 107  SER A C   1 
ATOM   836  O  O   . SER A 1 107 ? -4.512  -0.613  8.148   1.00 7.99  ? 107  SER A O   1 
ATOM   837  C  CB  . SER A 1 107 ? -5.302  -3.234  10.067  1.00 7.41  ? 107  SER A CB  1 
ATOM   838  O  OG  . SER A 1 107 ? -5.571  -3.493  11.434  1.00 11.10 ? 107  SER A OG  1 
ATOM   839  N  N   . TYR A 1 108 ? -5.847  -2.183  7.237   1.00 7.34  ? 108  TYR A N   1 
ATOM   840  C  CA  . TYR A 1 108 ? -5.419  -1.900  5.872   1.00 7.26  ? 108  TYR A CA  1 
ATOM   841  C  C   . TYR A 1 108 ? -5.784  -0.467  5.492   1.00 8.21  ? 108  TYR A C   1 
ATOM   842  O  O   . TYR A 1 108 ? -4.979  0.262   4.909   1.00 7.52  ? 108  TYR A O   1 
ATOM   843  C  CB  . TYR A 1 108 ? -6.085  -2.872  4.887   1.00 8.18  ? 108  TYR A CB  1 
ATOM   844  C  CG  . TYR A 1 108 ? -5.625  -4.314  4.996   1.00 7.52  ? 108  TYR A CG  1 
ATOM   845  C  CD1 . TYR A 1 108 ? -4.294  -4.658  4.788   1.00 7.83  ? 108  TYR A CD1 1 
ATOM   846  C  CD2 . TYR A 1 108 ? -6.526  -5.339  5.283   1.00 7.43  ? 108  TYR A CD2 1 
ATOM   847  C  CE1 . TYR A 1 108 ? -3.863  -5.977  4.865   1.00 8.42  ? 108  TYR A CE1 1 
ATOM   848  C  CE2 . TYR A 1 108 ? -6.103  -6.669  5.360   1.00 8.20  ? 108  TYR A CE2 1 
ATOM   849  C  CZ  . TYR A 1 108 ? -4.769  -6.978  5.149   1.00 8.67  ? 108  TYR A CZ  1 
ATOM   850  O  OH  . TYR A 1 108 ? -4.329  -8.281  5.219   1.00 9.77  ? 108  TYR A OH  1 
ATOM   851  N  N   . ASN A 1 109 ? -7.003  -0.059  5.831   1.00 7.86  ? 109  ASN A N   1 
ATOM   852  C  CA  . ASN A 1 109 ? -7.452  1.283   5.501   1.00 8.87  ? 109  ASN A CA  1 
ATOM   853  C  C   . ASN A 1 109 ? -6.692  2.358   6.273   1.00 8.38  ? 109  ASN A C   1 
ATOM   854  O  O   . ASN A 1 109 ? -6.450  3.446   5.750   1.00 9.21  ? 109  ASN A O   1 
ATOM   855  C  CB  . ASN A 1 109 ? -8.963  1.409   5.733   1.00 12.20 ? 109  ASN A CB  1 
ATOM   856  C  CG  . ASN A 1 109 ? -9.770  0.478   4.836   1.00 14.15 ? 109  ASN A CG  1 
ATOM   857  O  OD1 . ASN A 1 109 ? -9.332  0.111   3.739   1.00 14.90 ? 109  ASN A OD1 1 
ATOM   858  N  ND2 . ASN A 1 109 ? -10.959 0.100   5.292   1.00 15.97 ? 109  ASN A ND2 1 
ATOM   859  N  N   . ASP A 1 110 ? -6.302  2.058   7.508   1.00 8.78  ? 110  ASP A N   1 
ATOM   860  C  CA  . ASP A 1 110 ? -5.555  3.027   8.297   1.00 8.73  ? 110  ASP A CA  1 
ATOM   861  C  C   . ASP A 1 110 ? -4.187  3.265   7.657   1.00 7.68  ? 110  ASP A C   1 
ATOM   862  O  O   . ASP A 1 110 ? -3.668  4.381   7.692   1.00 9.12  ? 110  ASP A O   1 
ATOM   863  C  CB  . ASP A 1 110 ? -5.382  2.552   9.747   1.00 9.53  ? 110  ASP A CB  1 
ATOM   864  C  CG  . ASP A 1 110 ? -6.671  2.645   10.561  1.00 10.90 ? 110  ASP A CG  1 
ATOM   865  O  OD1 . ASP A 1 110 ? -7.580  3.431   10.198  1.00 10.07 ? 110  ASP A OD1 1 
ATOM   866  O  OD2 . ASP A 1 110 ? -6.769  1.939   11.588  1.00 10.57 ? 110  ASP A OD2 1 
ATOM   867  N  N   . LEU A 1 111 ? -3.603  2.220   7.071   1.00 6.57  ? 111  LEU A N   1 
ATOM   868  C  CA  . LEU A 1 111 ? -2.309  2.367   6.415   1.00 6.76  ? 111  LEU A CA  1 
ATOM   869  C  C   . LEU A 1 111 ? -2.500  3.255   5.185   1.00 6.42  ? 111  LEU A C   1 
ATOM   870  O  O   . LEU A 1 111 ? -1.670  4.110   4.893   1.00 7.20  ? 111  LEU A O   1 
ATOM   871  C  CB  . LEU A 1 111 ? -1.748  1.001   5.994   1.00 7.43  ? 111  LEU A CB  1 
ATOM   872  C  CG  . LEU A 1 111 ? -0.457  1.023   5.171   1.00 6.22  ? 111  LEU A CG  1 
ATOM   873  C  CD1 . LEU A 1 111 ? 0.669   1.692   5.962   1.00 7.50  ? 111  LEU A CD1 1 
ATOM   874  C  CD2 . LEU A 1 111 ? -0.083  -0.407  4.791   1.00 7.58  ? 111  LEU A CD2 1 
ATOM   875  N  N   . ARG A 1 112 ? -3.597  3.041   4.465   1.00 6.50  ? 112  ARG A N   1 
ATOM   876  C  CA  . ARG A 1 112 ? -3.891  3.850   3.288   1.00 7.18  ? 112  ARG A CA  1 
ATOM   877  C  C   . ARG A 1 112 ? -3.939  5.321   3.685   1.00 7.25  ? 112  ARG A C   1 
ATOM   878  O  O   . ARG A 1 112 ? -3.430  6.190   2.967   1.00 7.29  ? 112  ARG A O   1 
ATOM   879  C  CB  . ARG A 1 112 ? -5.239  3.444   2.682   1.00 8.53  ? 112  ARG A CB  1 
ATOM   880  C  CG  . ARG A 1 112 ? -5.700  4.372   1.566   1.00 7.06  ? 112  ARG A CG  1 
ATOM   881  C  CD  . ARG A 1 112 ? -7.061  3.981   1.021   1.00 7.20  ? 112  ARG A CD  1 
ATOM   882  N  NE  . ARG A 1 112 ? -7.527  4.972   0.056   1.00 7.40  ? 112  ARG A NE  1 
ATOM   883  C  CZ  . ARG A 1 112 ? -8.548  4.791   -0.774  1.00 7.72  ? 112  ARG A CZ  1 
ATOM   884  N  NH1 . ARG A 1 112 ? -9.221  3.647   -0.763  1.00 8.59  ? 112  ARG A NH1 1 
ATOM   885  N  NH2 . ARG A 1 112 ? -8.892  5.759   -1.613  1.00 8.29  ? 112  ARG A NH2 1 
ATOM   886  N  N   . GLY A 1 113 ? -4.547  5.593   4.836   1.00 8.47  ? 113  GLY A N   1 
ATOM   887  C  CA  . GLY A 1 113 ? -4.668  6.956   5.320   1.00 8.82  ? 113  GLY A CA  1 
ATOM   888  C  C   . GLY A 1 113 ? -3.349  7.592   5.707   1.00 7.90  ? 113  GLY A C   1 
ATOM   889  O  O   . GLY A 1 113 ? -3.143  8.784   5.491   1.00 7.86  ? 113  GLY A O   1 
ATOM   890  N  N   . VAL A 1 114 ? -2.457  6.809   6.304   1.00 7.50  ? 114  VAL A N   1 
ATOM   891  C  CA  . VAL A 1 114 ? -1.155  7.339   6.691   1.00 7.50  ? 114  VAL A CA  1 
ATOM   892  C  C   . VAL A 1 114 ? -0.403  7.735   5.421   1.00 7.83  ? 114  VAL A C   1 
ATOM   893  O  O   . VAL A 1 114 ? 0.251   8.779   5.372   1.00 8.19  ? 114  VAL A O   1 
ATOM   894  C  CB  . VAL A 1 114 ? -0.330  6.292   7.478   1.00 8.03  ? 114  VAL A CB  1 
ATOM   895  C  CG1 . VAL A 1 114 ? 1.062   6.837   7.775   1.00 9.35  ? 114  VAL A CG1 1 
ATOM   896  C  CG2 . VAL A 1 114 ? -1.045  5.947   8.782   1.00 8.22  ? 114  VAL A CG2 1 
ATOM   897  N  N   . ILE A 1 115 ? -0.501  6.897   4.392   1.00 8.40  ? 115  ILE A N   1 
ATOM   898  C  CA  . ILE A 1 115 ? 0.157   7.184   3.120   1.00 8.25  ? 115  ILE A CA  1 
ATOM   899  C  C   . ILE A 1 115 ? -0.413  8.463   2.508   1.00 8.66  ? 115  ILE A C   1 
ATOM   900  O  O   . ILE A 1 115 ? 0.340   9.337   2.070   1.00 9.30  ? 115  ILE A O   1 
ATOM   901  C  CB  . ILE A 1 115 ? -0.016  6.009   2.123   1.00 7.92  ? 115  ILE A CB  1 
ATOM   902  C  CG1 . ILE A 1 115 ? 0.795   4.804   2.612   1.00 7.95  ? 115  ILE A CG1 1 
ATOM   903  C  CG2 . ILE A 1 115 ? 0.427   6.430   0.723   1.00 7.40  ? 115  ILE A CG2 1 
ATOM   904  C  CD1 . ILE A 1 115 ? 0.633   3.557   1.769   1.00 9.83  ? 115  ILE A CD1 1 
ATOM   905  N  N   . TYR A 1 116 ? -1.738  8.584   2.493   1.00 7.13  ? 116  TYR A N   1 
ATOM   906  C  CA  . TYR A 1 116 ? -2.375  9.773   1.929   1.00 7.82  ? 116  TYR A CA  1 
ATOM   907  C  C   . TYR A 1 116 ? -1.929  11.038  2.655   1.00 7.52  ? 116  TYR A C   1 
ATOM   908  O  O   . TYR A 1 116 ? -1.597  12.045  2.027   1.00 7.43  ? 116  TYR A O   1 
ATOM   909  C  CB  . TYR A 1 116 ? -3.902  9.673   2.014   1.00 8.53  ? 116  TYR A CB  1 
ATOM   910  C  CG  . TYR A 1 116 ? -4.612  10.651  1.102   1.00 10.94 ? 116  TYR A CG  1 
ATOM   911  C  CD1 . TYR A 1 116 ? -4.557  10.492  -0.283  1.00 10.77 ? 116  TYR A CD1 1 
ATOM   912  C  CD2 . TYR A 1 116 ? -5.327  11.732  1.614   1.00 11.62 ? 116  TYR A CD2 1 
ATOM   913  C  CE1 . TYR A 1 116 ? -5.196  11.378  -1.141  1.00 13.03 ? 116  TYR A CE1 1 
ATOM   914  C  CE2 . TYR A 1 116 ? -5.973  12.634  0.758   1.00 11.26 ? 116  TYR A CE2 1 
ATOM   915  C  CZ  . TYR A 1 116 ? -5.901  12.443  -0.619  1.00 12.08 ? 116  TYR A CZ  1 
ATOM   916  O  OH  . TYR A 1 116 ? -6.540  13.305  -1.486  1.00 14.41 ? 116  TYR A OH  1 
ATOM   917  N  N   . ASP A 1 117 ? -1.925  10.988  3.984   1.00 10.31 ? 117  ASP A N   1 
ATOM   918  C  CA  . ASP A 1 117 ? -1.530  12.145  4.774   1.00 12.16 ? 117  ASP A CA  1 
ATOM   919  C  C   . ASP A 1 117 ? -0.096  12.573  4.485   1.00 12.92 ? 117  ASP A C   1 
ATOM   920  O  O   . ASP A 1 117 ? 0.212   13.766  4.490   1.00 14.98 ? 117  ASP A O   1 
ATOM   921  C  CB  . ASP A 1 117 ? -1.682  11.859  6.275   1.00 13.33 ? 117  ASP A CB  1 
ATOM   922  C  CG  . ASP A 1 117 ? -3.134  11.719  6.707   1.00 14.44 ? 117  ASP A CG  1 
ATOM   923  O  OD1 . ASP A 1 117 ? -4.039  12.107  5.938   1.00 15.33 ? 117  ASP A OD1 1 
ATOM   924  O  OD2 . ASP A 1 117 ? -3.368  11.228  7.831   1.00 16.26 ? 117  ASP A OD2 1 
ATOM   925  N  N   . SER A 1 118 ? 0.778   11.606  4.226   1.00 10.40 ? 118  SER A N   1 
ATOM   926  C  CA  . SER A 1 118 ? 2.181   11.919  3.962   1.00 10.77 ? 118  SER A CA  1 
ATOM   927  C  C   . SER A 1 118 ? 2.403   12.585  2.608   1.00 10.53 ? 118  SER A C   1 
ATOM   928  O  O   . SER A 1 118 ? 3.361   13.346  2.428   1.00 11.57 ? 118  SER A O   1 
ATOM   929  C  CB  . SER A 1 118 ? 3.029   10.649  4.035   1.00 17.69 ? 118  SER A CB  1 
ATOM   930  O  OG  . SER A 1 118 ? 2.834   9.839   2.893   1.00 20.68 ? 118  SER A OG  1 
ATOM   931  N  N   . MET A 1 119 ? 1.512   12.306  1.663   1.00 9.15  ? 119  MET A N   1 
ATOM   932  C  CA  . MET A 1 119 ? 1.635   12.862  0.317   1.00 8.73  ? 119  MET A CA  1 
ATOM   933  C  C   . MET A 1 119 ? 1.179   14.309  0.145   1.00 10.14 ? 119  MET A C   1 
ATOM   934  O  O   . MET A 1 119 ? 1.588   14.980  -0.808  1.00 10.09 ? 119  MET A O   1 
ATOM   935  C  CB  . MET A 1 119 ? 0.910   11.949  -0.675  1.00 8.70  ? 119  MET A CB  1 
ATOM   936  C  CG  . MET A 1 119 ? 1.570   10.557  -0.770  1.00 7.05  ? 119  MET A CG  1 
ATOM   937  S  SD  . MET A 1 119 ? 0.671   9.348   -1.758  1.00 10.05 ? 119  MET A SD  1 
ATOM   938  C  CE  . MET A 1 119 ? 1.225   9.782   -3.413  1.00 6.19  ? 119  MET A CE  1 
ATOM   939  N  N   . HIS A 1 120 ? 0.337   14.780  1.062   1.00 13.19 ? 120  HIS A N   1 
ATOM   940  C  CA  . HIS A 1 120 ? -0.143  16.168  1.021   1.00 15.82 ? 120  HIS A CA  1 
ATOM   941  C  C   . HIS A 1 120 ? -0.529  16.591  -0.396  1.00 13.58 ? 120  HIS A C   1 
ATOM   942  O  O   . HIS A 1 120 ? -0.101  17.655  -0.879  1.00 14.28 ? 120  HIS A O   1 
ATOM   943  C  CB  . HIS A 1 120 ? 0.957   17.100  1.531   1.00 28.16 ? 120  HIS A CB  1 
ATOM   944  C  CG  . HIS A 1 120 ? 1.382   16.832  2.939   1.00 35.67 ? 120  HIS A CG  1 
ATOM   945  N  ND1 . HIS A 1 120 ? 0.608   17.169  4.032   1.00 39.23 ? 120  HIS A ND1 1 
ATOM   946  C  CD2 . HIS A 1 120 ? 2.500   16.247  3.429   1.00 38.83 ? 120  HIS A CD2 1 
ATOM   947  C  CE1 . HIS A 1 120 ? 1.233   16.793  5.135   1.00 41.63 ? 120  HIS A CE1 1 
ATOM   948  N  NE2 . HIS A 1 120 ? 2.380   16.230  4.796   1.00 41.43 ? 120  HIS A NE2 1 
ATOM   949  N  N   . LEU A 1 121 ? -1.358  15.787  -1.056  1.00 9.89  ? 121  LEU A N   1 
ATOM   950  C  CA  . LEU A 1 121 ? -1.768  16.074  -2.434  1.00 8.48  ? 121  LEU A CA  1 
ATOM   951  C  C   . LEU A 1 121 ? -2.860  17.116  -2.600  1.00 8.21  ? 121  LEU A C   1 
ATOM   952  O  O   . LEU A 1 121 ? -3.711  17.281  -1.727  1.00 9.50  ? 121  LEU A O   1 
ATOM   953  C  CB  . LEU A 1 121 ? -2.249  14.774  -3.099  1.00 8.29  ? 121  LEU A CB  1 
ATOM   954  C  CG  . LEU A 1 121 ? -1.294  13.583  -3.115  1.00 7.84  ? 121  LEU A CG  1 
ATOM   955  C  CD1 . LEU A 1 121 ? -2.014  12.368  -3.682  1.00 8.22  ? 121  LEU A CD1 1 
ATOM   956  C  CD2 . LEU A 1 121 ? -0.055  13.910  -3.934  1.00 7.12  ? 121  LEU A CD2 1 
ATOM   957  N  N   . ASP A 1 122 ? -2.836  17.844  -3.713  1.00 8.89  ? 122  ASP A N   1 
ATOM   958  C  CA  . ASP A 1 122 ? -3.899  18.810  -3.957  1.00 9.22  ? 122  ASP A CA  1 
ATOM   959  C  C   . ASP A 1 122 ? -5.091  17.953  -4.400  1.00 9.59  ? 122  ASP A C   1 
ATOM   960  O  O   . ASP A 1 122 ? -4.946  16.746  -4.603  1.00 8.29  ? 122  ASP A O   1 
ATOM   961  C  CB  . ASP A 1 122 ? -3.499  19.842  -5.017  1.00 9.39  ? 122  ASP A CB  1 
ATOM   962  C  CG  . ASP A 1 122 ? -3.103  19.232  -6.329  1.00 10.97 ? 122  ASP A CG  1 
ATOM   963  O  OD1 . ASP A 1 122 ? -3.611  18.151  -6.686  1.00 11.93 ? 122  ASP A OD1 1 
ATOM   964  O  OD2 . ASP A 1 122 ? -2.285  19.850  -7.043  1.00 14.14 ? 122  ASP A OD2 1 
ATOM   965  N  N   . SER A 1 123 ? -6.261  18.560  -4.547  1.00 9.49  ? 123  SER A N   1 
ATOM   966  C  CA  . SER A 1 123 ? -7.439  17.769  -4.891  1.00 9.60  ? 123  SER A CA  1 
ATOM   967  C  C   . SER A 1 123 ? -7.441  17.087  -6.260  1.00 8.51  ? 123  SER A C   1 
ATOM   968  O  O   . SER A 1 123 ? -8.048  16.031  -6.420  1.00 9.06  ? 123  SER A O   1 
ATOM   969  C  CB  . SER A 1 123 ? -8.702  18.615  -4.721  1.00 8.97  ? 123  SER A CB  1 
ATOM   970  O  OG  . SER A 1 123 ? -8.598  19.841  -5.418  1.00 9.01  ? 123  SER A OG  1 
ATOM   971  N  N   . THR A 1 124 ? -6.773  17.672  -7.250  1.00 8.51  ? 124  THR A N   1 
ATOM   972  C  CA  . THR A 1 124 ? -6.742  17.041  -8.567  1.00 8.41  ? 124  THR A CA  1 
ATOM   973  C  C   . THR A 1 124 ? -5.912  15.762  -8.512  1.00 7.50  ? 124  THR A C   1 
ATOM   974  O  O   . THR A 1 124 ? -6.340  14.718  -9.006  1.00 7.74  ? 124  THR A O   1 
ATOM   975  C  CB  . THR A 1 124 ? -6.153  17.980  -9.625  1.00 11.69 ? 124  THR A CB  1 
ATOM   976  O  OG1 . THR A 1 124 ? -6.973  19.148  -9.721  1.00 13.71 ? 124  THR A OG1 1 
ATOM   977  C  CG2 . THR A 1 124 ? -6.112  17.288  -10.979 1.00 12.05 ? 124  THR A CG2 1 
ATOM   978  N  N   . HIS A 1 125 ? -4.715  15.841  -7.933  1.00 7.15  ? 125  HIS A N   1 
ATOM   979  C  CA  . HIS A 1 125 ? -3.881  14.649  -7.821  1.00 7.14  ? 125  HIS A CA  1 
ATOM   980  C  C   . HIS A 1 125 ? -4.485  13.690  -6.801  1.00 6.63  ? 125  HIS A C   1 
ATOM   981  O  O   . HIS A 1 125 ? -4.393  12.470  -6.949  1.00 6.33  ? 125  HIS A O   1 
ATOM   982  C  CB  . HIS A 1 125 ? -2.453  15.007  -7.398  1.00 7.70  ? 125  HIS A CB  1 
ATOM   983  C  CG  . HIS A 1 125 ? -1.678  15.738  -8.448  1.00 8.84  ? 125  HIS A CG  1 
ATOM   984  N  ND1 . HIS A 1 125 ? -1.811  17.093  -8.661  1.00 9.67  ? 125  HIS A ND1 1 
ATOM   985  C  CD2 . HIS A 1 125 ? -0.793  15.296  -9.372  1.00 8.67  ? 125  HIS A CD2 1 
ATOM   986  C  CE1 . HIS A 1 125 ? -1.040  17.455  -9.670  1.00 10.43 ? 125  HIS A CE1 1 
ATOM   987  N  NE2 . HIS A 1 125 ? -0.413  16.383  -10.120 1.00 10.63 ? 125  HIS A NE2 1 
ATOM   988  N  N   . GLY A 1 126 ? -5.116  14.249  -5.772  1.00 7.29  ? 126  GLY A N   1 
ATOM   989  C  CA  . GLY A 1 126 ? -5.726  13.421  -4.747  1.00 5.89  ? 126  GLY A CA  1 
ATOM   990  C  C   . GLY A 1 126 ? -6.857  12.569  -5.293  1.00 6.26  ? 126  GLY A C   1 
ATOM   991  O  O   . GLY A 1 126 ? -7.011  11.409  -4.914  1.00 6.67  ? 126  GLY A O   1 
ATOM   992  N  N   . ALA A 1 127 ? -7.654  13.144  -6.185  1.00 5.63  ? 127  ALA A N   1 
ATOM   993  C  CA  . ALA A 1 127 ? -8.770  12.415  -6.774  1.00 5.86  ? 127  ALA A CA  1 
ATOM   994  C  C   . ALA A 1 127 ? -8.256  11.237  -7.584  1.00 6.45  ? 127  ALA A C   1 
ATOM   995  O  O   . ALA A 1 127 ? -8.782  10.124  -7.481  1.00 6.81  ? 127  ALA A O   1 
ATOM   996  C  CB  . ALA A 1 127 ? -9.593  13.342  -7.661  1.00 6.09  ? 127  ALA A CB  1 
ATOM   997  N  N   . ALA A 1 128 ? -7.224  11.486  -8.384  1.00 5.74  ? 128  ALA A N   1 
ATOM   998  C  CA  . ALA A 1 128 ? -6.632  10.445  -9.220  1.00 6.37  ? 128  ALA A CA  1 
ATOM   999  C  C   . ALA A 1 128 ? -6.008  9.373   -8.333  1.00 5.49  ? 128  ALA A C   1 
ATOM   1000 O  O   . ALA A 1 128 ? -6.159  8.177   -8.583  1.00 5.42  ? 128  ALA A O   1 
ATOM   1001 C  CB  . ALA A 1 128 ? -5.577  11.056  -10.141 1.00 5.43  ? 128  ALA A CB  1 
ATOM   1002 N  N   . TRP A 1 129 ? -5.310  9.810   -7.290  1.00 4.59  ? 129  TRP A N   1 
ATOM   1003 C  CA  . TRP A 1 129 ? -4.681  8.880   -6.366  1.00 4.86  ? 129  TRP A CA  1 
ATOM   1004 C  C   . TRP A 1 129 ? -5.733  7.985   -5.709  1.00 4.85  ? 129  TRP A C   1 
ATOM   1005 O  O   . TRP A 1 129 ? -5.571  6.765   -5.643  1.00 5.78  ? 129  TRP A O   1 
ATOM   1006 C  CB  . TRP A 1 129 ? -3.900  9.647   -5.292  1.00 5.63  ? 129  TRP A CB  1 
ATOM   1007 C  CG  . TRP A 1 129 ? -3.159  8.743   -4.364  1.00 6.77  ? 129  TRP A CG  1 
ATOM   1008 C  CD1 . TRP A 1 129 ? -3.497  8.422   -3.082  1.00 6.83  ? 129  TRP A CD1 1 
ATOM   1009 C  CD2 . TRP A 1 129 ? -1.990  7.981   -4.677  1.00 7.05  ? 129  TRP A CD2 1 
ATOM   1010 N  NE1 . TRP A 1 129 ? -2.612  7.497   -2.576  1.00 7.30  ? 129  TRP A NE1 1 
ATOM   1011 C  CE2 . TRP A 1 129 ? -1.676  7.209   -3.536  1.00 7.79  ? 129  TRP A CE2 1 
ATOM   1012 C  CE3 . TRP A 1 129 ? -1.177  7.870   -5.815  1.00 8.58  ? 129  TRP A CE3 1 
ATOM   1013 C  CZ2 . TRP A 1 129 ? -0.584  6.337   -3.498  1.00 8.30  ? 129  TRP A CZ2 1 
ATOM   1014 C  CZ3 . TRP A 1 129 ? -0.091  7.001   -5.777  1.00 9.47  ? 129  TRP A CZ3 1 
ATOM   1015 C  CH2 . TRP A 1 129 ? 0.194   6.246   -4.625  1.00 8.51  ? 129  TRP A CH2 1 
ATOM   1016 N  N   . ASN A 1 130 ? -6.817  8.591   -5.228  1.00 5.89  ? 130  ASN A N   1 
ATOM   1017 C  CA  . ASN A 1 130 ? -7.877  7.831   -4.576  1.00 6.26  ? 130  ASN A CA  1 
ATOM   1018 C  C   . ASN A 1 130 ? -8.601  6.898   -5.534  1.00 7.19  ? 130  ASN A C   1 
ATOM   1019 O  O   . ASN A 1 130 ? -9.171  5.891   -5.116  1.00 6.47  ? 130  ASN A O   1 
ATOM   1020 C  CB  . ASN A 1 130 ? -8.858  8.790   -3.899  1.00 7.97  ? 130  ASN A CB  1 
ATOM   1021 C  CG  . ASN A 1 130 ? -8.284  9.390   -2.639  1.00 9.00  ? 130  ASN A CG  1 
ATOM   1022 O  OD1 . ASN A 1 130 ? -8.448  10.579  -2.366  1.00 11.55 ? 130  ASN A OD1 1 
ATOM   1023 N  ND2 . ASN A 1 130 ? -7.609  8.562   -1.852  1.00 7.88  ? 130  ASN A ND2 1 
ATOM   1024 N  N   . LYS A 1 131 ? -8.587  7.224   -6.822  1.00 6.00  ? 131  LYS A N   1 
ATOM   1025 C  CA  . LYS A 1 131 ? -9.220  6.346   -7.795  1.00 7.44  ? 131  LYS A CA  1 
ATOM   1026 C  C   . LYS A 1 131 ? -8.362  5.088   -7.894  1.00 7.00  ? 131  LYS A C   1 
ATOM   1027 O  O   . LYS A 1 131 ? -8.877  3.963   -7.934  1.00 6.55  ? 131  LYS A O   1 
ATOM   1028 C  CB  . LYS A 1 131 ? -9.309  7.040   -9.156  1.00 15.13 ? 131  LYS A CB  1 
ATOM   1029 C  CG  . LYS A 1 131 ? -10.156 6.310   -10.173 1.00 19.26 ? 131  LYS A CG  1 
ATOM   1030 C  CD  . LYS A 1 131 ? -10.432 7.206   -11.375 1.00 22.18 ? 131  LYS A CD  1 
ATOM   1031 C  CE  . LYS A 1 131 ? -11.219 6.472   -12.439 1.00 23.78 ? 131  LYS A CE  1 
ATOM   1032 N  NZ  . LYS A 1 131 ? -11.510 7.353   -13.594 1.00 24.33 ? 131  LYS A NZ  1 
ATOM   1033 N  N   . MET A 1 132 ? -7.045  5.275   -7.925  1.00 7.79  ? 132  MET A N   1 
ATOM   1034 C  CA  . MET A 1 132 ? -6.133  4.146   -8.016  1.00 7.60  ? 132  MET A CA  1 
ATOM   1035 C  C   . MET A 1 132 ? -6.194  3.324   -6.728  1.00 7.87  ? 132  MET A C   1 
ATOM   1036 O  O   . MET A 1 132 ? -6.203  2.092   -6.769  1.00 8.35  ? 132  MET A O   1 
ATOM   1037 C  CB  . MET A 1 132 ? -4.702  4.629   -8.266  1.00 11.77 ? 132  MET A CB  1 
ATOM   1038 C  CG  . MET A 1 132 ? -3.810  3.586   -8.917  1.00 12.13 ? 132  MET A CG  1 
ATOM   1039 S  SD  . MET A 1 132 ? -2.157  3.616   -8.222  1.00 19.79 ? 132  MET A SD  1 
ATOM   1040 C  CE  . MET A 1 132 ? -2.664  2.929   -6.659  1.00 8.60  ? 132  MET A CE  1 
ATOM   1041 N  N   . MET A 1 133 ? -6.253  4.002   -5.585  1.00 6.34  ? 133  MET A N   1 
ATOM   1042 C  CA  . MET A 1 133 ? -6.315  3.291   -4.319  1.00 6.60  ? 133  MET A CA  1 
ATOM   1043 C  C   . MET A 1 133 ? -7.631  2.548   -4.148  1.00 6.38  ? 133  MET A C   1 
ATOM   1044 O  O   . MET A 1 133 ? -7.665  1.472   -3.548  1.00 5.96  ? 133  MET A O   1 
ATOM   1045 C  CB  . MET A 1 133 ? -6.084  4.247   -3.145  1.00 9.18  ? 133  MET A CB  1 
ATOM   1046 C  CG  . MET A 1 133 ? -4.627  4.672   -2.998  1.00 11.02 ? 133  MET A CG  1 
ATOM   1047 S  SD  . MET A 1 133 ? -3.540  3.224   -2.772  1.00 16.24 ? 133  MET A SD  1 
ATOM   1048 C  CE  . MET A 1 133 ? -4.056  2.657   -1.234  1.00 17.64 ? 133  MET A CE  1 
ATOM   1049 N  N   . ASP A 1 134 ? -8.717  3.117   -4.669  1.00 6.02  ? 134  ASP A N   1 
ATOM   1050 C  CA  . ASP A 1 134 ? -10.002 2.436   -4.572  1.00 5.78  ? 134  ASP A CA  1 
ATOM   1051 C  C   . ASP A 1 134 ? -9.917  1.166   -5.412  1.00 5.51  ? 134  ASP A C   1 
ATOM   1052 O  O   . ASP A 1 134 ? -10.490 0.138   -5.054  1.00 7.29  ? 134  ASP A O   1 
ATOM   1053 C  CB  . ASP A 1 134 ? -11.147 3.335   -5.060  1.00 8.69  ? 134  ASP A CB  1 
ATOM   1054 C  CG  . ASP A 1 134 ? -11.540 4.386   -4.033  1.00 9.51  ? 134  ASP A CG  1 
ATOM   1055 O  OD1 . ASP A 1 134 ? -11.137 4.262   -2.855  1.00 9.54  ? 134  ASP A OD1 1 
ATOM   1056 O  OD2 . ASP A 1 134 ? -12.267 5.334   -4.397  1.00 11.66 ? 134  ASP A OD2 1 
ATOM   1057 N  N   . ASN A 1 135 ? -9.195  1.239   -6.529  1.00 6.06  ? 135  ASN A N   1 
ATOM   1058 C  CA  . ASN A 1 135 ? -9.019  0.061   -7.371  1.00 6.13  ? 135  ASN A CA  1 
ATOM   1059 C  C   . ASN A 1 135 ? -8.147  -0.942  -6.630  1.00 5.94  ? 135  ASN A C   1 
ATOM   1060 O  O   . ASN A 1 135 ? -8.417  -2.140  -6.643  1.00 6.22  ? 135  ASN A O   1 
ATOM   1061 C  CB  . ASN A 1 135 ? -8.349  0.427   -8.699  1.00 6.72  ? 135  ASN A CB  1 
ATOM   1062 C  CG  . ASN A 1 135 ? -9.309  1.067   -9.678  1.00 8.30  ? 135  ASN A CG  1 
ATOM   1063 O  OD1 . ASN A 1 135 ? -10.531 0.955   -9.532  1.00 8.81  ? 135  ASN A OD1 1 
ATOM   1064 N  ND2 . ASN A 1 135 ? -8.763  1.725   -10.698 1.00 8.50  ? 135  ASN A ND2 1 
ATOM   1065 N  N   . PHE A 1 136 ? -7.097  -0.444  -5.985  1.00 5.94  ? 136  PHE A N   1 
ATOM   1066 C  CA  . PHE A 1 136 ? -6.187  -1.298  -5.233  1.00 7.05  ? 136  PHE A CA  1 
ATOM   1067 C  C   . PHE A 1 136 ? -6.961  -2.138  -4.221  1.00 7.01  ? 136  PHE A C   1 
ATOM   1068 O  O   . PHE A 1 136 ? -6.838  -3.361  -4.176  1.00 7.25  ? 136  PHE A O   1 
ATOM   1069 C  CB  . PHE A 1 136 ? -5.152  -0.447  -4.488  1.00 7.08  ? 136  PHE A CB  1 
ATOM   1070 C  CG  . PHE A 1 136 ? -4.168  -1.259  -3.683  1.00 7.59  ? 136  PHE A CG  1 
ATOM   1071 C  CD1 . PHE A 1 136 ? -2.953  -1.652  -4.237  1.00 9.07  ? 136  PHE A CD1 1 
ATOM   1072 C  CD2 . PHE A 1 136 ? -4.479  -1.663  -2.389  1.00 8.37  ? 136  PHE A CD2 1 
ATOM   1073 C  CE1 . PHE A 1 136 ? -2.058  -2.438  -3.513  1.00 8.76  ? 136  PHE A CE1 1 
ATOM   1074 C  CE2 . PHE A 1 136 ? -3.596  -2.450  -1.654  1.00 8.78  ? 136  PHE A CE2 1 
ATOM   1075 C  CZ  . PHE A 1 136 ? -2.380  -2.840  -2.217  1.00 9.48  ? 136  PHE A CZ  1 
ATOM   1076 N  N   . PHE A 1 137 ? -7.767  -1.474  -3.404  1.00 7.53  ? 137  PHE A N   1 
ATOM   1077 C  CA  . PHE A 1 137 ? -8.517  -2.195  -2.392  1.00 6.77  ? 137  PHE A CA  1 
ATOM   1078 C  C   . PHE A 1 137 ? -9.665  -3.037  -2.919  1.00 7.95  ? 137  PHE A C   1 
ATOM   1079 O  O   . PHE A 1 137 ? -10.028 -4.035  -2.302  1.00 8.84  ? 137  PHE A O   1 
ATOM   1080 C  CB  . PHE A 1 137 ? -8.951  -1.223  -1.297  1.00 8.92  ? 137  PHE A CB  1 
ATOM   1081 C  CG  . PHE A 1 137 ? -7.825  -0.867  -0.371  1.00 9.11  ? 137  PHE A CG  1 
ATOM   1082 C  CD1 . PHE A 1 137 ? -7.377  -1.788  0.574   1.00 11.02 ? 137  PHE A CD1 1 
ATOM   1083 C  CD2 . PHE A 1 137 ? -7.141  0.332   -0.515  1.00 8.76  ? 137  PHE A CD2 1 
ATOM   1084 C  CE1 . PHE A 1 137 ? -6.260  -1.520  1.357   1.00 11.55 ? 137  PHE A CE1 1 
ATOM   1085 C  CE2 . PHE A 1 137 ? -6.023  0.604   0.265   1.00 9.19  ? 137  PHE A CE2 1 
ATOM   1086 C  CZ  . PHE A 1 137 ? -5.582  -0.325  1.202   1.00 10.16 ? 137  PHE A CZ  1 
ATOM   1087 N  N   . TYR A 1 138 ? -10.231 -2.664  -4.064  1.00 7.19  ? 138  TYR A N   1 
ATOM   1088 C  CA  . TYR A 1 138 ? -11.295 -3.483  -4.629  1.00 7.75  ? 138  TYR A CA  1 
ATOM   1089 C  C   . TYR A 1 138 ? -10.676 -4.836  -4.974  1.00 7.58  ? 138  TYR A C   1 
ATOM   1090 O  O   . TYR A 1 138 ? -11.208 -5.890  -4.627  1.00 7.44  ? 138  TYR A O   1 
ATOM   1091 C  CB  . TYR A 1 138 ? -11.870 -2.865  -5.906  1.00 10.21 ? 138  TYR A CB  1 
ATOM   1092 C  CG  . TYR A 1 138 ? -12.889 -3.776  -6.555  1.00 12.82 ? 138  TYR A CG  1 
ATOM   1093 C  CD1 . TYR A 1 138 ? -14.135 -3.989  -5.962  1.00 13.90 ? 138  TYR A CD1 1 
ATOM   1094 C  CD2 . TYR A 1 138 ? -12.583 -4.484  -7.716  1.00 13.07 ? 138  TYR A CD2 1 
ATOM   1095 C  CE1 . TYR A 1 138 ? -15.050 -4.892  -6.508  1.00 15.03 ? 138  TYR A CE1 1 
ATOM   1096 C  CE2 . TYR A 1 138 ? -13.487 -5.388  -8.268  1.00 14.30 ? 138  TYR A CE2 1 
ATOM   1097 C  CZ  . TYR A 1 138 ? -14.717 -5.587  -7.657  1.00 14.99 ? 138  TYR A CZ  1 
ATOM   1098 O  OH  . TYR A 1 138 ? -15.606 -6.497  -8.187  1.00 17.10 ? 138  TYR A OH  1 
ATOM   1099 N  N   . VAL A 1 139 ? -9.542  -4.796  -5.664  1.00 7.53  ? 139  VAL A N   1 
ATOM   1100 C  CA  . VAL A 1 139 ? -8.853  -6.014  -6.062  1.00 7.14  ? 139  VAL A CA  1 
ATOM   1101 C  C   . VAL A 1 139 ? -8.345  -6.782  -4.848  1.00 7.36  ? 139  VAL A C   1 
ATOM   1102 O  O   . VAL A 1 139 ? -8.530  -7.990  -4.745  1.00 7.27  ? 139  VAL A O   1 
ATOM   1103 C  CB  . VAL A 1 139 ? -7.663  -5.698  -7.002  1.00 6.95  ? 139  VAL A CB  1 
ATOM   1104 C  CG1 . VAL A 1 139 ? -6.893  -6.974  -7.331  1.00 7.59  ? 139  VAL A CG1 1 
ATOM   1105 C  CG2 . VAL A 1 139 ? -8.180  -5.055  -8.281  1.00 8.58  ? 139  VAL A CG2 1 
ATOM   1106 N  N   . PHE A 1 140 ? -7.718  -6.070  -3.921  1.00 5.94  ? 140  PHE A N   1 
ATOM   1107 C  CA  . PHE A 1 140 ? -7.169  -6.693  -2.728  1.00 6.36  ? 140  PHE A CA  1 
ATOM   1108 C  C   . PHE A 1 140 ? -8.246  -7.403  -1.913  1.00 5.67  ? 140  PHE A C   1 
ATOM   1109 O  O   . PHE A 1 140 ? -8.091  -8.573  -1.557  1.00 6.78  ? 140  PHE A O   1 
ATOM   1110 C  CB  . PHE A 1 140 ? -6.458  -5.631  -1.881  1.00 6.67  ? 140  PHE A CB  1 
ATOM   1111 C  CG  . PHE A 1 140 ? -5.722  -6.181  -0.693  1.00 7.66  ? 140  PHE A CG  1 
ATOM   1112 C  CD1 . PHE A 1 140 ? -4.844  -7.251  -0.828  1.00 6.98  ? 140  PHE A CD1 1 
ATOM   1113 C  CD2 . PHE A 1 140 ? -5.872  -5.599  0.559   1.00 8.72  ? 140  PHE A CD2 1 
ATOM   1114 C  CE1 . PHE A 1 140 ? -4.123  -7.732  0.263   1.00 8.33  ? 140  PHE A CE1 1 
ATOM   1115 C  CE2 . PHE A 1 140 ? -5.156  -6.071  1.659   1.00 8.23  ? 140  PHE A CE2 1 
ATOM   1116 C  CZ  . PHE A 1 140 ? -4.278  -7.141  1.510   1.00 8.06  ? 140  PHE A CZ  1 
ATOM   1117 N  N   . TYR A 1 141 ? -9.339  -6.707  -1.621  1.00 6.09  ? 141  TYR A N   1 
ATOM   1118 C  CA  . TYR A 1 141 ? -10.408 -7.313  -0.837  1.00 6.94  ? 141  TYR A CA  1 
ATOM   1119 C  C   . TYR A 1 141 ? -11.129 -8.434  -1.577  1.00 7.74  ? 141  TYR A C   1 
ATOM   1120 O  O   . TYR A 1 141 ? -11.544 -9.418  -0.960  1.00 8.79  ? 141  TYR A O   1 
ATOM   1121 C  CB  . TYR A 1 141 ? -11.404 -6.247  -0.368  1.00 8.41  ? 141  TYR A CB  1 
ATOM   1122 C  CG  . TYR A 1 141 ? -10.816 -5.288  0.648   1.00 8.86  ? 141  TYR A CG  1 
ATOM   1123 C  CD1 . TYR A 1 141 ? -9.742  -5.670  1.459   1.00 9.88  ? 141  TYR A CD1 1 
ATOM   1124 C  CD2 . TYR A 1 141 ? -11.348 -4.013  0.824   1.00 10.47 ? 141  TYR A CD2 1 
ATOM   1125 C  CE1 . TYR A 1 141 ? -9.214  -4.803  2.418   1.00 10.02 ? 141  TYR A CE1 1 
ATOM   1126 C  CE2 . TYR A 1 141 ? -10.827 -3.136  1.787   1.00 11.38 ? 141  TYR A CE2 1 
ATOM   1127 C  CZ  . TYR A 1 141 ? -9.762  -3.539  2.576   1.00 11.57 ? 141  TYR A CZ  1 
ATOM   1128 O  OH  . TYR A 1 141 ? -9.241  -2.684  3.521   1.00 10.92 ? 141  TYR A OH  1 
ATOM   1129 N  N   . GLU A 1 142 ? -11.288 -8.299  -2.891  1.00 8.68  ? 142  GLU A N   1 
ATOM   1130 C  CA  . GLU A 1 142 ? -11.938 -9.364  -3.649  1.00 8.90  ? 142  GLU A CA  1 
ATOM   1131 C  C   . GLU A 1 142 ? -11.061 -10.606 -3.530  1.00 9.89  ? 142  GLU A C   1 
ATOM   1132 O  O   . GLU A 1 142 ? -11.559 -11.722 -3.373  1.00 10.17 ? 142  GLU A O   1 
ATOM   1133 C  CB  . GLU A 1 142 ? -12.097 -8.970  -5.122  1.00 11.01 ? 142  GLU A CB  1 
ATOM   1134 C  CG  . GLU A 1 142 ? -13.230 -7.993  -5.377  1.00 12.87 ? 142  GLU A CG  1 
ATOM   1135 C  CD  . GLU A 1 142 ? -14.588 -8.584  -5.048  1.00 14.91 ? 142  GLU A CD  1 
ATOM   1136 O  OE1 . GLU A 1 142 ? -15.027 -9.505  -5.768  1.00 15.04 ? 142  GLU A OE1 1 
ATOM   1137 O  OE2 . GLU A 1 142 ? -15.213 -8.131  -4.067  1.00 16.81 ? 142  GLU A OE2 1 
ATOM   1138 N  N   . CYS A 1 143 ? -9.748  -10.408 -3.582  1.00 10.01 ? 143  CYS A N   1 
ATOM   1139 C  CA  . CYS A 1 143 ? -8.817  -11.523 -3.473  1.00 10.29 ? 143  CYS A CA  1 
ATOM   1140 C  C   . CYS A 1 143 ? -8.827  -12.134 -2.068  1.00 10.90 ? 143  CYS A C   1 
ATOM   1141 O  O   . CYS A 1 143 ? -8.783  -13.357 -1.922  1.00 11.56 ? 143  CYS A O   1 
ATOM   1142 C  CB  . CYS A 1 143 ? -7.406  -11.075 -3.893  1.00 9.23  ? 143  CYS A CB  1 
ATOM   1143 S  SG  . CYS A 1 143 ? -7.331  -10.800 -5.696  1.00 10.06 ? 143  CYS A SG  1 
ATOM   1144 N  N   . LEU A 1 144 ? -8.908  -11.298 -1.036  1.00 10.84 ? 144  LEU A N   1 
ATOM   1145 C  CA  . LEU A 1 144 ? -8.946  -11.821 0.330   1.00 11.61 ? 144  LEU A CA  1 
ATOM   1146 C  C   . LEU A 1 144 ? -10.223 -12.631 0.528   1.00 12.09 ? 144  LEU A C   1 
ATOM   1147 O  O   . LEU A 1 144 ? -10.247 -13.587 1.307   1.00 12.92 ? 144  LEU A O   1 
ATOM   1148 C  CB  . LEU A 1 144 ? -8.911  -10.687 1.361   1.00 11.14 ? 144  LEU A CB  1 
ATOM   1149 C  CG  . LEU A 1 144 ? -7.629  -9.861  1.481   1.00 10.90 ? 144  LEU A CG  1 
ATOM   1150 C  CD1 . LEU A 1 144 ? -7.770  -8.859  2.626   1.00 9.85  ? 144  LEU A CD1 1 
ATOM   1151 C  CD2 . LEU A 1 144 ? -6.447  -10.781 1.732   1.00 10.70 ? 144  LEU A CD2 1 
ATOM   1152 N  N   . ASP A 1 145 ? -11.280 -12.241 -0.180  1.00 14.05 ? 145  ASP A N   1 
ATOM   1153 C  CA  . ASP A 1 145 ? -12.571 -12.918 -0.090  1.00 14.89 ? 145  ASP A CA  1 
ATOM   1154 C  C   . ASP A 1 145 ? -12.649 -14.184 -0.944  1.00 15.96 ? 145  ASP A C   1 
ATOM   1155 O  O   . ASP A 1 145 ? -13.696 -14.829 -1.011  1.00 16.41 ? 145  ASP A O   1 
ATOM   1156 C  CB  . ASP A 1 145 ? -13.706 -11.968 -0.498  1.00 14.45 ? 145  ASP A CB  1 
ATOM   1157 C  CG  . ASP A 1 145 ? -13.986 -10.894 0.547   1.00 15.18 ? 145  ASP A CG  1 
ATOM   1158 O  OD1 . ASP A 1 145 ? -13.419 -10.966 1.655   1.00 16.29 ? 145  ASP A OD1 1 
ATOM   1159 O  OD2 . ASP A 1 145 ? -14.787 -9.980  0.258   1.00 17.43 ? 145  ASP A OD2 1 
ATOM   1160 N  N   . GLY A 1 146 ? -11.549 -14.529 -1.608  1.00 15.16 ? 146  GLY A N   1 
ATOM   1161 C  CA  . GLY A 1 146 ? -11.530 -15.727 -2.431  1.00 16.06 ? 146  GLY A CA  1 
ATOM   1162 C  C   . GLY A 1 146 ? -12.072 -15.561 -3.842  1.00 16.32 ? 146  GLY A C   1 
ATOM   1163 O  O   . GLY A 1 146 ? -12.471 -16.537 -4.475  1.00 16.93 ? 146  GLY A O   1 
ATOM   1164 N  N   . ARG A 1 147 ? -12.087 -14.328 -4.339  1.00 14.51 ? 147  ARG A N   1 
ATOM   1165 C  CA  . ARG A 1 147 ? -12.576 -14.052 -5.686  1.00 14.32 ? 147  ARG A CA  1 
ATOM   1166 C  C   . ARG A 1 147 ? -11.489 -13.327 -6.481  1.00 14.24 ? 147  ARG A C   1 
ATOM   1167 O  O   . ARG A 1 147 ? -11.740 -12.297 -7.104  1.00 15.70 ? 147  ARG A O   1 
ATOM   1168 C  CB  . ARG A 1 147 ? -13.841 -13.189 -5.624  1.00 16.31 ? 147  ARG A CB  1 
ATOM   1169 C  CG  . ARG A 1 147 ? -15.005 -13.836 -4.879  1.00 18.04 ? 147  ARG A CG  1 
ATOM   1170 C  CD  . ARG A 1 147 ? -16.262 -12.973 -4.956  1.00 19.88 ? 147  ARG A CD  1 
ATOM   1171 N  NE  . ARG A 1 147 ? -16.122 -11.714 -4.226  1.00 20.67 ? 147  ARG A NE  1 
ATOM   1172 C  CZ  . ARG A 1 147 ? -16.264 -11.591 -2.910  1.00 21.85 ? 147  ARG A CZ  1 
ATOM   1173 N  NH1 . ARG A 1 147 ? -16.556 -12.653 -2.169  1.00 23.26 ? 147  ARG A NH1 1 
ATOM   1174 N  NH2 . ARG A 1 147 ? -16.106 -10.406 -2.334  1.00 22.07 ? 147  ARG A NH2 1 
ATOM   1175 N  N   . CYS A 1 148 ? -10.286 -13.885 -6.461  1.00 13.91 ? 148  CYS A N   1 
ATOM   1176 C  CA  . CYS A 1 148 ? -9.143  -13.298 -7.153  1.00 14.54 ? 148  CYS A CA  1 
ATOM   1177 C  C   . CYS A 1 148 ? -9.063  -13.731 -8.614  1.00 16.30 ? 148  CYS A C   1 
ATOM   1178 O  O   . CYS A 1 148 ? -8.500  -13.022 -9.449  1.00 16.64 ? 148  CYS A O   1 
ATOM   1179 C  CB  . CYS A 1 148 ? -7.858  -13.705 -6.436  1.00 12.98 ? 148  CYS A CB  1 
ATOM   1180 S  SG  . CYS A 1 148 ? -6.488  -12.498 -6.425  1.00 13.94 ? 148  CYS A SG  1 
ATOM   1181 N  N   . SER A 1 149 ? -9.628  -14.895 -8.919  1.00 18.75 ? 149  SER A N   1 
ATOM   1182 C  CA  . SER A 1 149 ? -9.583  -15.414 -10.291 1.00 20.37 ? 149  SER A CA  1 
ATOM   1183 C  C   . SER A 1 149 ? -10.276 -14.533 -11.330 1.00 20.18 ? 149  SER A C   1 
ATOM   1184 O  O   . SER A 1 149 ? -10.005 -14.654 -12.526 1.00 20.72 ? 149  SER A O   1 
ATOM   1185 C  CB  . SER A 1 149 ? -10.171 -16.829 -10.348 1.00 27.01 ? 149  SER A CB  1 
ATOM   1186 O  OG  . SER A 1 149 ? -11.536 -16.811 -9.979  1.00 29.59 ? 149  SER A OG  1 
ATOM   1187 N  N   . GLN A 1 150 ? -11.159 -13.646 -10.884 1.00 18.15 ? 150  GLN A N   1 
ATOM   1188 C  CA  . GLN A 1 150 ? -11.869 -12.762 -11.801 1.00 18.42 ? 150  GLN A CA  1 
ATOM   1189 C  C   . GLN A 1 150 ? -10.914 -11.826 -12.529 1.00 18.67 ? 150  GLN A C   1 
ATOM   1190 O  O   . GLN A 1 150 ? -11.239 -11.311 -13.599 1.00 18.38 ? 150  GLN A O   1 
ATOM   1191 C  CB  . GLN A 1 150 ? -12.912 -11.929 -11.047 1.00 21.61 ? 150  GLN A CB  1 
ATOM   1192 C  CG  . GLN A 1 150 ? -12.328 -10.986 -10.006 1.00 21.22 ? 150  GLN A CG  1 
ATOM   1193 C  CD  . GLN A 1 150 ? -13.387 -10.134 -9.320  1.00 21.85 ? 150  GLN A CD  1 
ATOM   1194 O  OE1 . GLN A 1 150 ? -13.977 -9.240  -9.929  1.00 23.37 ? 150  GLN A OE1 1 
ATOM   1195 N  NE2 . GLN A 1 150 ? -13.636 -10.413 -8.047  1.00 21.30 ? 150  GLN A NE2 1 
ATOM   1196 N  N   . PHE A 1 151 ? -9.734  -11.615 -11.952 1.00 15.76 ? 151  PHE A N   1 
ATOM   1197 C  CA  . PHE A 1 151 ? -8.741  -10.717 -12.542 1.00 15.69 ? 151  PHE A CA  1 
ATOM   1198 C  C   . PHE A 1 151 ? -7.718  -11.442 -13.404 1.00 17.27 ? 151  PHE A C   1 
ATOM   1199 O  O   . PHE A 1 151 ? -6.888  -10.812 -14.057 1.00 16.71 ? 151  PHE A O   1 
ATOM   1200 C  CB  . PHE A 1 151 ? -8.011  -9.948  -11.432 1.00 16.41 ? 151  PHE A CB  1 
ATOM   1201 C  CG  . PHE A 1 151 ? -8.932  -9.261  -10.466 1.00 13.68 ? 151  PHE A CG  1 
ATOM   1202 C  CD1 . PHE A 1 151 ? -9.764  -8.230  -10.887 1.00 12.94 ? 151  PHE A CD1 1 
ATOM   1203 C  CD2 . PHE A 1 151 ? -8.981  -9.661  -9.133  1.00 12.22 ? 151  PHE A CD2 1 
ATOM   1204 C  CE1 . PHE A 1 151 ? -10.640 -7.607  -9.994  1.00 11.70 ? 151  PHE A CE1 1 
ATOM   1205 C  CE2 . PHE A 1 151 ? -9.853  -9.044  -8.234  1.00 11.02 ? 151  PHE A CE2 1 
ATOM   1206 C  CZ  . PHE A 1 151 ? -10.684 -8.017  -8.668  1.00 10.58 ? 151  PHE A CZ  1 
ATOM   1207 N  N   . SER A 1 152 ? -7.778  -12.770 -13.422 1.00 45.94 ? 152  SER A N   1 
ATOM   1208 C  CA  . SER A 1 152 ? -6.843  -13.577 -14.191 1.00 48.98 ? 152  SER A CA  1 
ATOM   1209 C  C   . SER A 1 152 ? -7.005  -13.436 -15.701 1.00 49.95 ? 152  SER A C   1 
ATOM   1210 O  O   . SER A 1 152 ? -7.001  -14.484 -16.375 1.00 37.31 ? 152  SER A O   1 
ATOM   1211 C  CB  . SER A 1 152 ? -6.979  -15.042 -13.801 1.00 49.00 ? 152  SER A CB  1 
ATOM   1212 O  OG  . SER A 1 152 ? -6.576  -15.261 -12.463 1.00 53.45 ? 152  SER A OG  1 
ATOM   1213 O  OXT . SER A 1 152 ? -7.120  -12.302 -16.204 1.00 37.07 ? 152  SER A OXT 1 
HETATM 1214 C  CHA . HEM B 2 .   ? 4.001   -9.315  4.343   1.00 15.77 ? 1001 HEM A CHA 1 
HETATM 1215 C  CHB . HEM B 2 .   ? 2.525   -6.047  1.009   1.00 9.31  ? 1001 HEM A CHB 1 
HETATM 1216 C  CHC . HEM B 2 .   ? -0.588  -4.276  4.352   1.00 9.13  ? 1001 HEM A CHC 1 
HETATM 1217 C  CHD . HEM B 2 .   ? 0.839   -7.570  7.641   1.00 12.95 ? 1001 HEM A CHD 1 
HETATM 1218 C  C1A . HEM B 2 .   ? 3.870   -8.577  3.166   1.00 14.63 ? 1001 HEM A C1A 1 
HETATM 1219 C  C2A . HEM B 2 .   ? 4.683   -8.791  1.980   1.00 14.56 ? 1001 HEM A C2A 1 
HETATM 1220 C  C3A . HEM B 2 .   ? 4.265   -7.876  1.031   1.00 12.31 ? 1001 HEM A C3A 1 
HETATM 1221 C  C4A . HEM B 2 .   ? 3.204   -7.094  1.633   1.00 10.71 ? 1001 HEM A C4A 1 
HETATM 1222 C  CMA . HEM B 2 .   ? 4.809   -7.701  -0.372  1.00 12.05 ? 1001 HEM A CMA 1 
HETATM 1223 C  CAA . HEM B 2 .   ? 5.792   -9.838  1.858   1.00 17.11 ? 1001 HEM A CAA 1 
HETATM 1224 C  CBA . HEM B 2 .   ? 5.399   -11.208 1.310   1.00 19.12 ? 1001 HEM A CBA 1 
HETATM 1225 C  CGA . HEM B 2 .   ? 4.514   -11.950 2.301   1.00 21.42 ? 1001 HEM A CGA 1 
HETATM 1226 O  O1A . HEM B 2 .   ? 3.285   -11.740 2.220   1.00 21.89 ? 1001 HEM A O1A 1 
HETATM 1227 O  O2A . HEM B 2 .   ? 5.082   -12.675 3.138   1.00 21.74 ? 1001 HEM A O2A 1 
HETATM 1228 C  C1B . HEM B 2 .   ? 1.531   -5.296  1.643   1.00 8.42  ? 1001 HEM A C1B 1 
HETATM 1229 C  C2B . HEM B 2 .   ? 0.825   -4.186  1.033   1.00 8.31  ? 1001 HEM A C2B 1 
HETATM 1230 C  C3B . HEM B 2 .   ? -0.054  -3.687  1.976   1.00 8.41  ? 1001 HEM A C3B 1 
HETATM 1231 C  C4B . HEM B 2 .   ? 0.113   -4.496  3.173   1.00 7.83  ? 1001 HEM A C4B 1 
HETATM 1232 C  CMB . HEM B 2 .   ? 1.037   -3.674  -0.380  1.00 7.51  ? 1001 HEM A CMB 1 
HETATM 1233 C  CAB . HEM B 2 .   ? -1.017  -2.512  1.834   1.00 9.23  ? 1001 HEM A CAB 1 
HETATM 1234 C  CBB . HEM B 2 .   ? -2.493  -2.868  1.851   1.00 10.74 ? 1001 HEM A CBB 1 
HETATM 1235 C  C1C . HEM B 2 .   ? -0.449  -5.011  5.499   1.00 10.76 ? 1001 HEM A C1C 1 
HETATM 1236 C  C2C . HEM B 2 .   ? -1.192  -4.707  6.704   1.00 12.21 ? 1001 HEM A C2C 1 
HETATM 1237 C  C3C . HEM B 2 .   ? -0.793  -5.645  7.632   1.00 12.43 ? 1001 HEM A C3C 1 
HETATM 1238 C  C4C . HEM B 2 .   ? 0.193   -6.513  7.014   1.00 11.57 ? 1001 HEM A C4C 1 
HETATM 1239 C  CMC . HEM B 2 .   ? -2.187  -3.567  6.844   1.00 13.47 ? 1001 HEM A CMC 1 
HETATM 1240 C  CAC . HEM B 2 .   ? -1.293  -5.743  9.078   1.00 13.78 ? 1001 HEM A CAC 1 
HETATM 1241 C  CBC . HEM B 2 .   ? -1.097  -4.741  9.973   0.00 13.40 ? 1001 HEM A CBC 1 
HETATM 1242 C  C1D . HEM B 2 .   ? 1.814   -8.337  7.006   1.00 16.10 ? 1001 HEM A C1D 1 
HETATM 1243 C  C2D . HEM B 2 .   ? 2.534   -9.426  7.637   1.00 17.87 ? 1001 HEM A C2D 1 
HETATM 1244 C  C3D . HEM B 2 .   ? 3.440   -9.918  6.704   1.00 18.81 ? 1001 HEM A C3D 1 
HETATM 1245 C  C4D . HEM B 2 .   ? 3.260   -9.129  5.498   1.00 17.25 ? 1001 HEM A C4D 1 
HETATM 1246 C  CMD . HEM B 2 .   ? 2.343   -9.923  9.053   1.00 18.25 ? 1001 HEM A CMD 1 
HETATM 1247 C  CAD . HEM B 2 .   ? 4.450   -11.063 6.883   1.00 21.91 ? 1001 HEM A CAD 1 
HETATM 1248 C  CBD . HEM B 2 .   ? 5.483   -10.869 8.012   1.00 23.84 ? 1001 HEM A CBD 1 
HETATM 1249 C  CGD . HEM B 2 .   ? 6.952   -10.860 7.576   1.00 26.70 ? 1001 HEM A CGD 1 
HETATM 1250 O  O1D . HEM B 2 .   ? 7.216   -10.965 6.357   1.00 28.61 ? 1001 HEM A O1D 1 
HETATM 1251 O  O2D . HEM B 2 .   ? 7.800   -10.725 8.482   1.00 27.99 ? 1001 HEM A O2D 1 
HETATM 1252 N  NA  . HEM B 2 .   ? 3.017   -7.563  2.904   1.00 11.20 ? 1001 HEM A NA  1 
HETATM 1253 N  NB  . HEM B 2 .   ? 1.051   -5.439  2.919   1.00 8.28  ? 1001 HEM A NB  1 
HETATM 1254 N  NC  . HEM B 2 .   ? 0.361   -6.073  5.722   1.00 10.03 ? 1001 HEM A NC  1 
HETATM 1255 N  ND  . HEM B 2 .   ? 2.285   -8.217  5.720   1.00 15.25 ? 1001 HEM A ND  1 
HETATM 1256 FE FE  . HEM B 2 .   ? 1.638   -6.828  4.263   1.00 11.31 ? 1001 HEM A FE  1 
HETATM 1257 O  O   . HOH C 3 .   ? 3.249   -5.864  4.899   1.00 12.41 ? 1002 HOH A O   1 
HETATM 1258 O  O   . HOH C 3 .   ? -6.893  4.996   -19.932 1.00 10.52 ? 1003 HOH A O   1 
HETATM 1259 O  O   . HOH C 3 .   ? -5.416  -0.005  12.759  1.00 13.10 ? 1004 HOH A O   1 
HETATM 1260 O  O   . HOH C 3 .   ? -8.121  13.869  -10.933 1.00 8.36  ? 1005 HOH A O   1 
HETATM 1261 O  O   . HOH C 3 .   ? -0.456  17.529  -5.358  1.00 13.55 ? 1006 HOH A O   1 
HETATM 1262 O  O   . HOH C 3 .   ? -12.639 12.740  -9.215  1.00 10.90 ? 1007 HOH A O   1 
HETATM 1263 O  O   . HOH C 3 .   ? 3.839   0.285   18.020  1.00 9.32  ? 1008 HOH A O   1 
HETATM 1264 O  O   . HOH C 3 .   ? -3.535  6.782   0.086   1.00 7.90  ? 1009 HOH A O   1 
HETATM 1265 O  O   . HOH C 3 .   ? 3.183   -8.615  -6.748  1.00 10.71 ? 1010 HOH A O   1 
HETATM 1266 O  O   . HOH C 3 .   ? -3.971  0.592   17.518  1.00 13.88 ? 1011 HOH A O   1 
HETATM 1267 O  O   . HOH C 3 .   ? -4.447  -9.795  -13.817 1.00 13.94 ? 1012 HOH A O   1 
HETATM 1268 O  O   . HOH C 3 .   ? -14.539 -7.379  1.133   1.00 13.52 ? 1013 HOH A O   1 
HETATM 1269 O  O   . HOH C 3 .   ? 1.204   2.183   -16.542 1.00 15.68 ? 1014 HOH A O   1 
HETATM 1270 O  O   . HOH C 3 .   ? 6.025   7.996   -9.995  1.00 13.89 ? 1015 HOH A O   1 
HETATM 1271 O  O   . HOH C 3 .   ? 14.283  12.406  -2.662  1.00 12.99 ? 1016 HOH A O   1 
HETATM 1272 O  O   . HOH C 3 .   ? -6.127  20.651  -7.343  1.00 14.92 ? 1017 HOH A O   1 
HETATM 1273 O  O   . HOH C 3 .   ? -7.603  -15.553 -2.796  1.00 15.57 ? 1018 HOH A O   1 
HETATM 1274 O  O   . HOH C 3 .   ? 2.002   -7.331  -13.310 1.00 13.21 ? 1019 HOH A O   1 
HETATM 1275 O  O   . HOH C 3 .   ? -6.033  -6.030  12.164  1.00 10.30 ? 1020 HOH A O   1 
HETATM 1276 O  O   . HOH C 3 .   ? -7.163  11.401  -20.643 1.00 18.77 ? 1021 HOH A O   1 
HETATM 1277 O  O   . HOH C 3 .   ? -6.287  7.526   0.277   1.00 11.10 ? 1022 HOH A O   1 
HETATM 1278 O  O   . HOH C 3 .   ? 14.169  5.409   -4.182  1.00 15.20 ? 1023 HOH A O   1 
HETATM 1279 O  O   . HOH C 3 .   ? 12.301  11.774  -4.340  1.00 14.99 ? 1024 HOH A O   1 
HETATM 1280 O  O   . HOH C 3 .   ? 7.030   -9.973  10.736  1.00 18.01 ? 1025 HOH A O   1 
HETATM 1281 O  O   . HOH C 3 .   ? -10.051 15.275  -4.522  1.00 13.40 ? 1026 HOH A O   1 
HETATM 1282 O  O   . HOH C 3 .   ? 14.911  3.723   -2.105  1.00 17.90 ? 1027 HOH A O   1 
HETATM 1283 O  O   . HOH C 3 .   ? -4.936  0.235   -13.385 1.00 14.35 ? 1028 HOH A O   1 
HETATM 1284 O  O   . HOH C 3 .   ? -12.580 6.861   -6.500  1.00 15.18 ? 1029 HOH A O   1 
HETATM 1285 O  O   . HOH C 3 .   ? 3.651   -8.603  -11.445 1.00 13.94 ? 1030 HOH A O   1 
HETATM 1286 O  O   . HOH C 3 .   ? 16.823  2.054   4.994   1.00 18.25 ? 1031 HOH A O   1 
HETATM 1287 O  O   . HOH C 3 .   ? -11.387 9.424   -6.829  1.00 13.08 ? 1032 HOH A O   1 
HETATM 1288 O  O   . HOH C 3 .   ? 13.567  3.079   10.089  1.00 17.26 ? 1033 HOH A O   1 
HETATM 1289 O  O   . HOH C 3 .   ? 6.758   -13.502 17.213  1.00 15.48 ? 1034 HOH A O   1 
HETATM 1290 O  O   . HOH C 3 .   ? 2.345   8.536   13.966  1.00 15.62 ? 1035 HOH A O   1 
HETATM 1291 O  O   . HOH C 3 .   ? -10.352 6.233   -18.510 1.00 19.24 ? 1036 HOH A O   1 
HETATM 1292 O  O   . HOH C 3 .   ? -4.755  6.605   8.790   1.00 11.41 ? 1037 HOH A O   1 
HETATM 1293 O  O   . HOH C 3 .   ? 5.273   -6.913  -7.438  1.00 12.36 ? 1038 HOH A O   1 
HETATM 1294 O  O   . HOH C 3 .   ? -3.083  9.001   9.257   1.00 14.18 ? 1039 HOH A O   1 
HETATM 1295 O  O   . HOH C 3 .   ? 8.995   2.753   21.334  1.00 14.74 ? 1040 HOH A O   1 
HETATM 1296 O  O   . HOH C 3 .   ? 1.225   15.746  -6.521  1.00 15.82 ? 1041 HOH A O   1 
HETATM 1297 O  O   . HOH C 3 .   ? 1.495   10.198  7.336   1.00 20.20 ? 1042 HOH A O   1 
HETATM 1298 O  O   . HOH C 3 .   ? -10.489 12.584  -3.480  1.00 14.40 ? 1043 HOH A O   1 
HETATM 1299 O  O   . HOH C 3 .   ? -4.475  -4.074  14.740  1.00 19.20 ? 1044 HOH A O   1 
HETATM 1300 O  O   . HOH C 3 .   ? 10.105  3.531   23.568  1.00 12.91 ? 1045 HOH A O   1 
HETATM 1301 O  O   . HOH C 3 .   ? -11.761 -9.302  3.017   1.00 20.35 ? 1046 HOH A O   1 
HETATM 1302 O  O   . HOH C 3 .   ? -13.046 13.122  -6.552  1.00 11.24 ? 1047 HOH A O   1 
HETATM 1303 O  O   . HOH C 3 .   ? -6.347  3.513   -17.923 1.00 17.66 ? 1048 HOH A O   1 
HETATM 1304 O  O   . HOH C 3 .   ? 3.322   14.722  -5.053  1.00 13.75 ? 1049 HOH A O   1 
HETATM 1305 O  O   . HOH C 3 .   ? -1.304  -12.374 13.823  1.00 25.34 ? 1050 HOH A O   1 
HETATM 1306 O  O   . HOH C 3 .   ? 4.026   9.239   7.410   1.00 19.52 ? 1051 HOH A O   1 
HETATM 1307 O  O   . HOH C 3 .   ? -9.740  1.791   1.410   1.00 16.68 ? 1052 HOH A O   1 
HETATM 1308 O  O   . HOH C 3 .   ? 6.269   2.769   21.213  1.00 16.25 ? 1053 HOH A O   1 
HETATM 1309 O  O   . HOH C 3 .   ? 4.182   -10.125 -4.703  1.00 21.26 ? 1054 HOH A O   1 
HETATM 1310 O  O   . HOH C 3 .   ? -5.991  -13.305 -10.570 1.00 19.59 ? 1055 HOH A O   1 
HETATM 1311 O  O   . HOH C 3 .   ? 4.117   -11.967 10.790  1.00 19.53 ? 1056 HOH A O   1 
HETATM 1312 O  O   . HOH C 3 .   ? -2.748  13.675  0.261   1.00 16.63 ? 1057 HOH A O   1 
HETATM 1313 O  O   . HOH C 3 .   ? -0.493  -11.465 11.390  1.00 18.30 ? 1058 HOH A O   1 
HETATM 1314 O  O   . HOH C 3 .   ? -2.641  14.888  -16.380 1.00 15.54 ? 1059 HOH A O   1 
HETATM 1315 O  O   . HOH C 3 .   ? 3.423   -9.872  -9.178  1.00 13.88 ? 1060 HOH A O   1 
HETATM 1316 O  O   . HOH C 3 .   ? -5.899  -10.305 5.958   1.00 15.01 ? 1061 HOH A O   1 
HETATM 1317 O  O   . HOH C 3 .   ? 12.708  -1.980  26.913  1.00 18.44 ? 1062 HOH A O   1 
HETATM 1318 O  O   . HOH C 3 .   ? -9.438  -8.430  -14.925 1.00 21.28 ? 1063 HOH A O   1 
HETATM 1319 O  O   . HOH C 3 .   ? 4.833   9.424   14.336  1.00 19.81 ? 1064 HOH A O   1 
HETATM 1320 O  O   . HOH C 3 .   ? -5.995  18.746  -1.113  1.00 26.69 ? 1065 HOH A O   1 
HETATM 1321 O  O   . HOH C 3 .   ? -8.635  15.163  -13.221 1.00 20.89 ? 1066 HOH A O   1 
HETATM 1322 O  O   . HOH C 3 .   ? -4.938  -14.753 -3.203  1.00 20.70 ? 1067 HOH A O   1 
HETATM 1323 O  O   . HOH C 3 .   ? -12.734 1.280   -7.514  1.00 18.64 ? 1068 HOH A O   1 
HETATM 1324 O  O   . HOH C 3 .   ? -3.917  -11.580 -11.739 1.00 16.81 ? 1069 HOH A O   1 
HETATM 1325 O  O   . HOH C 3 .   ? -2.984  -15.169 -5.310  1.00 30.83 ? 1070 HOH A O   1 
HETATM 1326 O  O   . HOH C 3 .   ? -6.007  2.562   -15.734 1.00 19.11 ? 1071 HOH A O   1 
HETATM 1327 O  O   . HOH C 3 .   ? 5.637   -7.107  -10.133 1.00 22.81 ? 1072 HOH A O   1 
HETATM 1328 O  O   . HOH C 3 .   ? 11.504  4.640   10.675  1.00 19.07 ? 1073 HOH A O   1 
HETATM 1329 O  O   . HOH C 3 .   ? 0.817   16.317  -12.630 1.00 19.45 ? 1074 HOH A O   1 
HETATM 1330 O  O   . HOH C 3 .   ? 10.360  9.845   -9.133  1.00 17.16 ? 1075 HOH A O   1 
HETATM 1331 O  O   . HOH C 3 .   ? -12.559 0.200   -3.278  1.00 20.66 ? 1076 HOH A O   1 
HETATM 1332 O  O   . HOH C 3 .   ? -2.379  12.098  12.209  1.00 22.15 ? 1077 HOH A O   1 
HETATM 1333 O  O   . HOH C 3 .   ? 15.746  9.211   2.983   1.00 29.55 ? 1078 HOH A O   1 
HETATM 1334 O  O   . HOH C 3 .   ? -12.255 7.961   -17.343 1.00 22.29 ? 1079 HOH A O   1 
HETATM 1335 O  O   . HOH C 3 .   ? 19.477  -5.312  12.096  1.00 30.89 ? 1080 HOH A O   1 
HETATM 1336 O  O   . HOH C 3 .   ? 8.467   8.830   -10.895 1.00 14.79 ? 1081 HOH A O   1 
HETATM 1337 O  O   . HOH C 3 .   ? 1.607   10.186  12.146  1.00 25.60 ? 1082 HOH A O   1 
HETATM 1338 O  O   . HOH C 3 .   ? 7.694   -6.539  -2.384  1.00 22.29 ? 1083 HOH A O   1 
HETATM 1339 O  O   . HOH C 3 .   ? -0.666  16.504  -15.144 1.00 24.06 ? 1084 HOH A O   1 
HETATM 1340 O  O   . HOH C 3 .   ? -10.248 3.758   3.307   1.00 21.51 ? 1085 HOH A O   1 
HETATM 1341 O  O   . HOH C 3 .   ? -13.355 5.356   -8.645  1.00 17.44 ? 1086 HOH A O   1 
HETATM 1342 O  O   . HOH C 3 .   ? 4.153   -10.996 -2.237  1.00 17.04 ? 1087 HOH A O   1 
HETATM 1343 O  O   . HOH C 3 .   ? -9.235  -16.218 -4.980  1.00 16.26 ? 1088 HOH A O   1 
HETATM 1344 O  O   . HOH C 3 .   ? 11.590  1.864   -7.459  1.00 29.65 ? 1089 HOH A O   1 
HETATM 1345 O  O   . HOH C 3 .   ? 9.335   -11.141 17.573  1.00 17.67 ? 1090 HOH A O   1 
HETATM 1346 O  O   . HOH C 3 .   ? -9.182  18.943  -1.117  1.00 23.15 ? 1091 HOH A O   1 
HETATM 1347 O  O   . HOH C 3 .   ? 3.765   14.834  -2.388  1.00 22.72 ? 1092 HOH A O   1 
HETATM 1348 O  O   . HOH C 3 .   ? 5.803   -4.792  -11.630 1.00 22.61 ? 1093 HOH A O   1 
HETATM 1349 O  O   . HOH C 3 .   ? -3.010  20.661  -9.726  1.00 29.58 ? 1094 HOH A O   1 
HETATM 1350 O  O   . HOH C 3 .   ? -10.254 12.157  -10.730 1.00 22.61 ? 1095 HOH A O   1 
HETATM 1351 O  O   . HOH C 3 .   ? -10.637 13.481  -14.053 1.00 18.79 ? 1096 HOH A O   1 
HETATM 1352 O  O   . HOH C 3 .   ? -15.233 -4.320  -11.477 1.00 18.96 ? 1097 HOH A O   1 
HETATM 1353 O  O   . HOH C 3 .   ? 9.504   -1.045  -7.640  1.00 21.67 ? 1098 HOH A O   1 
HETATM 1354 O  O   . HOH C 3 .   ? -12.787 10.104  -13.540 1.00 30.36 ? 1099 HOH A O   1 
HETATM 1355 O  O   . HOH C 3 .   ? -14.488 -2.039  3.784   1.00 37.30 ? 1100 HOH A O   1 
HETATM 1356 O  O   . HOH C 3 .   ? -2.586  -10.889 -15.740 1.00 15.87 ? 1101 HOH A O   1 
HETATM 1357 O  O   . HOH C 3 .   ? -9.333  -3.054  13.400  1.00 23.25 ? 1102 HOH A O   1 
HETATM 1358 O  O   . HOH C 3 .   ? 2.479   -10.281 -0.313  1.00 19.30 ? 1103 HOH A O   1 
HETATM 1359 O  O   . HOH C 3 .   ? 11.491  -12.616 14.598  1.00 18.21 ? 1104 HOH A O   1 
HETATM 1360 O  O   . HOH C 3 .   ? 4.506   -15.881 11.004  1.00 30.20 ? 1105 HOH A O   1 
HETATM 1361 O  O   . HOH C 3 .   ? 12.917  3.867   -6.576  1.00 24.68 ? 1106 HOH A O   1 
HETATM 1362 O  O   . HOH C 3 .   ? 8.122   6.940   20.603  1.00 38.06 ? 1107 HOH A O   1 
HETATM 1363 O  O   . HOH C 3 .   ? -3.180  -11.363 15.695  1.00 26.27 ? 1108 HOH A O   1 
HETATM 1364 O  O   . HOH C 3 .   ? 16.241  -2.716  3.492   1.00 22.82 ? 1109 HOH A O   1 
HETATM 1365 O  O   . HOH C 3 .   ? 0.188   9.829   9.852   1.00 26.56 ? 1110 HOH A O   1 
HETATM 1366 O  O   . HOH C 3 .   ? 0.672   -13.654 10.293  1.00 32.93 ? 1111 HOH A O   1 
HETATM 1367 O  O   . HOH C 3 .   ? 0.527   8.120   19.075  1.00 29.87 ? 1112 HOH A O   1 
HETATM 1368 O  O   . HOH C 3 .   ? 14.233  -3.041  1.920   1.00 23.46 ? 1113 HOH A O   1 
HETATM 1369 O  O   . HOH C 3 .   ? 12.263  1.600   -10.075 1.00 26.57 ? 1114 HOH A O   1 
HETATM 1370 O  O   . HOH C 3 .   ? 2.875   -16.934 12.396  1.00 22.48 ? 1115 HOH A O   1 
HETATM 1371 O  O   . HOH C 3 .   ? 14.901  -4.967  18.667  1.00 39.91 ? 1116 HOH A O   1 
HETATM 1372 O  O   . HOH C 3 .   ? 13.811  0.271   -3.130  1.00 28.19 ? 1117 HOH A O   1 
HETATM 1373 O  O   . HOH C 3 .   ? -4.636  2.250   19.959  1.00 25.03 ? 1118 HOH A O   1 
HETATM 1374 O  O   . HOH C 3 .   ? -14.315 -3.540  -1.917  1.00 35.62 ? 1119 HOH A O   1 
HETATM 1375 O  O   . HOH C 3 .   ? 20.907  2.381   15.633  1.00 43.15 ? 1120 HOH A O   1 
HETATM 1376 O  O   . HOH C 3 .   ? -0.982  -7.129  -18.982 1.00 37.02 ? 1121 HOH A O   1 
HETATM 1377 O  O   . HOH C 3 .   ? 4.002   6.263   21.260  1.00 28.80 ? 1122 HOH A O   1 
HETATM 1378 O  O   . HOH C 3 .   ? -13.004 -0.232  2.733   1.00 35.17 ? 1123 HOH A O   1 
HETATM 1379 O  O   . HOH C 3 .   ? -2.751  -13.927 -12.389 1.00 39.32 ? 1124 HOH A O   1 
HETATM 1380 O  O   . HOH C 3 .   ? 17.440  -0.396  3.874   1.00 21.73 ? 1125 HOH A O   1 
HETATM 1381 O  O   . HOH C 3 .   ? -4.864  16.476  -15.558 1.00 26.88 ? 1126 HOH A O   1 
HETATM 1382 O  O   . HOH C 3 .   ? 5.232   -2.502  -16.309 1.00 39.77 ? 1127 HOH A O   1 
HETATM 1383 O  O   . HOH C 3 .   ? 1.598   9.070   16.651  1.00 25.89 ? 1128 HOH A O   1 
HETATM 1384 O  O   . HOH C 3 .   ? 11.798  -1.469  -4.981  1.00 32.48 ? 1129 HOH A O   1 
HETATM 1385 O  O   . HOH C 3 .   ? -5.763  1.494   -10.950 1.00 10.08 ? 1130 HOH A O   1 
HETATM 1386 O  O   . HOH C 3 .   ? -13.671 -5.690  -3.123  1.00 23.70 ? 1131 HOH A O   1 
HETATM 1387 O  O   . HOH C 3 .   ? -12.004 1.118   7.820   1.00 34.32 ? 1132 HOH A O   1 
HETATM 1388 O  O   . HOH C 3 .   ? 5.647   15.296  -8.869  1.00 26.08 ? 1133 HOH A O   1 
HETATM 1389 O  O   . HOH C 3 .   ? 7.052   -13.292 19.941  1.00 30.11 ? 1134 HOH A O   1 
HETATM 1390 O  O   . HOH C 3 .   ? -14.480 7.245   -10.060 1.00 29.44 ? 1135 HOH A O   1 
HETATM 1391 O  O   . HOH C 3 .   ? 1.655   -8.475  -15.743 1.00 24.23 ? 1136 HOH A O   1 
HETATM 1392 O  O   . HOH C 3 .   ? 4.211   -14.044 -9.682  1.00 31.28 ? 1137 HOH A O   1 
HETATM 1393 O  O   . HOH C 3 .   ? -9.278  16.142  -1.908  1.00 21.93 ? 1138 HOH A O   1 
HETATM 1394 O  O   . HOH C 3 .   ? 10.724  10.370  5.204   1.00 24.10 ? 1139 HOH A O   1 
HETATM 1395 O  O   . HOH C 3 .   ? 15.522  -0.810  27.553  1.00 24.35 ? 1140 HOH A O   1 
HETATM 1396 O  O   . HOH C 3 .   ? 17.149  4.609   -1.169  1.00 33.11 ? 1141 HOH A O   1 
HETATM 1397 O  O   . HOH C 3 .   ? -13.278 14.137  -14.138 1.00 24.24 ? 1142 HOH A O   1 
HETATM 1398 O  O   . HOH C 3 .   ? 10.026  -13.851 18.244  1.00 21.57 ? 1143 HOH A O   1 
HETATM 1399 O  O   . HOH C 3 .   ? 3.542   -17.421 14.956  1.00 20.70 ? 1144 HOH A O   1 
HETATM 1400 O  O   . HOH C 3 .   ? 4.316   -5.625  -13.587 1.00 22.94 ? 1145 HOH A O   1 
HETATM 1401 O  O   . HOH C 3 .   ? -12.773 -1.359  -1.228  1.00 27.76 ? 1146 HOH A O   1 
HETATM 1402 O  O   . HOH C 3 .   ? 16.938  -4.177  5.326   1.00 30.42 ? 1147 HOH A O   1 
HETATM 1403 O  O   . HOH C 3 .   ? -7.500  24.058  -7.048  1.00 28.74 ? 1148 HOH A O   1 
HETATM 1404 O  O   . HOH C 3 .   ? 4.801   11.299  -3.257  1.00 26.52 ? 1149 HOH A O   1 
HETATM 1405 O  O   . HOH C 3 .   ? -10.863 -17.030 -6.931  1.00 27.97 ? 1150 HOH A O   1 
HETATM 1406 O  O   . HOH C 3 .   ? -7.168  -1.670  13.425  1.00 31.71 ? 1151 HOH A O   1 
HETATM 1407 O  O   . HOH C 3 .   ? 8.219   10.103  12.478  1.00 26.78 ? 1152 HOH A O   1 
HETATM 1408 O  O   . HOH C 3 .   ? 6.803   -12.906 10.506  1.00 34.56 ? 1153 HOH A O   1 
HETATM 1409 O  O   . HOH C 3 .   ? -3.279  17.623  1.018   1.00 30.00 ? 1154 HOH A O   1 
HETATM 1410 O  O   . HOH C 3 .   ? 0.649   -11.906 15.743  1.00 32.53 ? 1155 HOH A O   1 
HETATM 1411 O  O   . HOH C 3 .   ? 9.612   -5.302  -8.208  1.00 22.26 ? 1156 HOH A O   1 
HETATM 1412 O  O   . HOH C 3 .   ? 13.317  7.836   6.386   1.00 24.91 ? 1157 HOH A O   1 
HETATM 1413 O  O   . HOH C 3 .   ? 10.303  -9.177  8.373   1.00 23.50 ? 1158 HOH A O   1 
HETATM 1414 O  O   . HOH C 3 .   ? -9.664  -8.574  6.437   1.00 28.77 ? 1159 HOH A O   1 
HETATM 1415 O  O   . HOH C 3 .   ? 10.293  -5.913  -2.363  1.00 25.95 ? 1160 HOH A O   1 
HETATM 1416 O  O   . HOH C 3 .   ? -0.098  -14.502 -10.920 1.00 36.96 ? 1161 HOH A O   1 
HETATM 1417 O  O   . HOH C 3 .   ? -0.812  8.751   -19.379 1.00 27.04 ? 1162 HOH A O   1 
HETATM 1418 O  O   . HOH C 3 .   ? -2.113  14.601  -18.987 1.00 28.60 ? 1163 HOH A O   1 
HETATM 1419 O  O   . HOH C 3 .   ? 12.308  -4.692  1.257   1.00 32.10 ? 1164 HOH A O   1 
HETATM 1420 O  O   . HOH C 3 .   ? 3.066   4.265   -14.651 1.00 31.10 ? 1165 HOH A O   1 
HETATM 1421 O  O   . HOH C 3 .   ? -12.036 0.363   0.502   1.00 29.85 ? 1166 HOH A O   1 
HETATM 1422 O  O   . HOH C 3 .   ? -14.446 3.137   -7.416  1.00 30.96 ? 1167 HOH A O   1 
HETATM 1423 O  O   . HOH C 3 .   ? -13.195 0.772   -16.436 1.00 29.20 ? 1168 HOH A O   1 
HETATM 1424 O  O   . HOH C 3 .   ? -5.886  0.727   15.705  1.00 31.11 ? 1169 HOH A O   1 
HETATM 1425 O  O   . HOH C 3 .   ? 8.439   10.985  1.310   1.00 26.75 ? 1170 HOH A O   1 
HETATM 1426 O  O   . HOH C 3 .   ? -10.275 -5.016  -15.743 1.00 27.18 ? 1171 HOH A O   1 
HETATM 1427 O  O   . HOH C 3 .   ? 5.870   10.684  5.960   1.00 26.81 ? 1172 HOH A O   1 
HETATM 1428 O  O   . HOH C 3 .   ? 6.679   3.519   -10.220 1.00 28.90 ? 1173 HOH A O   1 
HETATM 1429 O  O   . HOH C 3 .   ? -3.469  -11.091 -18.416 1.00 24.63 ? 1174 HOH A O   1 
HETATM 1430 O  O   . HOH C 3 .   ? 15.208  6.014   6.623   1.00 26.99 ? 1175 HOH A O   1 
HETATM 1431 O  O   . HOH C 3 .   ? 4.919   16.358  -6.425  1.00 25.96 ? 1176 HOH A O   1 
HETATM 1432 O  O   . HOH C 3 .   ? 8.097   10.840  -12.627 1.00 32.85 ? 1177 HOH A O   1 
HETATM 1433 O  O   . HOH C 3 .   ? 11.906  13.888  -6.130  1.00 33.14 ? 1178 HOH A O   1 
HETATM 1434 O  O   . HOH C 3 .   ? 13.163  -5.945  13.829  1.00 35.21 ? 1179 HOH A O   1 
HETATM 1435 O  O   . HOH C 3 .   ? 3.267   -14.529 18.314  1.00 29.41 ? 1180 HOH A O   1 
HETATM 1436 O  O   . HOH C 3 .   ? 13.167  -4.082  25.357  1.00 32.78 ? 1181 HOH A O   1 
HETATM 1437 O  O   . HOH C 3 .   ? 18.531  2.670   6.839   1.00 25.87 ? 1182 HOH A O   1 
HETATM 1438 O  O   . HOH C 3 .   ? -4.626  -14.992 -9.101  1.00 28.82 ? 1183 HOH A O   1 
HETATM 1439 O  O   . HOH C 3 .   ? -0.551  -14.594 -13.432 1.00 39.27 ? 1184 HOH A O   1 
HETATM 1440 O  O   . HOH C 3 .   ? 5.133   12.681  -1.001  1.00 23.19 ? 1185 HOH A O   1 
HETATM 1441 O  O   . HOH C 3 .   ? 16.756  4.449   3.372   1.00 33.18 ? 1186 HOH A O   1 
HETATM 1442 O  O   . HOH C 3 .   ? 3.264   10.958  17.633  1.00 35.80 ? 1187 HOH A O   1 
HETATM 1443 O  O   . HOH C 3 .   ? -12.461 10.744  -16.244 1.00 30.85 ? 1188 HOH A O   1 
HETATM 1444 O  O   . HOH C 3 .   ? 3.444   -10.625 -15.912 1.00 33.68 ? 1189 HOH A O   1 
HETATM 1445 O  O   . HOH C 3 .   ? -8.370  -17.682 -1.378  1.00 29.54 ? 1190 HOH A O   1 
HETATM 1446 O  O   . HOH C 3 .   ? -17.724 -7.631  -4.489  1.00 34.09 ? 1191 HOH A O   1 
HETATM 1447 O  O   . HOH C 3 .   ? -18.490 -3.183  -6.454  1.00 37.42 ? 1192 HOH A O   1 
HETATM 1448 O  O   . HOH C 3 .   ? -13.586 -16.154 -12.257 1.00 38.88 ? 1193 HOH A O   1 
HETATM 1449 O  O   . HOH C 3 .   ? -5.522  21.436  -9.977  1.00 38.78 ? 1194 HOH A O   1 
HETATM 1450 O  O   . HOH C 3 .   ? 17.777  3.191   11.270  1.00 38.89 ? 1195 HOH A O   1 
HETATM 1451 O  O   . HOH C 3 .   ? -17.351 -9.904  -7.398  1.00 34.27 ? 1196 HOH A O   1 
HETATM 1452 O  O   . HOH C 3 .   ? -18.088 0.953   -12.279 1.00 39.23 ? 1197 HOH A O   1 
HETATM 1453 O  O   . HOH C 3 .   ? 8.255   10.325  4.322   1.00 33.45 ? 1198 HOH A O   1 
HETATM 1454 O  O   . HOH C 3 .   ? -8.855  16.726  -17.291 1.00 32.83 ? 1199 HOH A O   1 
HETATM 1455 O  O   . HOH C 3 .   ? 4.295   -15.930 20.083  1.00 38.07 ? 1200 HOH A O   1 
HETATM 1456 O  O   . HOH C 3 .   ? -10.011 12.247  -16.666 1.00 29.05 ? 1201 HOH A O   1 
HETATM 1457 O  O   . HOH C 3 .   ? -4.885  3.995   17.568  1.00 29.32 ? 1202 HOH A O   1 
HETATM 1458 O  O   . HOH C 3 .   ? -17.273 -12.238 0.407   1.00 30.21 ? 1203 HOH A O   1 
HETATM 1459 O  O   . HOH C 3 .   ? -12.809 4.006   -16.345 1.00 30.29 ? 1204 HOH A O   1 
HETATM 1460 O  O   . HOH C 3 .   ? -9.112  -13.455 4.004   1.00 24.86 ? 1205 HOH A O   1 
HETATM 1461 O  O   . HOH C 3 .   ? 16.940  6.169   1.101   1.00 33.03 ? 1206 HOH A O   1 
HETATM 1462 O  O   . HOH C 3 .   ? -1.979  -14.718 -7.633  1.00 32.27 ? 1207 HOH A O   1 
HETATM 1463 O  O   . HOH C 3 .   ? -16.968 1.742   -7.823  1.00 30.53 ? 1208 HOH A O   1 
HETATM 1464 O  O   . HOH C 3 .   ? 6.165   5.728   -11.687 1.00 26.11 ? 1209 HOH A O   1 
HETATM 1465 O  O   . HOH C 3 .   ? -7.781  6.916   12.407  1.00 27.46 ? 1210 HOH A O   1 
HETATM 1466 O  O   . HOH C 3 .   ? -1.286  20.254  -0.987  1.00 36.48 ? 1211 HOH A O   1 
HETATM 1467 O  O   . HOH C 3 .   ? -4.154  20.067  1.019   1.00 29.64 ? 1212 HOH A O   1 
HETATM 1468 O  O   . HOH C 3 .   ? 17.171  -3.795  18.175  1.00 33.02 ? 1213 HOH A O   1 
HETATM 1469 O  O   . HOH C 3 .   ? 7.161   -8.347  -4.145  1.00 36.38 ? 1214 HOH A O   1 
HETATM 1470 O  O   . HOH C 3 .   ? -14.177 13.153  -16.799 1.00 33.23 ? 1215 HOH A O   1 
HETATM 1471 O  O   . HOH C 3 .   ? 5.032   -10.096 -13.367 1.00 35.78 ? 1216 HOH A O   1 
HETATM 1472 O  O   . HOH C 3 .   ? -6.798  25.788  -4.953  1.00 33.03 ? 1217 HOH A O   1 
HETATM 1473 O  O   . HOH C 3 .   ? -15.650 -16.619 -1.004  1.00 34.08 ? 1218 HOH A O   1 
HETATM 1474 O  O   . HOH C 3 .   ? 1.025   18.639  -3.682  1.00 37.16 ? 1219 HOH A O   1 
HETATM 1475 O  O   . HOH C 3 .   ? -6.492  -0.710  20.279  1.00 34.24 ? 1220 HOH A O   1 
HETATM 1476 O  O   . HOH C 3 .   ? 7.243   11.947  10.112  1.00 29.88 ? 1221 HOH A O   1 
HETATM 1477 O  O   . HOH C 3 .   ? -14.317 1.898   4.421   1.00 33.08 ? 1222 HOH A O   1 
HETATM 1478 O  O   . HOH C 3 .   ? 19.496  -1.675  9.577   1.00 34.85 ? 1223 HOH A O   1 
HETATM 1479 O  O   . HOH C 3 .   ? 8.855   -12.985 6.743   1.00 34.34 ? 1224 HOH A O   1 
HETATM 1480 O  O   . HOH C 3 .   ? 11.977  -10.979 17.362  1.00 35.11 ? 1225 HOH A O   1 
HETATM 1481 O  O   . HOH C 3 .   ? 6.787   -10.381 -2.236  1.00 32.87 ? 1226 HOH A O   1 
HETATM 1482 O  O   . HOH C 3 .   ? -6.779  15.797  -1.095  1.00 32.57 ? 1227 HOH A O   1 
# 
